data_5T0A
#
_entry.id   5T0A
#
_cell.length_a   75.775
_cell.length_b   128.291
_cell.length_c   178.929
_cell.angle_alpha   90.00
_cell.angle_beta   90.00
_cell.angle_gamma   90.00
#
_symmetry.space_group_name_H-M   'P 21 21 21'
#
loop_
_entity.id
_entity.type
_entity.pdbx_description
1 polymer 'maltose binding protein - heparan sulfate 6-O-sulfotransferase isoform 3 fusion protein'
2 branched '2-deoxy-2-(sulfoamino)-alpha-D-glucopyranose-(1-4)-beta-D-glucopyranuronic acid-(1-4)-2-deoxy-2-(sulfoamino)-alpha-D-glucopyranose-(1-4)-2-O-sulfo-alpha-L-idopyranuronic acid-(1-4)-2-deoxy-2-(sulfoamino)-alpha-D-glucopyranose-(1-4)-beta-D-glucopyranuronic acid'
3 branched alpha-D-glucopyranose-(1-4)-alpha-D-glucopyranose-(1-4)-alpha-D-glucopyranose-(1-4)-alpha-D-glucopyranose
4 branched 'beta-D-glucopyranuronic acid-(1-4)-2-deoxy-2-(sulfoamino)-alpha-D-glucopyranose-(1-4)-beta-D-glucopyranuronic acid-(1-4)-2-deoxy-2-(sulfoamino)-alpha-D-glucopyranose-(1-4)-2-O-sulfo-alpha-L-idopyranuronic acid-(1-4)-2-deoxy-2-(sulfoamino)-alpha-D-glucopyranose-(1-4)-beta-D-glucopyranuronic acid'
5 non-polymer P-NITROPHENOL
6 non-polymer "ADENOSINE-3'-5'-DIPHOSPHATE"
7 non-polymer 1,2-ETHANEDIOL
8 non-polymer 'L(+)-TARTARIC ACID'
9 non-polymer 'SODIUM ION'
10 non-polymer 'CHLORIDE ION'
11 water water
#
_entity_poly.entity_id   1
_entity_poly.type   'polypeptide(L)'
_entity_poly.pdbx_seq_one_letter_code
;MKIEEGKLVIWINGDKGYNGLAEVGKKFEKDTGIKVTVEHPDKLEEKFPQVAATGDGPDIIFWAHDRFGGYAQSGLLAEI
TPAAAFQDKLYPFTWDAVRYNGKLIAYPIAVEALSLIYNKDLLPNPPKTWEEIPALDKELKAKGKSALMFNLQEPYFTWP
LIAADGGYAFKYAAGKYDIKDVGVDNAGAKAGLTFLVDLIKNKHMNADTDYSIAEAAFNKGETAMTINGPWAWSNIDTSA
VNYGVTVLPTFKGQPSKPFVGVLSAGINAASPNKELAKEFLENYLLTDEGLEAVNKDKPLGAVALKSYEEELAKDPRIAA
TMENAQKGEIMPNIPQMSAFWYAVRTAVINAASGRQTVDAALAAAQTNAAAKFNFTERDLTRDVDFNIKGDDVIVFLHIQ
KTGGTTFGRHLVRNIRLEQPCDCKAGQKKCTCHRPGKQESWLFSRFSTGWSCGLHADWTELTNCVPVIMDKRQPPKRKRN
FYYITMLRDPVSRYLSEWKHVQRGATWKTSLHMCDGRSPTQDELPTCYNGDDWSGVTLHDFMDCPSNLANNRQVRMLADL
SLVGCYNLSTMNESERNPILLASAKSNLKNMAFYGLTEFQRKTQYLFERTFHLRFISAFTQINSTRAANVELRDDMRSRI
EQLNMLDMQLYEFAKDLFLQRYQFVRQRERQEERLKRREERRWIRERRVNQS
;
_entity_poly.pdbx_strand_id   A,B
#
# COMPACT_ATOMS: atom_id res chain seq x y z
N ILE A 3 -30.34 -21.60 16.86
CA ILE A 3 -29.23 -22.26 17.53
C ILE A 3 -29.54 -22.45 19.02
N GLU A 4 -29.52 -23.70 19.48
CA GLU A 4 -29.84 -24.02 20.87
C GLU A 4 -28.63 -23.89 21.80
N GLU A 5 -28.88 -23.37 23.00
CA GLU A 5 -27.84 -23.24 24.02
C GLU A 5 -27.60 -24.60 24.70
N GLY A 6 -26.34 -24.92 24.98
CA GLY A 6 -26.00 -26.18 25.63
C GLY A 6 -25.83 -27.35 24.69
N LYS A 7 -25.82 -27.07 23.38
CA LYS A 7 -25.57 -28.07 22.35
C LYS A 7 -24.60 -27.45 21.34
N LEU A 8 -23.88 -28.27 20.59
CA LEU A 8 -23.07 -27.79 19.47
C LEU A 8 -23.53 -28.41 18.15
N VAL A 9 -23.73 -27.56 17.15
CA VAL A 9 -23.99 -28.00 15.78
C VAL A 9 -22.78 -27.60 14.94
N ILE A 10 -22.27 -28.56 14.17
CA ILE A 10 -21.06 -28.36 13.39
C ILE A 10 -21.37 -28.67 11.94
N TRP A 11 -20.92 -27.78 11.06
CA TRP A 11 -20.99 -28.00 9.61
C TRP A 11 -19.62 -28.25 9.03
N ILE A 12 -19.53 -29.30 8.21
CA ILE A 12 -18.30 -29.62 7.53
C ILE A 12 -18.65 -30.23 6.17
N ASN A 13 -17.78 -30.04 5.20
CA ASN A 13 -18.08 -30.49 3.84
C ASN A 13 -18.13 -32.01 3.73
N GLY A 14 -18.91 -32.51 2.76
CA GLY A 14 -19.13 -33.94 2.63
C GLY A 14 -17.95 -34.77 2.13
N ASP A 15 -16.89 -34.13 1.65
CA ASP A 15 -15.68 -34.86 1.27
C ASP A 15 -14.68 -35.01 2.44
N LYS A 16 -15.04 -34.52 3.61
CA LYS A 16 -14.18 -34.57 4.77
C LYS A 16 -14.58 -35.68 5.74
N GLY A 17 -13.77 -35.90 6.77
CA GLY A 17 -13.98 -37.00 7.70
C GLY A 17 -15.02 -36.73 8.75
N TYR A 18 -16.27 -36.60 8.33
CA TYR A 18 -17.32 -36.20 9.25
C TYR A 18 -17.71 -37.29 10.27
N ASN A 19 -17.56 -38.56 9.91
CA ASN A 19 -17.80 -39.63 10.87
C ASN A 19 -16.72 -39.62 11.96
N GLY A 20 -15.47 -39.42 11.57
CA GLY A 20 -14.41 -39.19 12.52
C GLY A 20 -14.64 -37.99 13.43
N LEU A 21 -15.09 -36.87 12.88
CA LEU A 21 -15.38 -35.71 13.70
C LEU A 21 -16.49 -36.04 14.69
N ALA A 22 -17.49 -36.78 14.23
CA ALA A 22 -18.61 -37.16 15.09
C ALA A 22 -18.10 -37.96 16.28
N GLU A 23 -17.10 -38.81 16.07
CA GLU A 23 -16.49 -39.56 17.19
C GLU A 23 -15.88 -38.61 18.21
N VAL A 24 -15.17 -37.59 17.74
CA VAL A 24 -14.64 -36.57 18.65
C VAL A 24 -15.78 -35.91 19.40
N GLY A 25 -16.89 -35.69 18.72
CA GLY A 25 -18.06 -35.10 19.35
C GLY A 25 -18.63 -36.01 20.43
N LYS A 26 -18.68 -37.31 20.16
CA LYS A 26 -19.13 -38.28 21.16
C LYS A 26 -18.27 -38.29 22.42
N LYS A 27 -16.95 -38.18 22.28
CA LYS A 27 -16.07 -38.12 23.45
C LYS A 27 -16.32 -36.87 24.28
N PHE A 28 -16.49 -35.74 23.60
CA PHE A 28 -16.82 -34.47 24.25
C PHE A 28 -18.12 -34.62 25.02
N GLU A 29 -19.08 -35.32 24.42
CA GLU A 29 -20.37 -35.52 25.08
C GLU A 29 -20.21 -36.41 26.30
N LYS A 30 -19.46 -37.50 26.14
CA LYS A 30 -19.19 -38.39 27.26
C LYS A 30 -18.61 -37.60 28.42
N ASP A 31 -17.61 -36.76 28.12
CA ASP A 31 -16.91 -36.00 29.15
C ASP A 31 -17.69 -34.82 29.74
N THR A 32 -18.71 -34.32 29.03
CA THR A 32 -19.31 -33.03 29.40
C THR A 32 -20.82 -32.99 29.39
N GLY A 33 -21.47 -34.01 28.84
CA GLY A 33 -22.92 -34.00 28.77
C GLY A 33 -23.48 -33.11 27.66
N ILE A 34 -22.59 -32.39 26.98
CA ILE A 34 -22.98 -31.55 25.85
C ILE A 34 -23.01 -32.38 24.57
N LYS A 35 -24.16 -32.42 23.92
CA LYS A 35 -24.29 -33.13 22.67
C LYS A 35 -23.63 -32.35 21.54
N VAL A 36 -23.03 -33.07 20.60
CA VAL A 36 -22.46 -32.47 19.40
C VAL A 36 -23.08 -33.13 18.17
N THR A 37 -23.68 -32.31 17.32
CA THR A 37 -24.28 -32.77 16.09
C THR A 37 -23.45 -32.31 14.88
N VAL A 38 -22.87 -33.27 14.17
CA VAL A 38 -22.16 -32.98 12.93
C VAL A 38 -23.11 -33.12 11.75
N GLU A 39 -23.06 -32.15 10.83
CA GLU A 39 -23.85 -32.20 9.59
C GLU A 39 -22.97 -31.81 8.39
N HIS A 40 -23.33 -32.30 7.20
CA HIS A 40 -22.64 -31.93 5.98
C HIS A 40 -23.63 -31.51 4.90
N PRO A 41 -24.29 -30.35 5.10
CA PRO A 41 -25.24 -29.84 4.11
C PRO A 41 -24.56 -29.49 2.79
N ASP A 42 -25.30 -29.65 1.71
CA ASP A 42 -24.85 -29.26 0.39
C ASP A 42 -24.66 -27.76 0.38
N LYS A 43 -23.62 -27.30 -0.30
CA LYS A 43 -23.37 -25.86 -0.46
C LYS A 43 -23.34 -25.14 0.90
N LEU A 44 -22.77 -25.78 1.91
CA LEU A 44 -22.76 -25.18 3.24
C LEU A 44 -22.09 -23.82 3.25
N GLU A 45 -21.11 -23.64 2.36
CA GLU A 45 -20.34 -22.40 2.29
C GLU A 45 -21.13 -21.23 1.70
N GLU A 46 -22.19 -21.53 0.97
CA GLU A 46 -23.13 -20.52 0.46
C GLU A 46 -24.28 -20.32 1.45
N LYS A 47 -24.67 -21.39 2.13
CA LYS A 47 -25.77 -21.32 3.07
C LYS A 47 -25.38 -20.55 4.31
N PHE A 48 -24.12 -20.68 4.72
CA PHE A 48 -23.69 -20.12 5.98
C PHE A 48 -23.93 -18.61 6.06
N PRO A 49 -23.49 -17.85 5.04
CA PRO A 49 -23.73 -16.41 5.14
C PRO A 49 -25.20 -16.02 4.96
N GLN A 50 -26.02 -16.95 4.46
CA GLN A 50 -27.45 -16.71 4.32
C GLN A 50 -28.18 -16.90 5.65
N VAL A 51 -27.73 -17.86 6.45
CA VAL A 51 -28.42 -18.21 7.68
C VAL A 51 -27.74 -17.67 8.95
N ALA A 52 -26.42 -17.54 8.93
CA ALA A 52 -25.70 -17.03 10.10
C ALA A 52 -26.03 -15.56 10.33
N ALA A 53 -26.43 -14.88 9.26
CA ALA A 53 -26.83 -13.48 9.35
C ALA A 53 -28.08 -13.35 10.21
N THR A 54 -28.92 -14.38 10.17
CA THR A 54 -30.06 -14.46 11.08
C THR A 54 -29.57 -15.02 12.41
N GLY A 55 -30.46 -15.69 13.13
CA GLY A 55 -30.08 -16.31 14.39
C GLY A 55 -29.81 -17.80 14.27
N ASP A 56 -29.72 -18.28 13.02
CA ASP A 56 -29.57 -19.70 12.74
C ASP A 56 -28.16 -20.05 12.28
N GLY A 57 -27.97 -21.27 11.81
CA GLY A 57 -26.68 -21.74 11.34
C GLY A 57 -26.03 -22.65 12.37
N PRO A 58 -24.85 -23.18 12.06
CA PRO A 58 -24.11 -24.02 13.02
C PRO A 58 -23.36 -23.17 14.03
N ASP A 59 -22.92 -23.79 15.12
CA ASP A 59 -22.04 -23.12 16.07
C ASP A 59 -20.64 -23.01 15.50
N ILE A 60 -20.25 -24.03 14.74
CA ILE A 60 -18.93 -24.10 14.14
C ILE A 60 -19.11 -24.46 12.67
N ILE A 61 -18.40 -23.73 11.80
CA ILE A 61 -18.38 -24.03 10.37
C ILE A 61 -16.96 -24.35 9.93
N PHE A 62 -16.81 -25.46 9.24
CA PHE A 62 -15.54 -25.87 8.65
C PHE A 62 -15.53 -25.60 7.15
N TRP A 63 -14.44 -25.00 6.66
CA TRP A 63 -14.20 -24.85 5.22
C TRP A 63 -12.73 -24.46 5.06
N ALA A 64 -12.20 -24.50 3.85
CA ALA A 64 -10.87 -23.94 3.63
C ALA A 64 -10.93 -22.43 3.95
N HIS A 65 -9.79 -21.86 4.30
CA HIS A 65 -9.73 -20.51 4.85
C HIS A 65 -10.13 -19.40 3.85
N ASP A 66 -10.14 -19.71 2.56
CA ASP A 66 -10.42 -18.67 1.57
C ASP A 66 -11.81 -18.04 1.69
N ARG A 67 -12.76 -18.78 2.27
CA ARG A 67 -14.11 -18.29 2.43
C ARG A 67 -14.32 -17.38 3.65
N PHE A 68 -13.38 -17.39 4.60
CA PHE A 68 -13.65 -16.83 5.94
C PHE A 68 -13.49 -15.32 6.01
N GLY A 69 -12.64 -14.74 5.17
CA GLY A 69 -12.53 -13.29 5.14
C GLY A 69 -13.86 -12.64 4.80
N GLY A 70 -14.57 -13.20 3.83
CA GLY A 70 -15.90 -12.73 3.49
C GLY A 70 -16.88 -12.87 4.65
N TYR A 71 -16.87 -14.02 5.31
CA TYR A 71 -17.69 -14.18 6.50
C TYR A 71 -17.31 -13.13 7.58
N ALA A 72 -16.01 -12.89 7.76
CA ALA A 72 -15.60 -11.99 8.84
C ALA A 72 -15.99 -10.55 8.53
N GLN A 73 -15.80 -10.15 7.27
CA GLN A 73 -16.17 -8.79 6.83
C GLN A 73 -17.65 -8.54 7.08
N SER A 74 -18.44 -9.61 7.04
CA SER A 74 -19.88 -9.50 7.25
C SER A 74 -20.29 -9.64 8.72
N GLY A 75 -19.30 -9.77 9.61
CA GLY A 75 -19.59 -9.86 11.03
C GLY A 75 -20.20 -11.19 11.46
N LEU A 76 -19.91 -12.24 10.71
CA LEU A 76 -20.56 -13.53 10.98
C LEU A 76 -19.74 -14.46 11.88
N LEU A 77 -18.49 -14.08 12.16
CA LEU A 77 -17.59 -14.94 12.93
C LEU A 77 -17.15 -14.27 14.24
N ALA A 78 -17.05 -15.08 15.27
CA ALA A 78 -16.47 -14.65 16.53
C ALA A 78 -14.96 -14.56 16.41
N GLU A 79 -14.36 -13.51 16.97
CA GLU A 79 -12.90 -13.47 17.05
C GLU A 79 -12.47 -14.60 17.97
N ILE A 80 -11.44 -15.33 17.59
CA ILE A 80 -10.99 -16.43 18.44
C ILE A 80 -9.82 -15.96 19.29
N THR A 81 -9.80 -16.45 20.53
CA THR A 81 -8.97 -15.90 21.60
C THR A 81 -8.11 -16.97 22.27
N PRO A 82 -7.23 -17.62 21.48
CA PRO A 82 -6.38 -18.68 22.03
C PRO A 82 -5.21 -18.11 22.83
N ALA A 83 -4.99 -18.66 24.02
CA ALA A 83 -3.82 -18.30 24.82
C ALA A 83 -2.57 -18.51 23.99
N ALA A 84 -1.52 -17.76 24.30
CA ALA A 84 -0.26 -17.88 23.57
C ALA A 84 0.25 -19.32 23.63
N ALA A 85 -0.06 -20.01 24.72
CA ALA A 85 0.38 -21.39 24.91
C ALA A 85 -0.23 -22.25 23.81
N PHE A 86 -1.55 -22.16 23.66
CA PHE A 86 -2.22 -22.92 22.61
C PHE A 86 -1.72 -22.55 21.22
N GLN A 87 -1.62 -21.25 20.94
CA GLN A 87 -1.18 -20.79 19.62
C GLN A 87 0.14 -21.42 19.23
N ASP A 88 1.01 -21.63 20.21
CA ASP A 88 2.31 -22.21 19.91
C ASP A 88 2.24 -23.69 19.57
N LYS A 89 1.10 -24.33 19.80
CA LYS A 89 0.95 -25.74 19.47
C LYS A 89 0.70 -25.96 17.98
N LEU A 90 0.29 -24.90 17.27
CA LEU A 90 0.07 -24.96 15.84
C LEU A 90 1.11 -24.15 15.11
N TYR A 91 1.39 -24.53 13.87
CA TYR A 91 2.30 -23.79 13.03
C TYR A 91 1.83 -22.36 12.70
N PRO A 92 2.76 -21.40 12.75
CA PRO A 92 2.38 -19.98 12.63
C PRO A 92 1.83 -19.62 11.26
N PHE A 93 2.30 -20.27 10.21
CA PHE A 93 1.82 -19.97 8.87
C PHE A 93 0.38 -20.45 8.67
N THR A 94 -0.11 -21.31 9.56
CA THR A 94 -1.51 -21.73 9.46
C THR A 94 -2.39 -20.72 10.16
N TRP A 95 -1.90 -20.13 11.25
CA TRP A 95 -2.59 -19.00 11.89
C TRP A 95 -2.68 -17.80 10.95
N ASP A 96 -1.65 -17.59 10.14
CA ASP A 96 -1.65 -16.51 9.16
C ASP A 96 -2.80 -16.69 8.17
N ALA A 97 -3.09 -17.94 7.81
CA ALA A 97 -4.16 -18.23 6.85
C ALA A 97 -5.50 -17.78 7.39
N VAL A 98 -5.64 -17.72 8.71
CA VAL A 98 -6.91 -17.42 9.34
C VAL A 98 -6.87 -16.06 10.04
N ARG A 99 -5.92 -15.22 9.67
CA ARG A 99 -5.88 -13.85 10.19
C ARG A 99 -6.54 -12.91 9.17
N TYR A 100 -7.51 -12.12 9.62
CA TYR A 100 -8.19 -11.16 8.75
C TYR A 100 -8.26 -9.80 9.42
N ASN A 101 -7.74 -8.79 8.73
CA ASN A 101 -7.67 -7.43 9.26
C ASN A 101 -7.11 -7.45 10.69
N GLY A 102 -6.04 -8.21 10.87
CA GLY A 102 -5.30 -8.27 12.12
C GLY A 102 -5.86 -9.22 13.17
N LYS A 103 -7.08 -9.71 12.97
CA LYS A 103 -7.74 -10.54 13.97
C LYS A 103 -7.76 -12.02 13.54
N LEU A 104 -7.64 -12.94 14.49
CA LEU A 104 -7.79 -14.36 14.20
C LEU A 104 -9.29 -14.67 14.14
N ILE A 105 -9.72 -15.26 13.03
CA ILE A 105 -11.16 -15.51 12.81
C ILE A 105 -11.54 -16.99 12.70
N ALA A 106 -10.58 -17.89 12.85
CA ALA A 106 -10.88 -19.32 12.89
C ALA A 106 -9.69 -20.08 13.44
N TYR A 107 -9.90 -21.36 13.75
CA TYR A 107 -8.83 -22.26 14.12
C TYR A 107 -8.36 -23.03 12.90
N PRO A 108 -7.06 -22.95 12.57
CA PRO A 108 -6.58 -23.77 11.45
C PRO A 108 -6.55 -25.24 11.87
N ILE A 109 -6.76 -26.14 10.91
CA ILE A 109 -6.82 -27.58 11.20
C ILE A 109 -5.80 -28.36 10.41
N ALA A 110 -5.82 -28.17 9.09
CA ALA A 110 -4.93 -28.92 8.23
C ALA A 110 -4.63 -28.21 6.92
N VAL A 111 -3.44 -28.45 6.40
CA VAL A 111 -3.02 -27.91 5.12
C VAL A 111 -3.26 -28.89 3.99
N GLU A 112 -3.99 -28.42 2.98
CA GLU A 112 -4.38 -29.22 1.82
C GLU A 112 -3.75 -28.66 0.57
N ALA A 113 -3.19 -29.55 -0.24
CA ALA A 113 -2.83 -29.22 -1.61
C ALA A 113 -3.11 -30.42 -2.48
N LEU A 114 -3.46 -30.15 -3.73
CA LEU A 114 -3.60 -31.18 -4.74
C LEU A 114 -2.27 -31.84 -5.11
N SER A 115 -2.31 -33.14 -5.36
CA SER A 115 -1.17 -33.87 -5.90
C SER A 115 -1.58 -34.70 -7.09
N LEU A 116 -0.57 -35.19 -7.81
CA LEU A 116 -0.76 -36.17 -8.86
C LEU A 116 -0.83 -37.56 -8.24
N ILE A 117 -1.90 -38.29 -8.51
CA ILE A 117 -2.10 -39.63 -7.97
C ILE A 117 -2.10 -40.59 -9.13
N TYR A 118 -1.30 -41.65 -9.03
CA TYR A 118 -1.13 -42.57 -10.14
C TYR A 118 -1.18 -44.02 -9.71
N ASN A 119 -1.61 -44.85 -10.64
CA ASN A 119 -1.80 -46.27 -10.43
C ASN A 119 -0.51 -47.01 -10.81
N LYS A 120 0.19 -47.52 -9.81
CA LYS A 120 1.49 -48.15 -10.04
C LYS A 120 1.42 -49.44 -10.85
N ASP A 121 0.23 -50.03 -10.99
CA ASP A 121 0.04 -51.24 -11.78
C ASP A 121 -0.16 -50.93 -13.25
N LEU A 122 -0.35 -49.67 -13.58
CA LEU A 122 -0.52 -49.24 -14.97
C LEU A 122 0.66 -48.38 -15.41
N LEU A 123 1.36 -47.80 -14.44
CA LEU A 123 2.24 -46.67 -14.72
C LEU A 123 3.18 -46.53 -13.55
N PRO A 124 4.25 -47.33 -13.54
CA PRO A 124 5.15 -47.33 -12.37
C PRO A 124 5.97 -46.04 -12.22
N ASN A 125 6.23 -45.33 -13.31
CA ASN A 125 6.86 -44.01 -13.22
C ASN A 125 5.95 -42.94 -13.82
N PRO A 126 5.43 -42.04 -12.98
CA PRO A 126 4.52 -41.05 -13.57
C PRO A 126 5.25 -39.99 -14.39
N PRO A 127 4.56 -39.36 -15.35
CA PRO A 127 5.18 -38.30 -16.14
C PRO A 127 5.56 -37.08 -15.29
N LYS A 128 6.67 -36.44 -15.64
CA LYS A 128 7.10 -35.24 -14.93
C LYS A 128 6.51 -33.96 -15.56
N THR A 129 6.07 -34.05 -16.80
CA THR A 129 5.56 -32.87 -17.51
C THR A 129 4.15 -33.08 -18.03
N TRP A 130 3.37 -32.02 -18.05
CA TRP A 130 2.07 -32.06 -18.73
C TRP A 130 2.24 -32.40 -20.19
N GLU A 131 3.32 -31.90 -20.77
CA GLU A 131 3.55 -32.02 -22.20
C GLU A 131 3.62 -33.46 -22.70
N GLU A 132 4.05 -34.40 -21.85
CA GLU A 132 4.16 -35.79 -22.28
C GLU A 132 2.86 -36.59 -22.09
N ILE A 133 1.81 -35.94 -21.58
CA ILE A 133 0.57 -36.65 -21.29
C ILE A 133 -0.18 -37.13 -22.55
N PRO A 134 -0.23 -36.31 -23.61
CA PRO A 134 -0.87 -36.80 -24.83
C PRO A 134 -0.23 -38.07 -25.41
N ALA A 135 1.10 -38.12 -25.53
CA ALA A 135 1.75 -39.34 -26.01
C ALA A 135 1.40 -40.53 -25.12
N LEU A 136 1.49 -40.30 -23.81
CA LEU A 136 1.21 -41.34 -22.82
C LEU A 136 -0.23 -41.83 -22.98
N ASP A 137 -1.17 -40.90 -23.19
CA ASP A 137 -2.55 -41.28 -23.39
C ASP A 137 -2.71 -42.15 -24.62
N LYS A 138 -1.98 -41.82 -25.68
CA LYS A 138 -2.09 -42.60 -26.91
C LYS A 138 -1.66 -44.04 -26.65
N GLU A 139 -0.58 -44.21 -25.89
CA GLU A 139 -0.15 -45.53 -25.49
C GLU A 139 -1.23 -46.27 -24.70
N LEU A 140 -1.82 -45.58 -23.74
CA LEU A 140 -2.79 -46.22 -22.87
C LEU A 140 -4.10 -46.52 -23.58
N LYS A 141 -4.48 -45.69 -24.55
CA LYS A 141 -5.73 -45.91 -25.25
C LYS A 141 -5.67 -47.22 -26.06
N ALA A 142 -4.48 -47.57 -26.52
CA ALA A 142 -4.32 -48.83 -27.26
C ALA A 142 -4.49 -50.03 -26.32
N LYS A 143 -4.46 -49.77 -25.02
CA LYS A 143 -4.65 -50.81 -24.03
C LYS A 143 -6.05 -50.71 -23.42
N GLY A 144 -6.88 -49.84 -23.98
CA GLY A 144 -8.23 -49.65 -23.47
C GLY A 144 -8.28 -48.87 -22.17
N LYS A 145 -7.27 -48.03 -21.94
CA LYS A 145 -7.18 -47.20 -20.74
C LYS A 145 -6.95 -45.74 -21.12
N SER A 146 -6.95 -44.85 -20.14
CA SER A 146 -6.60 -43.46 -20.41
C SER A 146 -5.51 -43.00 -19.46
N ALA A 147 -4.81 -41.94 -19.83
CA ALA A 147 -3.73 -41.42 -19.00
C ALA A 147 -4.22 -40.72 -17.74
N LEU A 148 -5.22 -39.85 -17.89
CA LEU A 148 -5.54 -38.89 -16.83
C LEU A 148 -7.02 -38.48 -16.84
N MET A 149 -7.63 -38.51 -15.66
CA MET A 149 -8.97 -37.96 -15.48
C MET A 149 -9.05 -37.26 -14.14
N PHE A 150 -9.56 -36.03 -14.16
CA PHE A 150 -9.76 -35.29 -12.94
C PHE A 150 -10.91 -34.31 -13.11
N ASN A 151 -11.39 -33.75 -12.01
CA ASN A 151 -12.55 -32.88 -12.03
C ASN A 151 -12.30 -31.60 -12.81
N LEU A 152 -12.97 -31.46 -13.96
CA LEU A 152 -12.84 -30.26 -14.76
C LEU A 152 -13.92 -29.23 -14.47
N GLN A 153 -14.80 -29.52 -13.51
CA GLN A 153 -15.93 -28.63 -13.24
C GLN A 153 -15.63 -27.61 -12.15
N GLU A 154 -14.65 -27.89 -11.30
CA GLU A 154 -14.32 -26.98 -10.20
C GLU A 154 -12.93 -26.38 -10.48
N PRO A 155 -12.84 -25.04 -10.49
CA PRO A 155 -11.60 -24.36 -10.89
C PRO A 155 -10.42 -24.66 -9.97
N TYR A 156 -10.71 -25.05 -8.73
CA TYR A 156 -9.69 -25.55 -7.80
C TYR A 156 -8.74 -26.54 -8.46
N PHE A 157 -9.30 -27.44 -9.27
CA PHE A 157 -8.55 -28.54 -9.88
C PHE A 157 -7.80 -28.16 -11.14
N THR A 158 -8.28 -27.16 -11.87
CA THR A 158 -7.61 -26.69 -13.09
C THR A 158 -6.65 -25.51 -12.85
N TRP A 159 -6.84 -24.83 -11.73
CA TRP A 159 -6.01 -23.69 -11.36
C TRP A 159 -4.49 -23.97 -11.37
N PRO A 160 -4.06 -25.14 -10.90
CA PRO A 160 -2.61 -25.41 -10.85
C PRO A 160 -1.94 -25.31 -12.21
N LEU A 161 -2.62 -25.78 -13.25
CA LEU A 161 -2.10 -25.67 -14.61
C LEU A 161 -2.22 -24.23 -15.12
N ILE A 162 -3.33 -23.56 -14.82
CA ILE A 162 -3.52 -22.19 -15.28
C ILE A 162 -2.50 -21.23 -14.65
N ALA A 163 -2.15 -21.48 -13.39
CA ALA A 163 -1.24 -20.61 -12.69
C ALA A 163 0.22 -20.90 -13.00
N ALA A 164 0.51 -22.07 -13.58
CA ALA A 164 1.90 -22.54 -13.68
C ALA A 164 2.80 -21.56 -14.45
N ASP A 165 2.32 -21.07 -15.59
CA ASP A 165 3.09 -20.19 -16.46
C ASP A 165 2.81 -18.70 -16.23
N GLY A 166 2.06 -18.36 -15.18
CA GLY A 166 1.87 -16.96 -14.82
C GLY A 166 0.49 -16.49 -14.36
N GLY A 167 -0.54 -17.29 -14.54
CA GLY A 167 -1.86 -16.91 -14.03
C GLY A 167 -1.83 -16.65 -12.53
N TYR A 168 -2.57 -15.64 -12.09
CA TYR A 168 -2.74 -15.37 -10.67
C TYR A 168 -4.15 -14.83 -10.42
N ALA A 169 -4.56 -14.83 -9.17
CA ALA A 169 -5.88 -14.33 -8.81
C ALA A 169 -5.84 -12.81 -8.62
N PHE A 170 -5.22 -12.38 -7.53
CA PHE A 170 -5.12 -10.96 -7.22
C PHE A 170 -3.67 -10.65 -6.93
N LYS A 171 -3.15 -9.56 -7.49
CA LYS A 171 -1.74 -9.22 -7.30
C LYS A 171 -1.48 -8.84 -5.85
N TYR A 172 -0.41 -9.37 -5.26
CA TYR A 172 -0.01 -8.97 -3.91
C TYR A 172 1.07 -7.90 -4.03
N ALA A 173 0.78 -6.72 -3.49
CA ALA A 173 1.67 -5.57 -3.61
C ALA A 173 1.40 -4.58 -2.48
N ALA A 174 2.47 -4.13 -1.83
CA ALA A 174 2.38 -3.16 -0.74
C ALA A 174 1.57 -3.70 0.44
N GLY A 175 1.89 -4.92 0.85
CA GLY A 175 1.29 -5.50 2.04
C GLY A 175 -0.18 -5.93 1.92
N LYS A 176 -0.76 -5.87 0.74
CA LYS A 176 -2.13 -6.31 0.55
C LYS A 176 -2.43 -6.87 -0.84
N TYR A 177 -3.60 -7.46 -0.97
CA TYR A 177 -4.08 -7.96 -2.26
C TYR A 177 -4.82 -6.82 -2.97
N ASP A 178 -4.39 -6.57 -4.20
CA ASP A 178 -4.95 -5.49 -5.00
C ASP A 178 -6.14 -6.03 -5.77
N ILE A 179 -7.35 -5.70 -5.33
CA ILE A 179 -8.53 -6.34 -5.90
C ILE A 179 -8.91 -5.87 -7.31
N LYS A 180 -8.13 -4.94 -7.86
CA LYS A 180 -8.35 -4.45 -9.21
C LYS A 180 -7.34 -5.09 -10.15
N ASP A 181 -6.23 -5.62 -9.60
CA ASP A 181 -5.20 -6.26 -10.41
C ASP A 181 -5.39 -7.78 -10.42
N VAL A 182 -6.11 -8.24 -11.42
CA VAL A 182 -6.51 -9.63 -11.53
C VAL A 182 -5.70 -10.28 -12.64
N GLY A 183 -5.25 -11.51 -12.43
CA GLY A 183 -4.30 -12.16 -13.34
C GLY A 183 -4.85 -13.34 -14.09
N VAL A 184 -6.14 -13.36 -14.37
CA VAL A 184 -6.75 -14.54 -14.96
C VAL A 184 -6.76 -14.53 -16.47
N ASP A 185 -6.38 -13.42 -17.10
CA ASP A 185 -6.33 -13.41 -18.57
C ASP A 185 -4.98 -12.99 -19.15
N ASN A 186 -3.93 -13.08 -18.34
CA ASN A 186 -2.60 -12.82 -18.86
C ASN A 186 -2.10 -13.99 -19.71
N ALA A 187 -0.91 -13.83 -20.27
CA ALA A 187 -0.36 -14.81 -21.19
C ALA A 187 -0.15 -16.20 -20.55
N GLY A 188 0.26 -16.24 -19.29
CA GLY A 188 0.47 -17.50 -18.60
C GLY A 188 -0.85 -18.23 -18.38
N ALA A 189 -1.86 -17.50 -17.94
CA ALA A 189 -3.18 -18.09 -17.71
C ALA A 189 -3.74 -18.69 -18.99
N LYS A 190 -3.63 -17.96 -20.10
CA LYS A 190 -4.09 -18.42 -21.40
C LYS A 190 -3.33 -19.64 -21.92
N ALA A 191 -2.03 -19.66 -21.70
CA ALA A 191 -1.23 -20.79 -22.12
C ALA A 191 -1.68 -22.05 -21.36
N GLY A 192 -1.85 -21.92 -20.05
CA GLY A 192 -2.31 -23.04 -19.23
C GLY A 192 -3.66 -23.58 -19.65
N LEU A 193 -4.64 -22.69 -19.78
CA LEU A 193 -5.97 -23.10 -20.15
C LEU A 193 -5.98 -23.65 -21.58
N THR A 194 -5.15 -23.08 -22.44
CA THR A 194 -5.08 -23.56 -23.82
C THR A 194 -4.62 -25.01 -23.83
N PHE A 195 -3.62 -25.32 -23.01
CA PHE A 195 -3.13 -26.69 -22.94
C PHE A 195 -4.25 -27.64 -22.53
N LEU A 196 -5.05 -27.24 -21.55
CA LEU A 196 -6.15 -28.06 -21.07
C LEU A 196 -7.22 -28.22 -22.15
N VAL A 197 -7.57 -27.13 -22.80
CA VAL A 197 -8.56 -27.19 -23.88
C VAL A 197 -8.03 -28.09 -25.01
N ASP A 198 -6.73 -28.05 -25.28
CA ASP A 198 -6.18 -28.89 -26.37
C ASP A 198 -6.26 -30.38 -26.02
N LEU A 199 -6.00 -30.71 -24.76
CA LEU A 199 -6.15 -32.09 -24.29
C LEU A 199 -7.54 -32.62 -24.59
N ILE A 200 -8.54 -31.77 -24.39
CA ILE A 200 -9.92 -32.14 -24.63
C ILE A 200 -10.22 -32.21 -26.13
N LYS A 201 -9.75 -31.25 -26.91
CA LYS A 201 -9.98 -31.26 -28.36
C LYS A 201 -9.38 -32.52 -28.98
N ASN A 202 -8.23 -32.95 -28.47
CA ASN A 202 -7.55 -34.12 -28.99
C ASN A 202 -8.02 -35.40 -28.31
N LYS A 203 -9.12 -35.28 -27.57
CA LYS A 203 -9.81 -36.40 -26.96
C LYS A 203 -8.99 -37.19 -25.90
N HIS A 204 -8.03 -36.52 -25.27
CA HIS A 204 -7.31 -37.09 -24.13
C HIS A 204 -8.06 -36.92 -22.81
N MET A 205 -9.01 -35.99 -22.77
CA MET A 205 -9.89 -35.81 -21.62
C MET A 205 -11.26 -35.41 -22.15
N ASN A 206 -12.25 -35.45 -21.27
CA ASN A 206 -13.63 -35.10 -21.65
C ASN A 206 -14.09 -33.88 -20.87
N ALA A 207 -14.65 -32.88 -21.54
CA ALA A 207 -15.08 -31.65 -20.87
C ALA A 207 -16.10 -31.91 -19.75
N ASP A 208 -16.83 -33.01 -19.84
CA ASP A 208 -17.88 -33.29 -18.87
C ASP A 208 -17.38 -33.95 -17.58
N THR A 209 -16.12 -34.37 -17.54
CA THR A 209 -15.62 -35.07 -16.37
C THR A 209 -15.73 -34.21 -15.11
N ASP A 210 -16.34 -34.77 -14.07
CA ASP A 210 -16.47 -34.11 -12.77
C ASP A 210 -15.81 -34.95 -11.68
N TYR A 211 -15.99 -34.58 -10.42
CA TYR A 211 -15.38 -35.29 -9.30
C TYR A 211 -15.71 -36.80 -9.33
N SER A 212 -17.00 -37.10 -9.45
CA SER A 212 -17.52 -38.47 -9.38
C SER A 212 -17.00 -39.33 -10.51
N ILE A 213 -17.04 -38.79 -11.72
CA ILE A 213 -16.61 -39.55 -12.88
C ILE A 213 -15.12 -39.84 -12.82
N ALA A 214 -14.32 -38.85 -12.44
CA ALA A 214 -12.88 -39.03 -12.37
C ALA A 214 -12.51 -40.04 -11.29
N GLU A 215 -13.14 -39.89 -10.13
CA GLU A 215 -12.88 -40.79 -9.02
C GLU A 215 -13.26 -42.22 -9.37
N ALA A 216 -14.39 -42.40 -10.05
CA ALA A 216 -14.88 -43.75 -10.35
C ALA A 216 -13.93 -44.44 -11.31
N ALA A 217 -13.48 -43.70 -12.32
CA ALA A 217 -12.55 -44.23 -13.31
C ALA A 217 -11.22 -44.61 -12.67
N PHE A 218 -10.68 -43.75 -11.82
CA PHE A 218 -9.39 -44.04 -11.23
C PHE A 218 -9.51 -45.24 -10.31
N ASN A 219 -10.55 -45.27 -9.49
CA ASN A 219 -10.67 -46.30 -8.48
C ASN A 219 -11.02 -47.66 -9.09
N LYS A 220 -11.48 -47.65 -10.34
CA LYS A 220 -11.77 -48.88 -11.11
C LYS A 220 -10.63 -49.27 -12.06
N GLY A 221 -9.50 -48.58 -11.98
CA GLY A 221 -8.35 -48.95 -12.79
C GLY A 221 -8.47 -48.61 -14.27
N GLU A 222 -9.36 -47.68 -14.61
CA GLU A 222 -9.62 -47.34 -16.00
C GLU A 222 -8.73 -46.21 -16.52
N THR A 223 -8.24 -45.38 -15.61
CA THR A 223 -7.33 -44.29 -15.96
C THR A 223 -6.10 -44.38 -15.06
N ALA A 224 -4.94 -44.09 -15.63
CA ALA A 224 -3.66 -44.24 -14.93
C ALA A 224 -3.39 -43.16 -13.87
N MET A 225 -4.00 -42.00 -14.01
CA MET A 225 -3.76 -40.93 -13.05
C MET A 225 -5.01 -40.08 -12.78
N THR A 226 -5.00 -39.42 -11.64
CA THR A 226 -5.99 -38.41 -11.32
C THR A 226 -5.30 -37.30 -10.55
N ILE A 227 -6.03 -36.21 -10.33
CA ILE A 227 -5.52 -35.12 -9.51
C ILE A 227 -6.51 -34.92 -8.40
N ASN A 228 -6.03 -34.99 -7.16
CA ASN A 228 -6.91 -34.88 -6.02
C ASN A 228 -6.18 -34.58 -4.72
N GLY A 229 -6.96 -34.33 -3.68
CA GLY A 229 -6.46 -33.95 -2.40
C GLY A 229 -6.40 -35.14 -1.45
N PRO A 230 -5.84 -34.92 -0.25
CA PRO A 230 -5.69 -35.97 0.76
C PRO A 230 -6.98 -36.71 1.10
N TRP A 231 -8.11 -36.00 1.18
CA TRP A 231 -9.39 -36.62 1.52
C TRP A 231 -9.72 -37.80 0.58
N ALA A 232 -9.22 -37.75 -0.64
CA ALA A 232 -9.54 -38.75 -1.65
C ALA A 232 -8.85 -40.10 -1.40
N TRP A 233 -7.80 -40.10 -0.59
CA TRP A 233 -6.99 -41.32 -0.43
C TRP A 233 -7.80 -42.47 0.18
N SER A 234 -8.75 -42.15 1.05
CA SER A 234 -9.54 -43.18 1.73
C SER A 234 -10.29 -44.10 0.74
N ASN A 235 -11.03 -43.53 -0.20
CA ASN A 235 -11.77 -44.35 -1.15
C ASN A 235 -10.84 -45.13 -2.06
N ILE A 236 -9.70 -44.56 -2.42
CA ILE A 236 -8.71 -45.30 -3.19
C ILE A 236 -8.26 -46.54 -2.42
N ASP A 237 -7.98 -46.38 -1.13
CA ASP A 237 -7.61 -47.52 -0.28
C ASP A 237 -8.78 -48.51 -0.22
N THR A 238 -9.99 -48.00 -0.08
CA THR A 238 -11.18 -48.86 -0.05
C THR A 238 -11.27 -49.75 -1.29
N SER A 239 -10.93 -49.19 -2.46
CA SER A 239 -10.97 -49.92 -3.72
C SER A 239 -9.73 -50.79 -3.99
N ALA A 240 -8.78 -50.73 -3.08
CA ALA A 240 -7.56 -51.53 -3.12
C ALA A 240 -6.69 -51.23 -4.33
N VAL A 241 -6.64 -49.97 -4.75
CA VAL A 241 -5.75 -49.61 -5.85
C VAL A 241 -4.32 -49.49 -5.30
N ASN A 242 -3.35 -49.93 -6.09
CA ASN A 242 -1.94 -49.75 -5.74
C ASN A 242 -1.47 -48.42 -6.33
N TYR A 243 -1.49 -47.38 -5.50
CA TYR A 243 -1.29 -46.01 -5.97
C TYR A 243 -0.13 -45.29 -5.29
N GLY A 244 0.36 -44.27 -5.99
CA GLY A 244 1.34 -43.35 -5.44
C GLY A 244 0.80 -41.94 -5.55
N VAL A 245 1.35 -41.06 -4.72
CA VAL A 245 0.99 -39.66 -4.66
C VAL A 245 2.29 -38.90 -4.86
N THR A 246 2.32 -37.98 -5.82
CA THR A 246 3.56 -37.34 -6.20
C THR A 246 3.36 -35.89 -6.63
N VAL A 247 4.47 -35.27 -7.04
CA VAL A 247 4.48 -33.88 -7.48
C VAL A 247 3.70 -33.74 -8.78
N LEU A 248 2.94 -32.66 -8.89
CA LEU A 248 2.19 -32.41 -10.10
C LEU A 248 3.14 -32.22 -11.26
N PRO A 249 2.69 -32.52 -12.48
CA PRO A 249 3.56 -32.33 -13.64
C PRO A 249 3.90 -30.86 -13.83
N THR A 250 5.02 -30.60 -14.48
CA THR A 250 5.43 -29.23 -14.79
C THR A 250 4.78 -28.81 -16.10
N PHE A 251 4.63 -27.50 -16.30
CA PHE A 251 4.17 -26.95 -17.55
C PHE A 251 5.13 -25.86 -18.00
N LYS A 252 5.57 -25.95 -19.24
CA LYS A 252 6.63 -25.08 -19.77
C LYS A 252 7.81 -25.01 -18.81
N GLY A 253 8.15 -26.16 -18.26
CA GLY A 253 9.30 -26.29 -17.38
C GLY A 253 9.12 -25.69 -16.01
N GLN A 254 7.90 -25.26 -15.69
CA GLN A 254 7.64 -24.61 -14.41
C GLN A 254 6.64 -25.47 -13.60
N PRO A 255 6.71 -25.40 -12.26
CA PRO A 255 5.83 -26.30 -11.50
C PRO A 255 4.36 -25.92 -11.64
N SER A 256 3.47 -26.90 -11.55
CA SER A 256 2.07 -26.60 -11.34
C SER A 256 1.97 -25.92 -9.99
N LYS A 257 1.10 -24.93 -9.89
CA LYS A 257 1.03 -24.10 -8.70
C LYS A 257 -0.37 -24.19 -8.11
N PRO A 258 -0.61 -25.22 -7.31
CA PRO A 258 -1.96 -25.28 -6.76
C PRO A 258 -2.22 -24.19 -5.72
N PHE A 259 -3.47 -23.77 -5.64
CA PHE A 259 -3.90 -22.91 -4.56
C PHE A 259 -4.05 -23.76 -3.30
N VAL A 260 -3.37 -23.35 -2.25
CA VAL A 260 -3.27 -24.16 -1.04
C VAL A 260 -4.32 -23.72 -0.05
N GLY A 261 -5.10 -24.69 0.42
CA GLY A 261 -6.14 -24.41 1.36
C GLY A 261 -5.77 -24.89 2.74
N VAL A 262 -6.24 -24.17 3.74
CA VAL A 262 -6.12 -24.59 5.13
C VAL A 262 -7.53 -24.83 5.64
N LEU A 263 -7.88 -26.09 5.86
CA LEU A 263 -9.14 -26.41 6.54
C LEU A 263 -9.15 -25.71 7.88
N SER A 264 -10.22 -24.97 8.14
CA SER A 264 -10.33 -24.08 9.28
C SER A 264 -11.70 -24.20 9.91
N ALA A 265 -11.77 -23.92 11.19
CA ALA A 265 -13.01 -24.00 11.92
C ALA A 265 -13.34 -22.66 12.54
N GLY A 266 -14.46 -22.09 12.10
CA GLY A 266 -14.89 -20.80 12.58
C GLY A 266 -16.05 -20.94 13.54
N ILE A 267 -16.18 -19.97 14.43
CA ILE A 267 -17.28 -19.96 15.38
C ILE A 267 -18.25 -18.86 15.00
N ASN A 268 -19.50 -19.27 14.86
CA ASN A 268 -20.56 -18.38 14.47
C ASN A 268 -20.72 -17.28 15.50
N ALA A 269 -20.71 -16.04 15.02
CA ALA A 269 -20.88 -14.89 15.89
C ALA A 269 -22.21 -14.90 16.63
N ALA A 270 -23.19 -15.58 16.07
CA ALA A 270 -24.52 -15.63 16.70
C ALA A 270 -24.67 -16.83 17.62
N SER A 271 -23.58 -17.56 17.88
CA SER A 271 -23.66 -18.73 18.73
C SER A 271 -23.70 -18.36 20.22
N PRO A 272 -24.63 -18.98 20.97
CA PRO A 272 -24.66 -18.84 22.43
C PRO A 272 -23.70 -19.81 23.12
N ASN A 273 -22.86 -20.49 22.34
CA ASN A 273 -22.03 -21.55 22.86
C ASN A 273 -20.56 -21.35 22.53
N LYS A 274 -20.15 -20.09 22.45
CA LYS A 274 -18.80 -19.79 22.01
C LYS A 274 -17.72 -20.41 22.92
N GLU A 275 -17.94 -20.43 24.22
CA GLU A 275 -16.92 -20.98 25.12
C GLU A 275 -16.82 -22.50 24.95
N LEU A 276 -17.97 -23.15 24.80
CA LEU A 276 -18.03 -24.58 24.54
C LEU A 276 -17.40 -24.95 23.19
N ALA A 277 -17.63 -24.13 22.17
CA ALA A 277 -17.04 -24.41 20.85
C ALA A 277 -15.53 -24.28 20.96
N LYS A 278 -15.09 -23.34 21.77
CA LYS A 278 -13.68 -23.11 22.02
C LYS A 278 -13.07 -24.31 22.74
N GLU A 279 -13.79 -24.82 23.73
CA GLU A 279 -13.34 -25.98 24.48
C GLU A 279 -13.18 -27.17 23.53
N PHE A 280 -14.26 -27.46 22.80
CA PHE A 280 -14.25 -28.55 21.82
C PHE A 280 -13.06 -28.46 20.86
N LEU A 281 -12.88 -27.30 20.25
CA LEU A 281 -11.86 -27.16 19.23
C LEU A 281 -10.45 -27.25 19.77
N GLU A 282 -10.16 -26.57 20.87
CA GLU A 282 -8.81 -26.55 21.41
C GLU A 282 -8.44 -27.81 22.18
N ASN A 283 -9.37 -28.33 22.96
CA ASN A 283 -9.06 -29.42 23.89
C ASN A 283 -9.55 -30.80 23.48
N TYR A 284 -10.26 -30.90 22.35
CA TYR A 284 -10.72 -32.21 21.85
C TYR A 284 -10.30 -32.46 20.42
N LEU A 285 -10.57 -31.52 19.53
CA LEU A 285 -10.23 -31.73 18.13
C LEU A 285 -8.74 -31.54 17.86
N LEU A 286 -8.20 -30.40 18.29
CA LEU A 286 -6.80 -30.09 18.00
C LEU A 286 -5.87 -30.76 19.03
N THR A 287 -5.99 -32.08 19.09
CA THR A 287 -5.14 -32.93 19.91
C THR A 287 -4.75 -34.10 19.02
N ASP A 288 -3.72 -34.83 19.42
CA ASP A 288 -3.28 -35.96 18.64
C ASP A 288 -4.43 -36.93 18.42
N GLU A 289 -5.27 -37.08 19.45
CA GLU A 289 -6.32 -38.09 19.40
C GLU A 289 -7.49 -37.58 18.58
N GLY A 290 -7.86 -36.33 18.76
CA GLY A 290 -8.95 -35.76 18.00
C GLY A 290 -8.65 -35.82 16.51
N LEU A 291 -7.45 -35.38 16.15
CA LEU A 291 -7.06 -35.33 14.76
C LEU A 291 -6.90 -36.72 14.16
N GLU A 292 -6.44 -37.67 14.95
CA GLU A 292 -6.32 -39.03 14.47
C GLU A 292 -7.68 -39.61 14.10
N ALA A 293 -8.69 -39.33 14.91
CA ALA A 293 -10.04 -39.77 14.64
C ALA A 293 -10.53 -39.26 13.28
N VAL A 294 -10.32 -37.99 13.01
CA VAL A 294 -10.76 -37.40 11.74
C VAL A 294 -9.93 -37.96 10.59
N ASN A 295 -8.61 -38.00 10.76
CA ASN A 295 -7.68 -38.45 9.73
C ASN A 295 -7.92 -39.90 9.28
N LYS A 296 -8.28 -40.76 10.24
CA LYS A 296 -8.52 -42.16 9.94
C LYS A 296 -9.77 -42.36 9.08
N ASP A 297 -10.67 -41.38 9.15
CA ASP A 297 -11.89 -41.39 8.35
C ASP A 297 -11.57 -40.91 6.92
N LYS A 298 -11.22 -39.62 6.79
CA LYS A 298 -10.68 -39.08 5.55
C LYS A 298 -9.41 -38.30 5.90
N PRO A 299 -8.29 -38.62 5.25
CA PRO A 299 -7.04 -37.96 5.63
C PRO A 299 -7.08 -36.43 5.45
N LEU A 300 -6.47 -35.74 6.41
CA LEU A 300 -6.51 -34.29 6.46
C LEU A 300 -5.43 -33.59 5.63
N GLY A 301 -4.36 -34.28 5.31
CA GLY A 301 -3.18 -33.67 4.70
C GLY A 301 -2.11 -33.41 5.76
N ALA A 302 -1.47 -32.24 5.70
CA ALA A 302 -0.49 -31.86 6.73
C ALA A 302 -1.16 -31.07 7.86
N VAL A 303 -1.32 -31.70 9.01
CA VAL A 303 -2.11 -31.08 10.06
C VAL A 303 -1.42 -29.89 10.70
N ALA A 304 -2.21 -28.99 11.25
CA ALA A 304 -1.69 -27.74 11.79
C ALA A 304 -1.01 -27.93 13.15
N LEU A 305 -1.48 -28.93 13.91
CA LEU A 305 -0.94 -29.24 15.22
C LEU A 305 0.44 -29.90 15.07
N LYS A 306 1.47 -29.17 15.50
CA LYS A 306 2.86 -29.62 15.38
C LYS A 306 3.08 -31.06 15.86
N SER A 307 2.53 -31.39 17.02
CA SER A 307 2.77 -32.71 17.61
C SER A 307 2.29 -33.84 16.70
N TYR A 308 1.13 -33.70 16.08
CA TYR A 308 0.59 -34.79 15.28
C TYR A 308 1.17 -34.74 13.86
N GLU A 309 1.44 -33.54 13.37
CA GLU A 309 2.11 -33.39 12.09
C GLU A 309 3.43 -34.14 12.08
N GLU A 310 4.14 -34.09 13.20
CA GLU A 310 5.44 -34.76 13.31
C GLU A 310 5.25 -36.27 13.24
N GLU A 311 4.23 -36.77 13.93
CA GLU A 311 3.91 -38.20 13.89
C GLU A 311 3.67 -38.71 12.46
N LEU A 312 2.96 -37.93 11.65
CA LEU A 312 2.56 -38.39 10.32
C LEU A 312 3.54 -37.99 9.22
N ALA A 313 4.52 -37.16 9.56
CA ALA A 313 5.41 -36.59 8.54
C ALA A 313 6.07 -37.64 7.64
N LYS A 314 6.27 -38.83 8.17
CA LYS A 314 6.94 -39.89 7.42
C LYS A 314 6.10 -40.40 6.23
N ASP A 315 4.79 -40.20 6.26
CA ASP A 315 3.92 -40.65 5.18
C ASP A 315 4.33 -39.98 3.85
N PRO A 316 4.78 -40.77 2.87
CA PRO A 316 5.19 -40.16 1.59
C PRO A 316 4.05 -39.45 0.85
N ARG A 317 2.80 -39.80 1.14
CA ARG A 317 1.67 -39.12 0.51
C ARG A 317 1.62 -37.70 1.06
N ILE A 318 1.90 -37.57 2.35
CA ILE A 318 1.88 -36.27 2.96
C ILE A 318 3.10 -35.47 2.49
N ALA A 319 4.21 -36.16 2.30
CA ALA A 319 5.43 -35.53 1.79
C ALA A 319 5.18 -34.92 0.40
N ALA A 320 4.50 -35.67 -0.46
CA ALA A 320 4.14 -35.17 -1.78
C ALA A 320 3.19 -33.97 -1.65
N THR A 321 2.26 -34.06 -0.71
CA THR A 321 1.34 -32.99 -0.43
C THR A 321 2.09 -31.70 -0.06
N MET A 322 3.12 -31.83 0.76
CA MET A 322 3.90 -30.66 1.18
C MET A 322 4.73 -30.13 0.05
N GLU A 323 5.26 -31.01 -0.80
CA GLU A 323 6.00 -30.60 -1.99
C GLU A 323 5.12 -29.75 -2.92
N ASN A 324 3.90 -30.24 -3.18
CA ASN A 324 2.99 -29.50 -4.04
C ASN A 324 2.54 -28.19 -3.39
N ALA A 325 2.34 -28.21 -2.07
CA ALA A 325 1.95 -27.01 -1.34
C ALA A 325 3.03 -25.93 -1.39
N GLN A 326 4.29 -26.35 -1.28
CA GLN A 326 5.40 -25.41 -1.33
C GLN A 326 5.54 -24.78 -2.72
N LYS A 327 5.17 -25.54 -3.75
CA LYS A 327 5.25 -25.07 -5.12
C LYS A 327 4.04 -24.19 -5.51
N GLY A 328 2.96 -24.30 -4.75
CA GLY A 328 1.79 -23.48 -4.96
C GLY A 328 1.77 -22.22 -4.12
N GLU A 329 0.60 -21.62 -3.99
CA GLU A 329 0.40 -20.40 -3.21
C GLU A 329 -0.71 -20.64 -2.21
N ILE A 330 -0.52 -20.13 -1.01
CA ILE A 330 -1.59 -20.09 -0.03
C ILE A 330 -2.71 -19.21 -0.60
N MET A 331 -3.95 -19.60 -0.37
CA MET A 331 -5.05 -18.81 -0.88
C MET A 331 -5.20 -17.52 -0.11
N PRO A 332 -5.50 -16.42 -0.82
CA PRO A 332 -5.98 -15.23 -0.11
C PRO A 332 -7.21 -15.60 0.66
N ASN A 333 -7.49 -14.92 1.77
CA ASN A 333 -8.77 -15.11 2.45
C ASN A 333 -9.74 -13.95 2.21
N ILE A 334 -9.39 -13.03 1.32
CA ILE A 334 -10.19 -11.81 1.17
C ILE A 334 -11.61 -12.09 0.62
N PRO A 335 -12.57 -11.17 0.91
CA PRO A 335 -13.95 -11.37 0.49
C PRO A 335 -14.13 -11.61 -1.02
N GLN A 336 -13.26 -10.99 -1.83
CA GLN A 336 -13.37 -11.09 -3.28
C GLN A 336 -12.96 -12.46 -3.82
N MET A 337 -12.50 -13.35 -2.95
CA MET A 337 -12.13 -14.67 -3.41
C MET A 337 -13.30 -15.42 -4.05
N SER A 338 -14.50 -15.33 -3.49
CA SER A 338 -15.60 -16.11 -4.05
C SER A 338 -15.92 -15.61 -5.46
N ALA A 339 -15.83 -14.30 -5.69
CA ALA A 339 -16.06 -13.73 -7.02
C ALA A 339 -15.02 -14.21 -8.03
N PHE A 340 -13.77 -14.32 -7.60
CA PHE A 340 -12.71 -14.89 -8.42
C PHE A 340 -13.08 -16.31 -8.82
N TRP A 341 -13.46 -17.12 -7.83
CA TRP A 341 -13.71 -18.53 -8.12
C TRP A 341 -14.91 -18.72 -9.04
N TYR A 342 -15.97 -17.98 -8.77
CA TYR A 342 -17.16 -18.07 -9.62
C TYR A 342 -16.83 -17.70 -11.05
N ALA A 343 -15.96 -16.71 -11.23
CA ALA A 343 -15.60 -16.22 -12.55
C ALA A 343 -14.80 -17.26 -13.32
N VAL A 344 -13.80 -17.83 -12.67
CA VAL A 344 -12.95 -18.82 -13.31
C VAL A 344 -13.72 -20.10 -13.57
N ARG A 345 -14.61 -20.46 -12.65
CA ARG A 345 -15.41 -21.67 -12.83
C ARG A 345 -16.10 -21.63 -14.19
N THR A 346 -16.86 -20.57 -14.41
CA THR A 346 -17.60 -20.41 -15.65
C THR A 346 -16.67 -20.35 -16.87
N ALA A 347 -15.59 -19.60 -16.78
CA ALA A 347 -14.65 -19.46 -17.90
C ALA A 347 -14.07 -20.80 -18.31
N VAL A 348 -13.68 -21.61 -17.33
CA VAL A 348 -13.08 -22.89 -17.67
C VAL A 348 -14.08 -23.82 -18.34
N ILE A 349 -15.31 -23.88 -17.80
CA ILE A 349 -16.36 -24.72 -18.38
C ILE A 349 -16.66 -24.35 -19.84
N ASN A 350 -16.81 -23.07 -20.11
CA ASN A 350 -17.12 -22.62 -21.45
C ASN A 350 -15.96 -22.78 -22.44
N ALA A 351 -14.71 -22.58 -22.00
CA ALA A 351 -13.57 -22.82 -22.87
C ALA A 351 -13.37 -24.32 -23.09
N ALA A 352 -13.52 -25.09 -22.03
CA ALA A 352 -13.35 -26.54 -22.11
C ALA A 352 -14.34 -27.17 -23.08
N SER A 353 -15.56 -26.67 -23.05
CA SER A 353 -16.64 -27.18 -23.91
C SER A 353 -16.43 -26.84 -25.37
N GLY A 354 -15.51 -25.91 -25.66
CA GLY A 354 -15.32 -25.41 -27.00
C GLY A 354 -16.32 -24.35 -27.46
N ARG A 355 -17.25 -23.95 -26.58
CA ARG A 355 -18.30 -23.00 -26.96
C ARG A 355 -17.81 -21.56 -26.96
N GLN A 356 -16.66 -21.33 -26.33
CA GLN A 356 -16.04 -20.01 -26.29
C GLN A 356 -14.54 -20.21 -26.39
N THR A 357 -13.82 -19.28 -27.01
CA THR A 357 -12.37 -19.45 -27.06
C THR A 357 -11.78 -19.14 -25.70
N VAL A 358 -10.56 -19.62 -25.47
CA VAL A 358 -9.85 -19.33 -24.24
C VAL A 358 -9.74 -17.82 -24.01
N ASP A 359 -9.35 -17.08 -25.04
CA ASP A 359 -9.20 -15.63 -24.92
C ASP A 359 -10.48 -14.91 -24.47
N ALA A 360 -11.61 -15.26 -25.09
CA ALA A 360 -12.88 -14.62 -24.75
C ALA A 360 -13.32 -15.01 -23.35
N ALA A 361 -13.24 -16.31 -23.05
CA ALA A 361 -13.68 -16.81 -21.75
C ALA A 361 -12.86 -16.18 -20.63
N LEU A 362 -11.54 -16.13 -20.79
CA LEU A 362 -10.72 -15.55 -19.74
C LEU A 362 -10.89 -14.02 -19.64
N ALA A 363 -11.17 -13.36 -20.76
CA ALA A 363 -11.49 -11.93 -20.71
C ALA A 363 -12.78 -11.70 -19.90
N ALA A 364 -13.77 -12.58 -20.09
CA ALA A 364 -14.97 -12.52 -19.28
C ALA A 364 -14.65 -12.73 -17.80
N ALA A 365 -13.84 -13.74 -17.47
CA ALA A 365 -13.46 -14.00 -16.07
C ALA A 365 -12.75 -12.81 -15.46
N GLN A 366 -11.85 -12.23 -16.24
CA GLN A 366 -11.14 -11.02 -15.84
C GLN A 366 -12.12 -9.91 -15.37
N THR A 367 -13.11 -9.60 -16.20
CA THR A 367 -14.12 -8.61 -15.84
C THR A 367 -14.90 -8.98 -14.58
N ASN A 368 -15.35 -10.23 -14.50
CA ASN A 368 -16.15 -10.66 -13.37
C ASN A 368 -15.35 -10.69 -12.08
N ALA A 369 -14.15 -11.21 -12.15
CA ALA A 369 -13.33 -11.33 -10.95
C ALA A 369 -12.98 -9.94 -10.39
N ALA A 370 -12.82 -8.97 -11.27
CA ALA A 370 -12.51 -7.60 -10.87
C ALA A 370 -13.77 -6.79 -10.60
N ALA A 371 -14.93 -7.42 -10.73
CA ALA A 371 -16.21 -6.77 -10.45
C ALA A 371 -16.41 -5.51 -11.29
N LYS A 372 -16.11 -5.63 -12.58
CA LYS A 372 -16.25 -4.51 -13.50
C LYS A 372 -17.52 -4.65 -14.34
N PHE A 373 -17.98 -3.54 -14.90
CA PHE A 373 -19.11 -3.52 -15.80
C PHE A 373 -18.69 -2.84 -17.08
N ASN A 374 -18.90 -3.50 -18.21
CA ASN A 374 -18.63 -2.87 -19.48
C ASN A 374 -19.93 -2.41 -20.10
N PHE A 375 -19.96 -1.14 -20.49
CA PHE A 375 -21.14 -0.58 -21.15
C PHE A 375 -20.80 0.01 -22.53
N THR A 376 -21.76 -0.03 -23.45
CA THR A 376 -21.53 0.51 -24.80
C THR A 376 -21.74 2.03 -24.78
N GLU A 377 -21.31 2.70 -25.85
CA GLU A 377 -21.47 4.14 -25.96
C GLU A 377 -22.93 4.42 -25.86
N ARG A 378 -23.72 3.57 -26.53
CA ARG A 378 -25.16 3.69 -26.57
C ARG A 378 -25.74 3.62 -25.17
N ASP A 379 -25.11 2.83 -24.30
CA ASP A 379 -25.58 2.71 -22.91
C ASP A 379 -25.37 4.02 -22.16
N LEU A 380 -24.30 4.73 -22.52
CA LEU A 380 -23.87 5.89 -21.77
C LEU A 380 -24.51 7.19 -22.28
N THR A 381 -25.03 7.13 -23.50
CA THR A 381 -25.58 8.28 -24.20
C THR A 381 -27.08 8.23 -24.09
N ARG A 382 -27.64 9.24 -23.41
CA ARG A 382 -29.08 9.40 -23.33
C ARG A 382 -29.35 10.85 -23.68
N ASP A 383 -29.75 11.08 -24.93
CA ASP A 383 -30.00 12.41 -25.47
C ASP A 383 -31.43 12.45 -25.95
N VAL A 384 -32.26 13.20 -25.24
CA VAL A 384 -33.68 13.31 -25.55
C VAL A 384 -34.01 14.74 -25.95
N ASP A 385 -34.39 14.91 -27.21
CA ASP A 385 -34.87 16.20 -27.70
C ASP A 385 -36.29 16.37 -27.17
N PHE A 386 -36.41 16.76 -25.90
CA PHE A 386 -37.69 16.67 -25.22
C PHE A 386 -38.64 17.75 -25.66
N ASN A 387 -39.65 17.38 -26.42
CA ASN A 387 -40.58 18.36 -26.95
C ASN A 387 -41.83 18.51 -26.10
N ILE A 388 -41.81 19.51 -25.24
CA ILE A 388 -42.91 19.71 -24.32
C ILE A 388 -44.16 20.19 -25.08
N LYS A 389 -43.95 20.80 -26.24
CA LYS A 389 -45.04 21.23 -27.10
C LYS A 389 -45.58 20.09 -27.97
N GLY A 390 -44.78 19.02 -28.10
CA GLY A 390 -45.15 17.86 -28.90
C GLY A 390 -46.04 16.89 -28.15
N ASP A 391 -45.81 15.59 -28.34
CA ASP A 391 -46.56 14.56 -27.61
C ASP A 391 -45.71 13.80 -26.59
N ASP A 392 -44.52 14.32 -26.29
CA ASP A 392 -43.64 13.69 -25.31
C ASP A 392 -44.17 13.77 -23.89
N VAL A 393 -44.01 12.67 -23.16
CA VAL A 393 -44.43 12.58 -21.78
C VAL A 393 -43.34 11.92 -20.93
N ILE A 394 -43.01 12.56 -19.81
CA ILE A 394 -42.09 11.98 -18.84
C ILE A 394 -42.92 11.23 -17.81
N VAL A 395 -42.55 10.00 -17.52
CA VAL A 395 -43.27 9.20 -16.54
C VAL A 395 -42.33 8.93 -15.38
N PHE A 396 -42.68 9.41 -14.18
CA PHE A 396 -41.85 9.19 -13.00
C PHE A 396 -42.34 8.00 -12.18
N LEU A 397 -41.58 6.92 -12.30
CA LEU A 397 -41.82 5.72 -11.52
C LEU A 397 -41.15 5.91 -10.16
N HIS A 398 -41.96 6.09 -9.13
CA HIS A 398 -41.46 6.37 -7.79
C HIS A 398 -41.49 5.10 -6.96
N ILE A 399 -40.30 4.60 -6.70
CA ILE A 399 -40.10 3.48 -5.79
C ILE A 399 -39.99 4.02 -4.35
N GLN A 400 -40.71 3.41 -3.40
CA GLN A 400 -40.75 3.92 -2.03
C GLN A 400 -39.35 4.07 -1.40
N LYS A 401 -39.18 5.21 -0.75
CA LYS A 401 -38.01 5.53 0.08
C LYS A 401 -36.72 5.75 -0.72
N THR A 402 -36.84 6.20 -1.96
CA THR A 402 -35.66 6.49 -2.80
C THR A 402 -35.46 7.99 -2.99
N GLY A 403 -36.09 8.79 -2.15
CA GLY A 403 -36.00 10.24 -2.29
C GLY A 403 -36.94 10.75 -3.36
N GLY A 404 -38.02 10.01 -3.61
CA GLY A 404 -38.93 10.36 -4.69
C GLY A 404 -39.82 11.56 -4.41
N THR A 405 -40.10 11.83 -3.14
CA THR A 405 -40.86 13.05 -2.79
C THR A 405 -40.01 14.27 -3.20
N THR A 406 -38.76 14.28 -2.77
CA THR A 406 -37.84 15.36 -3.17
C THR A 406 -37.71 15.50 -4.68
N PHE A 407 -37.48 14.39 -5.37
CA PHE A 407 -37.26 14.45 -6.80
C PHE A 407 -38.55 14.86 -7.54
N GLY A 408 -39.68 14.31 -7.09
CA GLY A 408 -40.94 14.63 -7.71
C GLY A 408 -41.28 16.11 -7.49
N ARG A 409 -40.91 16.66 -6.34
CA ARG A 409 -41.13 18.09 -6.08
C ARG A 409 -40.27 18.92 -7.03
N HIS A 410 -39.04 18.47 -7.31
CA HIS A 410 -38.16 19.19 -8.25
C HIS A 410 -38.77 19.25 -9.64
N LEU A 411 -39.43 18.17 -10.04
CA LEU A 411 -40.00 18.07 -11.39
C LEU A 411 -41.14 19.07 -11.61
N VAL A 412 -41.92 19.34 -10.58
CA VAL A 412 -43.10 20.21 -10.69
C VAL A 412 -42.87 21.64 -10.19
N ARG A 413 -41.87 21.85 -9.34
CA ARG A 413 -41.62 23.18 -8.77
C ARG A 413 -40.39 23.87 -9.33
N ASN A 414 -39.43 23.09 -9.82
CA ASN A 414 -38.06 23.59 -9.96
C ASN A 414 -37.49 23.62 -11.38
N ILE A 415 -38.30 23.31 -12.39
CA ILE A 415 -37.78 23.30 -13.76
C ILE A 415 -38.10 24.62 -14.43
N ARG A 416 -37.08 25.25 -15.02
CA ARG A 416 -37.27 26.45 -15.82
C ARG A 416 -37.96 26.13 -17.14
N LEU A 417 -39.21 26.56 -17.25
CA LEU A 417 -40.00 26.39 -18.46
C LEU A 417 -40.70 27.69 -18.77
N GLU A 418 -41.06 27.87 -20.04
CA GLU A 418 -41.85 29.03 -20.44
C GLU A 418 -43.16 29.02 -19.67
N GLN A 419 -43.85 27.89 -19.73
CA GLN A 419 -45.03 27.65 -18.91
C GLN A 419 -44.71 26.53 -17.93
N PRO A 420 -44.29 26.87 -16.70
CA PRO A 420 -44.00 25.80 -15.74
C PRO A 420 -45.27 25.24 -15.12
N CYS A 421 -45.13 24.20 -14.31
CA CYS A 421 -46.28 23.63 -13.65
C CYS A 421 -46.87 24.69 -12.72
N ASP A 422 -48.19 24.71 -12.68
CA ASP A 422 -48.94 25.62 -11.83
C ASP A 422 -49.23 24.92 -10.51
N CYS A 423 -48.49 25.29 -9.47
CA CYS A 423 -48.63 24.67 -8.16
C CYS A 423 -49.30 25.60 -7.15
N LYS A 424 -50.61 25.50 -7.01
CA LYS A 424 -51.33 26.43 -6.16
C LYS A 424 -50.99 26.22 -4.69
N ALA A 425 -50.89 27.31 -3.95
CA ALA A 425 -50.53 27.25 -2.54
C ALA A 425 -51.50 26.33 -1.78
N GLY A 426 -50.97 25.61 -0.79
CA GLY A 426 -51.76 24.69 0.02
C GLY A 426 -52.48 23.65 -0.82
N GLN A 427 -51.79 23.16 -1.85
CA GLN A 427 -52.38 22.17 -2.75
C GLN A 427 -51.28 21.18 -3.12
N LYS A 428 -51.62 19.90 -3.08
CA LYS A 428 -50.62 18.85 -3.19
C LYS A 428 -50.12 18.72 -4.62
N LYS A 429 -51.06 18.65 -5.56
CA LYS A 429 -50.73 18.44 -6.94
C LYS A 429 -50.57 19.76 -7.68
N CYS A 430 -49.94 19.68 -8.84
CA CYS A 430 -49.78 20.81 -9.74
C CYS A 430 -50.35 20.46 -11.09
N THR A 431 -50.65 21.50 -11.85
CA THR A 431 -51.09 21.35 -13.23
C THR A 431 -49.88 21.51 -14.12
N CYS A 432 -49.44 20.40 -14.74
CA CYS A 432 -48.28 20.45 -15.63
C CYS A 432 -48.73 20.28 -17.10
N HIS A 433 -49.26 21.34 -17.69
CA HIS A 433 -49.80 21.28 -19.04
C HIS A 433 -48.86 21.83 -20.09
N ARG A 434 -48.98 21.32 -21.31
CA ARG A 434 -48.24 21.84 -22.43
C ARG A 434 -48.76 23.25 -22.73
N PRO A 435 -47.94 24.09 -23.39
CA PRO A 435 -48.42 25.44 -23.71
C PRO A 435 -49.70 25.43 -24.53
N GLY A 436 -50.73 26.10 -24.01
CA GLY A 436 -51.96 26.31 -24.75
C GLY A 436 -52.95 25.17 -24.67
N LYS A 437 -52.54 24.04 -24.09
CA LYS A 437 -53.37 22.84 -24.09
C LYS A 437 -53.75 22.39 -22.68
N GLN A 438 -54.68 21.45 -22.63
CA GLN A 438 -55.12 20.87 -21.37
C GLN A 438 -54.51 19.49 -21.21
N GLU A 439 -53.38 19.29 -21.90
CA GLU A 439 -52.65 18.00 -21.93
C GLU A 439 -51.45 18.04 -20.99
N SER A 440 -51.28 17.00 -20.19
CA SER A 440 -50.15 16.95 -19.25
C SER A 440 -48.88 16.37 -19.89
N TRP A 441 -47.72 16.96 -19.57
CA TRP A 441 -46.45 16.45 -20.10
C TRP A 441 -45.70 15.57 -19.09
N LEU A 442 -46.24 15.47 -17.88
CA LEU A 442 -45.61 14.75 -16.77
C LEU A 442 -46.61 13.81 -16.12
N PHE A 443 -46.30 12.52 -16.12
CA PHE A 443 -47.12 11.57 -15.38
C PHE A 443 -46.41 11.28 -14.07
N SER A 444 -47.02 11.68 -12.96
CA SER A 444 -46.38 11.58 -11.64
C SER A 444 -47.37 11.87 -10.53
N ARG A 445 -47.00 11.42 -9.33
CA ARG A 445 -47.78 11.63 -8.12
C ARG A 445 -48.22 13.07 -7.94
N PHE A 446 -47.36 14.03 -8.29
CA PHE A 446 -47.65 15.45 -7.98
C PHE A 446 -48.24 16.20 -9.15
N SER A 447 -48.44 15.51 -10.27
CA SER A 447 -49.10 16.12 -11.41
C SER A 447 -50.43 15.40 -11.63
N THR A 448 -50.39 14.21 -12.22
CA THR A 448 -51.59 13.43 -12.54
C THR A 448 -52.12 12.65 -11.35
N GLY A 449 -51.29 12.43 -10.35
CA GLY A 449 -51.68 11.68 -9.18
C GLY A 449 -51.31 10.22 -9.37
N TRP A 450 -51.83 9.36 -8.50
CA TRP A 450 -51.59 7.94 -8.60
C TRP A 450 -52.61 7.26 -9.52
N SER A 451 -52.76 7.75 -10.74
CA SER A 451 -53.86 7.29 -11.59
C SER A 451 -53.72 5.84 -12.10
N CYS A 452 -52.54 5.23 -11.98
CA CYS A 452 -52.34 3.83 -12.34
C CYS A 452 -52.11 2.97 -11.12
N GLY A 453 -52.33 3.58 -9.96
CA GLY A 453 -52.24 2.91 -8.68
C GLY A 453 -51.18 3.58 -7.81
N LEU A 454 -51.34 3.43 -6.50
CA LEU A 454 -50.39 3.95 -5.52
C LEU A 454 -49.04 3.29 -5.72
N HIS A 455 -48.01 4.09 -5.98
CA HIS A 455 -46.64 3.59 -6.23
C HIS A 455 -46.62 2.50 -7.31
N ALA A 456 -47.34 2.80 -8.40
CA ALA A 456 -47.41 1.91 -9.55
C ALA A 456 -45.99 1.57 -10.03
N ASP A 457 -45.74 0.28 -10.23
CA ASP A 457 -44.42 -0.17 -10.62
C ASP A 457 -44.30 -0.27 -12.14
N TRP A 458 -43.18 -0.79 -12.63
CA TRP A 458 -42.94 -0.85 -14.08
C TRP A 458 -44.04 -1.65 -14.76
N THR A 459 -44.42 -2.79 -14.18
CA THR A 459 -45.44 -3.66 -14.79
C THR A 459 -46.77 -2.92 -14.91
N GLU A 460 -47.15 -2.22 -13.85
CA GLU A 460 -48.40 -1.47 -13.85
C GLU A 460 -48.38 -0.27 -14.80
N LEU A 461 -47.32 0.53 -14.74
CA LEU A 461 -47.25 1.74 -15.54
C LEU A 461 -47.21 1.45 -17.03
N THR A 462 -46.38 0.50 -17.45
CA THR A 462 -46.23 0.28 -18.88
C THR A 462 -47.53 -0.26 -19.48
N ASN A 463 -48.36 -0.88 -18.64
CA ASN A 463 -49.66 -1.41 -19.07
C ASN A 463 -50.84 -0.42 -18.91
N CYS A 464 -50.64 0.65 -18.16
CA CYS A 464 -51.75 1.57 -17.82
C CYS A 464 -51.57 2.98 -18.38
N VAL A 465 -50.35 3.49 -18.33
CA VAL A 465 -50.08 4.87 -18.74
C VAL A 465 -50.52 5.17 -20.18
N PRO A 466 -50.22 4.28 -21.13
CA PRO A 466 -50.62 4.63 -22.50
C PRO A 466 -52.13 4.68 -22.70
N VAL A 467 -52.88 3.90 -21.93
CA VAL A 467 -54.34 3.89 -22.01
C VAL A 467 -54.91 5.14 -21.37
N ILE A 468 -54.50 5.39 -20.13
CA ILE A 468 -55.05 6.50 -19.36
C ILE A 468 -54.65 7.86 -19.91
N MET A 469 -53.85 7.89 -20.97
CA MET A 469 -53.45 9.17 -21.58
C MET A 469 -53.91 9.35 -23.04
N ASP A 470 -54.38 8.26 -23.66
CA ASP A 470 -54.93 8.32 -25.03
C ASP A 470 -56.23 7.53 -25.11
N ARG A 479 -47.29 8.65 -28.94
CA ARG A 479 -46.53 9.38 -27.95
C ARG A 479 -45.17 8.75 -27.69
N ASN A 480 -44.22 9.58 -27.25
CA ASN A 480 -42.96 9.09 -26.72
C ASN A 480 -42.99 9.16 -25.20
N PHE A 481 -43.00 8.02 -24.53
CA PHE A 481 -42.95 7.98 -23.07
C PHE A 481 -41.51 7.84 -22.60
N TYR A 482 -41.06 8.79 -21.77
CA TYR A 482 -39.71 8.75 -21.23
C TYR A 482 -39.79 8.44 -19.75
N TYR A 483 -39.55 7.17 -19.43
CA TYR A 483 -39.60 6.70 -18.06
C TYR A 483 -38.35 7.15 -17.31
N ILE A 484 -38.54 7.58 -16.07
CA ILE A 484 -37.42 7.92 -15.17
C ILE A 484 -37.68 7.41 -13.76
N THR A 485 -36.62 7.25 -12.99
CA THR A 485 -36.77 6.80 -11.61
C THR A 485 -35.56 7.22 -10.77
N MET A 486 -35.62 6.93 -9.47
CA MET A 486 -34.52 7.10 -8.57
C MET A 486 -34.28 5.80 -7.85
N LEU A 487 -33.01 5.54 -7.54
N LEU A 487 -33.00 5.51 -7.59
CA LEU A 487 -32.59 4.37 -6.82
CA LEU A 487 -32.60 4.36 -6.82
C LEU A 487 -31.73 4.77 -5.64
C LEU A 487 -31.79 4.79 -5.61
N ARG A 488 -31.72 3.92 -4.61
CA ARG A 488 -31.03 4.20 -3.37
C ARG A 488 -30.32 2.94 -2.93
N ASP A 489 -29.18 3.07 -2.24
CA ASP A 489 -28.50 1.87 -1.77
C ASP A 489 -29.44 1.04 -0.90
N PRO A 490 -29.49 -0.28 -1.13
CA PRO A 490 -30.62 -1.03 -0.53
C PRO A 490 -30.67 -1.13 0.98
N VAL A 491 -29.53 -1.14 1.66
CA VAL A 491 -29.56 -1.18 3.12
C VAL A 491 -30.20 0.10 3.66
N SER A 492 -29.80 1.25 3.14
CA SER A 492 -30.41 2.52 3.54
C SER A 492 -31.89 2.58 3.17
N ARG A 493 -32.22 2.17 1.94
CA ARG A 493 -33.61 2.20 1.49
C ARG A 493 -34.48 1.27 2.34
N TYR A 494 -33.99 0.07 2.62
CA TYR A 494 -34.72 -0.88 3.47
C TYR A 494 -34.97 -0.34 4.88
N LEU A 495 -33.94 0.26 5.47
CA LEU A 495 -34.07 0.82 6.82
C LEU A 495 -35.04 1.98 6.84
N SER A 496 -35.00 2.81 5.81
CA SER A 496 -35.94 3.91 5.64
C SER A 496 -37.38 3.38 5.57
N GLU A 497 -37.60 2.35 4.76
CA GLU A 497 -38.91 1.74 4.72
C GLU A 497 -39.34 1.15 6.07
N TRP A 498 -38.44 0.48 6.77
CA TRP A 498 -38.76 -0.06 8.09
C TRP A 498 -39.24 1.06 9.00
N LYS A 499 -38.47 2.15 9.06
CA LYS A 499 -38.85 3.28 9.92
C LYS A 499 -40.19 3.89 9.49
N HIS A 500 -40.42 4.01 8.20
CA HIS A 500 -41.69 4.59 7.74
C HIS A 500 -42.88 3.67 8.07
N VAL A 501 -42.70 2.36 7.89
CA VAL A 501 -43.74 1.41 8.26
C VAL A 501 -43.93 1.45 9.78
N GLN A 502 -42.85 1.65 10.51
CA GLN A 502 -42.89 1.64 11.96
C GLN A 502 -43.69 2.85 12.45
N ARG A 503 -43.72 3.91 11.65
CA ARG A 503 -44.56 5.05 11.96
C ARG A 503 -45.87 5.13 11.16
N GLY A 504 -46.32 4.03 10.58
CA GLY A 504 -47.68 3.95 10.09
C GLY A 504 -47.93 3.66 8.61
N ALA A 505 -46.88 3.68 7.80
CA ALA A 505 -47.04 3.43 6.36
C ALA A 505 -47.38 1.97 6.10
N THR A 506 -48.32 1.76 5.18
CA THR A 506 -48.66 0.41 4.73
C THR A 506 -48.65 0.32 3.20
N TRP A 507 -48.95 1.42 2.53
CA TRP A 507 -49.28 1.43 1.10
C TRP A 507 -50.25 0.28 0.79
N LYS A 508 -51.22 0.08 1.68
CA LYS A 508 -52.13 -1.07 1.55
C LYS A 508 -53.08 -0.95 0.36
N THR A 509 -53.23 0.24 -0.21
CA THR A 509 -54.15 0.43 -1.33
C THR A 509 -53.50 0.27 -2.70
N SER A 510 -52.21 -0.06 -2.72
CA SER A 510 -51.56 -0.34 -4.00
C SER A 510 -52.27 -1.53 -4.65
N LEU A 511 -52.41 -1.49 -5.97
CA LEU A 511 -53.11 -2.53 -6.72
C LEU A 511 -52.26 -3.77 -7.00
N HIS A 512 -50.96 -3.56 -7.18
CA HIS A 512 -50.05 -4.65 -7.51
C HIS A 512 -50.59 -5.47 -8.70
N MET A 513 -51.10 -4.78 -9.71
CA MET A 513 -51.70 -5.42 -10.88
C MET A 513 -50.64 -6.08 -11.75
N CYS A 514 -50.94 -7.29 -12.22
CA CYS A 514 -50.04 -8.01 -13.12
C CYS A 514 -50.89 -9.04 -13.87
N ASP A 515 -50.68 -9.20 -15.16
CA ASP A 515 -51.53 -10.11 -15.95
C ASP A 515 -53.01 -9.80 -15.70
N GLY A 516 -53.32 -8.52 -15.52
CA GLY A 516 -54.70 -8.08 -15.41
C GLY A 516 -55.44 -8.30 -14.10
N ARG A 517 -54.77 -8.78 -13.06
CA ARG A 517 -55.42 -8.85 -11.74
C ARG A 517 -54.46 -8.55 -10.58
N SER A 518 -55.03 -8.27 -9.41
CA SER A 518 -54.26 -8.07 -8.21
C SER A 518 -53.95 -9.43 -7.63
N PRO A 519 -52.94 -9.50 -6.76
CA PRO A 519 -52.62 -10.79 -6.13
C PRO A 519 -53.71 -11.24 -5.20
N THR A 520 -53.79 -12.55 -4.98
CA THR A 520 -54.69 -13.09 -3.97
C THR A 520 -53.99 -13.02 -2.63
N GLN A 521 -54.74 -13.23 -1.54
CA GLN A 521 -54.13 -13.17 -0.22
C GLN A 521 -53.15 -14.29 -0.05
N ASP A 522 -53.44 -15.43 -0.68
CA ASP A 522 -52.52 -16.57 -0.66
C ASP A 522 -51.22 -16.17 -1.35
N GLU A 523 -51.35 -15.45 -2.45
CA GLU A 523 -50.17 -15.05 -3.21
C GLU A 523 -49.30 -14.05 -2.46
N LEU A 524 -49.96 -13.10 -1.79
CA LEU A 524 -49.29 -11.99 -1.14
C LEU A 524 -49.87 -11.80 0.25
N PRO A 525 -49.44 -12.62 1.21
CA PRO A 525 -50.03 -12.48 2.54
C PRO A 525 -49.58 -11.20 3.23
N THR A 526 -50.42 -10.64 4.07
CA THR A 526 -50.09 -9.43 4.80
C THR A 526 -49.18 -9.77 5.98
N CYS A 527 -48.23 -8.91 6.26
CA CYS A 527 -47.26 -9.14 7.33
C CYS A 527 -47.76 -8.80 8.73
N TYR A 528 -48.87 -8.08 8.80
CA TYR A 528 -49.37 -7.53 10.07
C TYR A 528 -50.85 -7.85 10.28
N ASN A 529 -51.24 -7.95 11.54
CA ASN A 529 -52.65 -7.93 11.93
C ASN A 529 -53.10 -6.49 12.14
N GLY A 530 -54.39 -6.25 11.98
CA GLY A 530 -54.93 -4.95 12.29
C GLY A 530 -54.70 -4.00 11.14
N ASP A 531 -54.69 -2.70 11.42
CA ASP A 531 -54.72 -1.71 10.36
C ASP A 531 -53.33 -1.33 9.83
N ASP A 532 -52.27 -1.65 10.56
CA ASP A 532 -50.92 -1.29 10.13
C ASP A 532 -49.88 -2.06 10.92
N TRP A 533 -48.62 -1.77 10.63
CA TRP A 533 -47.53 -2.51 11.26
C TRP A 533 -46.74 -1.55 12.16
N SER A 534 -47.43 -0.54 12.70
CA SER A 534 -46.75 0.50 13.49
C SER A 534 -46.11 -0.07 14.75
N GLY A 535 -44.95 0.47 15.11
CA GLY A 535 -44.19 -0.02 16.22
C GLY A 535 -43.29 -1.20 15.96
N VAL A 536 -43.32 -1.75 14.75
CA VAL A 536 -42.58 -2.98 14.46
C VAL A 536 -41.09 -2.84 14.73
N THR A 537 -40.50 -3.85 15.36
CA THR A 537 -39.04 -3.88 15.51
C THR A 537 -38.39 -4.28 14.19
N LEU A 538 -37.13 -3.94 14.03
CA LEU A 538 -36.43 -4.30 12.82
C LEU A 538 -36.39 -5.82 12.72
N HIS A 539 -36.28 -6.51 13.86
CA HIS A 539 -36.24 -7.97 13.83
C HIS A 539 -37.54 -8.54 13.26
N ASP A 540 -38.68 -8.04 13.71
CA ASP A 540 -39.95 -8.58 13.24
C ASP A 540 -40.21 -8.16 11.80
N PHE A 541 -39.72 -6.99 11.42
CA PHE A 541 -39.84 -6.49 10.05
C PHE A 541 -39.14 -7.48 9.10
N MET A 542 -37.92 -7.86 9.48
CA MET A 542 -37.07 -8.73 8.67
C MET A 542 -37.61 -10.17 8.63
N ASP A 543 -38.47 -10.48 9.59
CA ASP A 543 -38.90 -11.85 9.80
C ASP A 543 -40.08 -12.29 8.94
N CYS A 544 -40.85 -11.35 8.42
CA CYS A 544 -42.00 -11.68 7.58
C CYS A 544 -41.55 -12.03 6.16
N PRO A 545 -41.80 -13.26 5.72
CA PRO A 545 -41.42 -13.71 4.36
C PRO A 545 -42.02 -12.89 3.21
N SER A 546 -43.20 -12.31 3.39
CA SER A 546 -43.88 -11.65 2.27
C SER A 546 -43.70 -10.12 2.28
N ASN A 547 -42.72 -9.65 3.05
CA ASN A 547 -42.44 -8.22 3.17
C ASN A 547 -42.05 -7.63 1.82
N LEU A 548 -42.89 -6.75 1.29
CA LEU A 548 -42.62 -6.10 0.02
C LEU A 548 -41.41 -5.17 0.01
N ALA A 549 -40.85 -4.90 1.18
CA ALA A 549 -39.61 -4.13 1.26
C ALA A 549 -38.45 -4.94 0.67
N ASN A 550 -38.50 -6.27 0.77
CA ASN A 550 -37.41 -7.13 0.28
C ASN A 550 -37.29 -7.00 -1.22
N ASN A 551 -36.12 -6.56 -1.69
CA ASN A 551 -35.84 -6.43 -3.11
C ASN A 551 -36.86 -5.56 -3.80
N ARG A 552 -37.32 -4.51 -3.12
CA ARG A 552 -38.34 -3.68 -3.72
C ARG A 552 -37.93 -3.04 -5.05
N GLN A 553 -36.69 -2.60 -5.18
CA GLN A 553 -36.32 -1.89 -6.39
C GLN A 553 -36.28 -2.84 -7.62
N VAL A 554 -35.73 -4.02 -7.45
CA VAL A 554 -35.80 -5.04 -8.50
C VAL A 554 -37.25 -5.41 -8.86
N ARG A 555 -38.07 -5.72 -7.87
CA ARG A 555 -39.46 -6.08 -8.13
C ARG A 555 -40.19 -4.99 -8.88
N MET A 556 -39.98 -3.75 -8.47
CA MET A 556 -40.72 -2.65 -9.06
C MET A 556 -40.20 -2.21 -10.42
N LEU A 557 -38.99 -2.65 -10.80
CA LEU A 557 -38.42 -2.34 -12.10
C LEU A 557 -38.54 -3.51 -13.11
N ALA A 558 -38.83 -4.71 -12.62
CA ALA A 558 -38.95 -5.90 -13.48
C ALA A 558 -40.33 -6.04 -14.09
N ASP A 559 -40.39 -6.76 -15.21
CA ASP A 559 -41.64 -7.20 -15.80
C ASP A 559 -42.09 -8.45 -15.05
N LEU A 560 -43.02 -8.28 -14.12
CA LEU A 560 -43.39 -9.36 -13.23
C LEU A 560 -44.14 -10.51 -13.91
N SER A 561 -44.72 -10.24 -15.07
CA SER A 561 -45.33 -11.30 -15.85
C SER A 561 -44.32 -12.43 -16.17
N LEU A 562 -43.04 -12.09 -16.25
CA LEU A 562 -42.02 -13.07 -16.64
C LEU A 562 -41.85 -14.16 -15.61
N VAL A 563 -42.34 -13.94 -14.39
CA VAL A 563 -42.17 -14.93 -13.34
C VAL A 563 -43.50 -15.40 -12.77
N GLY A 564 -44.58 -15.15 -13.50
CA GLY A 564 -45.90 -15.55 -13.03
C GLY A 564 -46.46 -14.58 -11.99
N CYS A 565 -46.14 -13.29 -12.14
CA CYS A 565 -46.65 -12.26 -11.24
C CYS A 565 -46.29 -12.51 -9.76
N TYR A 566 -47.28 -12.56 -8.86
CA TYR A 566 -46.98 -12.70 -7.43
C TYR A 566 -47.13 -14.13 -6.93
N ASN A 567 -47.39 -15.05 -7.85
CA ASN A 567 -47.55 -16.46 -7.52
C ASN A 567 -46.22 -17.20 -7.44
N LEU A 568 -45.71 -17.39 -6.22
CA LEU A 568 -44.37 -17.96 -6.04
C LEU A 568 -44.28 -19.46 -6.37
N SER A 569 -45.43 -20.12 -6.55
CA SER A 569 -45.43 -21.54 -6.86
C SER A 569 -45.21 -21.82 -8.34
N THR A 570 -45.29 -20.78 -9.18
CA THR A 570 -45.18 -20.97 -10.63
C THR A 570 -43.78 -21.36 -11.07
N MET A 571 -42.76 -20.96 -10.30
CA MET A 571 -41.40 -21.42 -10.57
C MET A 571 -40.54 -21.37 -9.31
N ASN A 572 -39.37 -21.99 -9.39
CA ASN A 572 -38.45 -22.00 -8.25
C ASN A 572 -37.69 -20.69 -8.18
N GLU A 573 -37.13 -20.44 -7.00
CA GLU A 573 -36.36 -19.24 -6.75
C GLU A 573 -35.13 -19.17 -7.66
N SER A 574 -34.49 -20.31 -7.90
CA SER A 574 -33.32 -20.35 -8.77
C SER A 574 -33.61 -19.90 -10.21
N GLU A 575 -34.87 -20.01 -10.61
N GLU A 575 -34.88 -19.95 -10.61
CA GLU A 575 -35.35 -19.52 -11.91
CA GLU A 575 -35.29 -19.50 -11.93
C GLU A 575 -35.81 -18.07 -11.84
C GLU A 575 -35.91 -18.10 -11.92
N ARG A 576 -36.71 -17.80 -10.90
CA ARG A 576 -37.31 -16.48 -10.76
C ARG A 576 -36.29 -15.37 -10.53
N ASN A 577 -35.31 -15.63 -9.68
CA ASN A 577 -34.37 -14.60 -9.29
C ASN A 577 -33.53 -14.04 -10.44
N PRO A 578 -32.91 -14.93 -11.24
CA PRO A 578 -32.15 -14.34 -12.35
C PRO A 578 -33.03 -13.64 -13.38
N ILE A 579 -34.26 -14.09 -13.53
CA ILE A 579 -35.18 -13.42 -14.44
C ILE A 579 -35.53 -12.00 -13.98
N LEU A 580 -35.86 -11.87 -12.70
CA LEU A 580 -36.15 -10.58 -12.09
C LEU A 580 -34.98 -9.58 -12.23
N LEU A 581 -33.80 -10.02 -11.89
CA LEU A 581 -32.64 -9.15 -11.93
C LEU A 581 -32.32 -8.70 -13.34
N ALA A 582 -32.37 -9.65 -14.28
CA ALA A 582 -32.09 -9.29 -15.66
C ALA A 582 -33.14 -8.32 -16.20
N SER A 583 -34.40 -8.54 -15.84
CA SER A 583 -35.48 -7.69 -16.34
C SER A 583 -35.33 -6.29 -15.75
N ALA A 584 -35.06 -6.22 -14.45
CA ALA A 584 -34.88 -4.92 -13.80
C ALA A 584 -33.70 -4.16 -14.40
N LYS A 585 -32.58 -4.85 -14.63
CA LYS A 585 -31.39 -4.21 -15.19
C LYS A 585 -31.70 -3.65 -16.56
N SER A 586 -32.41 -4.43 -17.36
CA SER A 586 -32.71 -4.07 -18.73
C SER A 586 -33.67 -2.90 -18.77
N ASN A 587 -34.74 -2.98 -17.98
CA ASN A 587 -35.71 -1.91 -17.94
C ASN A 587 -35.09 -0.61 -17.42
N LEU A 588 -34.23 -0.73 -16.42
CA LEU A 588 -33.55 0.44 -15.87
C LEU A 588 -32.63 1.02 -16.93
N LYS A 589 -31.76 0.17 -17.50
CA LYS A 589 -30.78 0.63 -18.48
C LYS A 589 -31.47 1.33 -19.64
N ASN A 590 -32.64 0.84 -20.01
CA ASN A 590 -33.29 1.36 -21.21
C ASN A 590 -34.20 2.56 -20.97
N MET A 591 -34.39 2.94 -19.70
CA MET A 591 -35.04 4.21 -19.36
C MET A 591 -34.31 5.41 -19.91
N ALA A 592 -35.05 6.51 -20.09
CA ALA A 592 -34.47 7.77 -20.53
C ALA A 592 -33.42 8.28 -19.52
N PHE A 593 -33.71 8.09 -18.25
CA PHE A 593 -32.87 8.64 -17.18
C PHE A 593 -33.16 7.99 -15.83
N TYR A 594 -32.14 7.86 -14.99
CA TYR A 594 -32.39 7.63 -13.57
C TYR A 594 -31.31 8.32 -12.75
N GLY A 595 -31.67 8.59 -11.51
CA GLY A 595 -30.74 9.15 -10.55
C GLY A 595 -30.53 8.23 -9.37
N LEU A 596 -29.58 8.64 -8.53
CA LEU A 596 -29.27 7.95 -7.30
C LEU A 596 -29.39 8.93 -6.14
N THR A 597 -30.06 8.51 -5.07
CA THR A 597 -30.32 9.38 -3.91
C THR A 597 -29.01 9.97 -3.34
N GLU A 598 -27.95 9.17 -3.34
CA GLU A 598 -26.66 9.58 -2.73
C GLU A 598 -25.88 10.56 -3.59
N PHE A 599 -26.34 10.79 -4.82
CA PHE A 599 -25.65 11.69 -5.75
C PHE A 599 -26.61 12.74 -6.28
N GLN A 600 -27.09 13.63 -5.40
CA GLN A 600 -28.11 14.60 -5.78
C GLN A 600 -27.62 15.55 -6.85
N ARG A 601 -26.39 16.04 -6.72
CA ARG A 601 -25.87 16.99 -7.70
C ARG A 601 -25.64 16.34 -9.07
N LYS A 602 -25.10 15.12 -9.07
CA LYS A 602 -24.89 14.44 -10.33
C LYS A 602 -26.25 14.09 -10.96
N THR A 603 -27.22 13.75 -10.11
CA THR A 603 -28.55 13.46 -10.58
C THR A 603 -29.14 14.67 -11.30
N GLN A 604 -29.03 15.84 -10.67
CA GLN A 604 -29.50 17.06 -11.30
C GLN A 604 -28.83 17.28 -12.65
N TYR A 605 -27.50 17.19 -12.68
CA TYR A 605 -26.72 17.47 -13.89
C TYR A 605 -27.08 16.52 -15.05
N LEU A 606 -27.21 15.24 -14.76
CA LEU A 606 -27.53 14.28 -15.80
C LEU A 606 -28.96 14.46 -16.31
N PHE A 607 -29.89 14.80 -15.42
CA PHE A 607 -31.28 15.00 -15.85
C PHE A 607 -31.28 16.18 -16.82
N GLU A 608 -30.64 17.27 -16.41
CA GLU A 608 -30.55 18.50 -17.21
C GLU A 608 -29.99 18.24 -18.59
N ARG A 609 -28.90 17.49 -18.65
CA ARG A 609 -28.23 17.24 -19.92
C ARG A 609 -28.95 16.19 -20.77
N THR A 610 -29.70 15.30 -20.13
CA THR A 610 -30.46 14.31 -20.87
C THR A 610 -31.63 14.98 -21.60
N PHE A 611 -32.32 15.84 -20.87
CA PHE A 611 -33.56 16.39 -21.37
C PHE A 611 -33.43 17.82 -21.90
N HIS A 612 -32.23 18.39 -21.81
CA HIS A 612 -31.98 19.76 -22.26
C HIS A 612 -32.92 20.72 -21.53
N LEU A 613 -32.91 20.61 -20.20
CA LEU A 613 -33.72 21.42 -19.31
C LEU A 613 -32.77 21.94 -18.25
N ARG A 614 -33.16 22.99 -17.52
CA ARG A 614 -32.41 23.42 -16.34
C ARG A 614 -33.33 23.65 -15.16
N PHE A 615 -32.81 23.36 -13.97
CA PHE A 615 -33.55 23.62 -12.74
C PHE A 615 -33.25 25.03 -12.23
N ILE A 616 -34.15 25.57 -11.42
CA ILE A 616 -34.02 26.92 -10.87
C ILE A 616 -33.03 26.93 -9.71
N SER A 617 -33.28 26.11 -8.70
CA SER A 617 -32.38 25.99 -7.57
C SER A 617 -31.64 24.64 -7.63
N ALA A 618 -30.39 24.66 -7.18
CA ALA A 618 -29.58 23.45 -7.15
C ALA A 618 -30.18 22.41 -6.22
N PHE A 619 -30.09 21.14 -6.61
CA PHE A 619 -30.40 20.05 -5.70
C PHE A 619 -29.43 20.10 -4.54
N THR A 620 -29.80 19.52 -3.41
CA THR A 620 -28.89 19.47 -2.28
C THR A 620 -28.85 18.08 -1.67
N GLN A 621 -27.69 17.74 -1.11
CA GLN A 621 -27.47 16.44 -0.49
C GLN A 621 -27.81 16.52 1.00
N ILE A 622 -28.71 15.65 1.46
CA ILE A 622 -29.03 15.52 2.87
C ILE A 622 -28.43 14.25 3.42
N ASN A 623 -27.38 14.37 4.19
CA ASN A 623 -26.71 13.22 4.75
C ASN A 623 -27.43 12.67 6.00
N SER A 624 -28.07 13.55 6.77
CA SER A 624 -28.62 13.13 8.05
C SER A 624 -30.03 12.56 7.91
N THR A 625 -30.13 11.41 7.24
CA THR A 625 -31.41 10.77 7.01
C THR A 625 -31.79 9.90 8.19
N ARG A 626 -33.03 9.44 8.22
CA ARG A 626 -33.46 8.54 9.29
C ARG A 626 -32.73 7.21 9.20
N ALA A 627 -32.46 6.75 7.99
CA ALA A 627 -31.68 5.53 7.81
C ALA A 627 -30.27 5.67 8.41
N ALA A 628 -29.61 6.79 8.11
CA ALA A 628 -28.23 7.04 8.56
C ALA A 628 -28.13 7.02 10.08
N ASN A 629 -29.25 7.33 10.74
CA ASN A 629 -29.27 7.44 12.20
C ASN A 629 -29.45 6.09 12.90
N VAL A 630 -29.74 5.03 12.14
CA VAL A 630 -29.85 3.70 12.72
C VAL A 630 -28.45 3.16 13.00
N GLU A 631 -28.22 2.73 14.24
CA GLU A 631 -26.95 2.10 14.58
C GLU A 631 -27.06 0.65 14.18
N LEU A 632 -26.23 0.22 13.24
CA LEU A 632 -26.37 -1.07 12.61
C LEU A 632 -25.15 -1.95 12.86
N ARG A 633 -25.34 -3.05 13.59
CA ARG A 633 -24.32 -4.10 13.71
C ARG A 633 -24.03 -4.72 12.33
N ASP A 634 -22.76 -5.04 12.07
CA ASP A 634 -22.38 -5.65 10.79
C ASP A 634 -23.21 -6.90 10.46
N ASP A 635 -23.46 -7.74 11.46
CA ASP A 635 -24.21 -8.96 11.20
C ASP A 635 -25.63 -8.64 10.75
N MET A 636 -26.20 -7.57 11.28
CA MET A 636 -27.55 -7.19 10.90
C MET A 636 -27.55 -6.50 9.55
N ARG A 637 -26.52 -5.74 9.25
CA ARG A 637 -26.36 -5.16 7.93
C ARG A 637 -26.28 -6.30 6.91
N SER A 638 -25.56 -7.35 7.27
CA SER A 638 -25.37 -8.49 6.39
C SER A 638 -26.69 -9.19 6.10
N ARG A 639 -27.53 -9.33 7.12
N ARG A 639 -27.53 -9.30 7.13
CA ARG A 639 -28.82 -9.96 6.92
CA ARG A 639 -28.84 -9.94 6.98
C ARG A 639 -29.70 -9.11 6.00
C ARG A 639 -29.75 -9.11 6.08
N ILE A 640 -29.64 -7.80 6.18
CA ILE A 640 -30.42 -6.90 5.34
C ILE A 640 -29.95 -7.02 3.90
N GLU A 641 -28.65 -7.12 3.69
CA GLU A 641 -28.10 -7.36 2.34
C GLU A 641 -28.59 -8.68 1.75
N GLN A 642 -28.66 -9.72 2.56
CA GLN A 642 -29.11 -11.01 2.11
C GLN A 642 -30.61 -11.00 1.78
N LEU A 643 -31.42 -10.30 2.57
CA LEU A 643 -32.83 -10.15 2.26
C LEU A 643 -33.05 -9.33 0.99
N ASN A 644 -32.06 -8.52 0.63
CA ASN A 644 -32.17 -7.62 -0.53
C ASN A 644 -31.08 -7.91 -1.55
N MET A 645 -30.76 -9.19 -1.71
CA MET A 645 -29.61 -9.53 -2.52
C MET A 645 -29.79 -9.15 -3.99
N LEU A 646 -31.02 -9.25 -4.50
CA LEU A 646 -31.28 -8.83 -5.87
C LEU A 646 -31.07 -7.32 -5.99
N ASP A 647 -31.62 -6.55 -5.03
CA ASP A 647 -31.38 -5.13 -5.04
C ASP A 647 -29.93 -4.80 -4.91
N MET A 648 -29.16 -5.57 -4.14
CA MET A 648 -27.75 -5.23 -3.95
C MET A 648 -27.02 -5.31 -5.30
N GLN A 649 -27.36 -6.33 -6.07
CA GLN A 649 -26.78 -6.51 -7.39
C GLN A 649 -27.25 -5.45 -8.38
N LEU A 650 -28.54 -5.11 -8.32
CA LEU A 650 -29.05 -4.05 -9.19
C LEU A 650 -28.35 -2.75 -8.90
N TYR A 651 -28.22 -2.44 -7.61
CA TYR A 651 -27.62 -1.16 -7.25
C TYR A 651 -26.14 -1.05 -7.62
N GLU A 652 -25.40 -2.15 -7.49
CA GLU A 652 -24.00 -2.16 -7.93
C GLU A 652 -23.93 -1.82 -9.43
N PHE A 653 -24.74 -2.51 -10.22
CA PHE A 653 -24.88 -2.25 -11.66
C PHE A 653 -25.29 -0.78 -11.94
N ALA A 654 -26.32 -0.32 -11.24
CA ALA A 654 -26.89 1.01 -11.48
C ALA A 654 -25.91 2.13 -11.13
N LYS A 655 -25.17 1.94 -10.05
CA LYS A 655 -24.23 2.93 -9.57
C LYS A 655 -23.11 3.09 -10.58
N ASP A 656 -22.57 1.97 -11.03
CA ASP A 656 -21.48 2.01 -11.99
C ASP A 656 -21.88 2.63 -13.32
N LEU A 657 -23.04 2.25 -13.83
CA LEU A 657 -23.56 2.84 -15.06
C LEU A 657 -23.85 4.35 -14.87
N PHE A 658 -24.48 4.70 -13.77
CA PHE A 658 -24.76 6.11 -13.47
C PHE A 658 -23.45 6.93 -13.44
N LEU A 659 -22.44 6.40 -12.77
CA LEU A 659 -21.20 7.14 -12.63
C LEU A 659 -20.43 7.18 -13.96
N GLN A 660 -20.53 6.12 -14.76
CA GLN A 660 -19.92 6.15 -16.09
C GLN A 660 -20.68 7.13 -17.00
N ARG A 661 -21.99 7.22 -16.84
CA ARG A 661 -22.75 8.20 -17.61
C ARG A 661 -22.32 9.61 -17.24
N TYR A 662 -22.22 9.89 -15.95
CA TYR A 662 -21.77 11.20 -15.48
C TYR A 662 -20.43 11.59 -16.07
N GLN A 663 -19.46 10.68 -15.99
CA GLN A 663 -18.12 10.98 -16.47
C GLN A 663 -18.12 11.21 -17.97
N PHE A 664 -18.92 10.43 -18.69
CA PHE A 664 -18.97 10.50 -20.14
C PHE A 664 -19.54 11.84 -20.58
N VAL A 665 -20.65 12.21 -19.98
CA VAL A 665 -21.33 13.46 -20.33
C VAL A 665 -20.49 14.67 -19.96
N ARG A 666 -19.94 14.68 -18.76
CA ARG A 666 -19.08 15.77 -18.32
C ARG A 666 -17.88 15.97 -19.25
N GLN A 667 -17.20 14.87 -19.58
CA GLN A 667 -16.03 14.93 -20.45
C GLN A 667 -16.40 15.51 -21.81
N ARG A 668 -17.51 15.02 -22.38
CA ARG A 668 -17.95 15.51 -23.67
C ARG A 668 -18.19 17.01 -23.57
N GLU A 669 -18.86 17.45 -22.51
CA GLU A 669 -19.21 18.85 -22.38
C GLU A 669 -17.97 19.73 -22.22
N ARG A 670 -17.01 19.28 -21.42
CA ARG A 670 -15.74 19.97 -21.27
C ARG A 670 -14.99 20.08 -22.60
N GLN A 671 -14.96 19.00 -23.38
CA GLN A 671 -14.34 19.03 -24.71
C GLN A 671 -15.01 20.05 -25.65
N GLU A 672 -16.35 20.08 -25.64
CA GLU A 672 -17.10 21.05 -26.42
C GLU A 672 -16.76 22.50 -26.06
N GLU A 673 -16.70 22.80 -24.77
CA GLU A 673 -16.30 24.13 -24.32
C GLU A 673 -14.93 24.46 -24.89
N ARG A 674 -13.97 23.56 -24.72
CA ARG A 674 -12.62 23.74 -25.24
C ARG A 674 -12.55 24.02 -26.74
N LEU A 675 -13.38 23.33 -27.52
CA LEU A 675 -13.43 23.52 -28.96
C LEU A 675 -13.90 24.93 -29.32
N LYS A 676 -14.94 25.38 -28.61
CA LYS A 676 -15.47 26.72 -28.82
C LYS A 676 -14.42 27.78 -28.50
N ARG A 677 -13.66 27.56 -27.42
CA ARG A 677 -12.60 28.46 -27.02
C ARG A 677 -11.45 28.46 -28.02
N ARG A 678 -11.15 27.28 -28.55
CA ARG A 678 -10.10 27.11 -29.55
C ARG A 678 -10.44 27.87 -30.83
N GLU A 679 -11.73 27.94 -31.15
CA GLU A 679 -12.20 28.68 -32.31
C GLU A 679 -12.00 30.17 -32.11
N GLU A 680 -12.30 30.64 -30.90
CA GLU A 680 -12.14 32.05 -30.55
C GLU A 680 -10.78 32.30 -29.92
N ILE B 3 15.80 -7.04 -22.39
CA ILE B 3 14.61 -6.39 -22.94
C ILE B 3 14.33 -6.93 -24.33
N GLU B 4 13.05 -7.12 -24.65
CA GLU B 4 12.63 -7.77 -25.89
C GLU B 4 12.37 -6.76 -27.01
N GLU B 5 13.04 -6.98 -28.15
CA GLU B 5 12.96 -6.06 -29.28
C GLU B 5 11.65 -6.25 -30.04
N GLY B 6 11.16 -5.16 -30.65
CA GLY B 6 9.93 -5.20 -31.42
C GLY B 6 8.67 -4.93 -30.61
N LYS B 7 8.82 -4.66 -29.32
CA LYS B 7 7.70 -4.30 -28.45
C LYS B 7 8.12 -3.20 -27.46
N LEU B 8 7.15 -2.51 -26.86
CA LEU B 8 7.44 -1.54 -25.79
C LEU B 8 6.87 -1.98 -24.44
N VAL B 9 7.70 -1.92 -23.41
CA VAL B 9 7.26 -2.11 -22.04
C VAL B 9 7.45 -0.82 -21.24
N ILE B 10 6.39 -0.37 -20.60
CA ILE B 10 6.36 0.92 -19.89
C ILE B 10 6.03 0.73 -18.43
N TRP B 11 6.83 1.34 -17.55
CA TRP B 11 6.51 1.42 -16.12
C TRP B 11 6.07 2.82 -15.73
N ILE B 12 5.02 2.88 -14.91
CA ILE B 12 4.47 4.13 -14.46
C ILE B 12 3.81 3.86 -13.10
N ASN B 13 3.82 4.84 -12.20
CA ASN B 13 3.32 4.61 -10.86
C ASN B 13 1.81 4.38 -10.82
N GLY B 14 1.37 3.61 -9.82
CA GLY B 14 -0.01 3.17 -9.76
C GLY B 14 -1.02 4.25 -9.43
N ASP B 15 -0.55 5.44 -9.06
CA ASP B 15 -1.47 6.56 -8.82
C ASP B 15 -1.70 7.43 -10.06
N LYS B 16 -1.08 7.08 -11.18
CA LYS B 16 -1.22 7.87 -12.40
C LYS B 16 -2.19 7.19 -13.36
N GLY B 17 -2.52 7.87 -14.46
CA GLY B 17 -3.52 7.40 -15.41
C GLY B 17 -3.05 6.28 -16.31
N TYR B 18 -2.69 5.15 -15.72
CA TYR B 18 -2.09 4.10 -16.52
C TYR B 18 -3.06 3.45 -17.49
N ASN B 19 -4.36 3.51 -17.19
CA ASN B 19 -5.32 2.97 -18.15
C ASN B 19 -5.45 3.87 -19.37
N GLY B 20 -5.40 5.18 -19.14
CA GLY B 20 -5.37 6.12 -20.25
C GLY B 20 -4.12 5.92 -21.09
N LEU B 21 -2.98 5.73 -20.43
CA LEU B 21 -1.72 5.54 -21.13
C LEU B 21 -1.77 4.31 -22.04
N ALA B 22 -2.37 3.24 -21.52
CA ALA B 22 -2.57 2.02 -22.28
C ALA B 22 -3.41 2.26 -23.54
N GLU B 23 -4.44 3.11 -23.44
CA GLU B 23 -5.23 3.49 -24.61
C GLU B 23 -4.33 4.13 -25.66
N VAL B 24 -3.36 4.92 -25.21
CA VAL B 24 -2.41 5.52 -26.15
C VAL B 24 -1.55 4.41 -26.79
N GLY B 25 -1.15 3.43 -25.99
CA GLY B 25 -0.41 2.29 -26.51
C GLY B 25 -1.20 1.45 -27.50
N LYS B 26 -2.51 1.37 -27.30
CA LYS B 26 -3.40 0.66 -28.19
C LYS B 26 -3.50 1.35 -29.56
N LYS B 27 -3.56 2.69 -29.55
CA LYS B 27 -3.56 3.44 -30.80
C LYS B 27 -2.22 3.25 -31.50
N PHE B 28 -1.14 3.22 -30.73
CA PHE B 28 0.20 3.04 -31.31
C PHE B 28 0.28 1.70 -32.03
N GLU B 29 -0.22 0.65 -31.36
CA GLU B 29 -0.24 -0.69 -31.94
C GLU B 29 -1.11 -0.77 -33.19
N LYS B 30 -2.27 -0.14 -33.14
CA LYS B 30 -3.18 -0.11 -34.28
C LYS B 30 -2.49 0.50 -35.49
N ASP B 31 -1.78 1.59 -35.25
CA ASP B 31 -1.11 2.34 -36.30
C ASP B 31 0.18 1.69 -36.78
N THR B 32 0.91 1.04 -35.88
CA THR B 32 2.26 0.56 -36.20
C THR B 32 2.45 -0.94 -36.04
N GLY B 33 1.46 -1.62 -35.47
CA GLY B 33 1.58 -3.05 -35.21
C GLY B 33 2.40 -3.37 -33.97
N ILE B 34 3.06 -2.37 -33.40
CA ILE B 34 3.92 -2.57 -32.24
C ILE B 34 3.10 -2.60 -30.96
N LYS B 35 3.22 -3.69 -30.21
CA LYS B 35 2.42 -3.84 -29.01
C LYS B 35 3.06 -3.03 -27.87
N VAL B 36 2.23 -2.36 -27.08
CA VAL B 36 2.71 -1.65 -25.90
C VAL B 36 2.06 -2.26 -24.67
N THR B 37 2.89 -2.55 -23.67
CA THR B 37 2.40 -3.03 -22.38
C THR B 37 2.72 -2.02 -21.27
N VAL B 38 1.68 -1.55 -20.59
CA VAL B 38 1.84 -0.63 -19.47
C VAL B 38 1.79 -1.41 -18.15
N GLU B 39 2.80 -1.24 -17.31
CA GLU B 39 2.84 -1.88 -15.99
C GLU B 39 2.96 -0.84 -14.89
N HIS B 40 2.44 -1.15 -13.70
CA HIS B 40 2.64 -0.27 -12.55
C HIS B 40 3.14 -1.02 -11.32
N PRO B 41 4.35 -1.59 -11.42
CA PRO B 41 4.92 -2.33 -10.30
C PRO B 41 5.08 -1.47 -9.07
N ASP B 42 4.93 -2.10 -7.92
CA ASP B 42 5.22 -1.45 -6.67
C ASP B 42 6.72 -1.15 -6.63
N LYS B 43 7.11 -0.01 -6.07
CA LYS B 43 8.52 0.35 -5.91
C LYS B 43 9.31 0.40 -7.22
N LEU B 44 8.64 0.73 -8.33
CA LEU B 44 9.26 0.71 -9.64
C LEU B 44 10.50 1.62 -9.69
N GLU B 45 10.48 2.68 -8.88
CA GLU B 45 11.55 3.65 -8.90
C GLU B 45 12.83 3.10 -8.21
N GLU B 46 12.67 2.05 -7.41
CA GLU B 46 13.81 1.36 -6.79
C GLU B 46 14.23 0.17 -7.65
N LYS B 47 13.24 -0.51 -8.22
CA LYS B 47 13.53 -1.66 -9.08
C LYS B 47 14.23 -1.27 -10.37
N PHE B 48 13.88 -0.11 -10.92
CA PHE B 48 14.46 0.29 -12.20
C PHE B 48 15.99 0.27 -12.16
N PRO B 49 16.59 0.95 -11.18
CA PRO B 49 18.06 1.00 -11.15
C PRO B 49 18.72 -0.36 -10.98
N GLN B 50 18.09 -1.27 -10.24
CA GLN B 50 18.64 -2.60 -10.06
C GLN B 50 18.59 -3.37 -11.36
N VAL B 51 17.39 -3.48 -11.93
CA VAL B 51 17.21 -4.30 -13.12
C VAL B 51 17.83 -3.67 -14.36
N ALA B 52 17.90 -2.35 -14.41
CA ALA B 52 18.46 -1.67 -15.58
C ALA B 52 19.97 -1.79 -15.60
N ALA B 53 20.58 -1.93 -14.42
CA ALA B 53 22.03 -2.07 -14.31
C ALA B 53 22.51 -3.34 -15.00
N THR B 54 21.66 -4.37 -15.02
CA THR B 54 21.96 -5.64 -15.66
C THR B 54 21.37 -5.71 -17.06
N GLY B 55 21.18 -4.56 -17.69
CA GLY B 55 20.65 -4.52 -19.05
C GLY B 55 19.23 -5.03 -19.14
N ASP B 56 18.46 -4.84 -18.07
CA ASP B 56 17.06 -5.27 -18.04
C ASP B 56 16.09 -4.13 -17.76
N GLY B 57 14.81 -4.46 -17.62
CA GLY B 57 13.79 -3.51 -17.23
C GLY B 57 12.89 -3.05 -18.37
N PRO B 58 12.10 -1.99 -18.12
CA PRO B 58 11.18 -1.48 -19.16
C PRO B 58 11.95 -0.68 -20.20
N ASP B 59 11.36 -0.48 -21.38
CA ASP B 59 11.93 0.45 -22.35
C ASP B 59 11.81 1.87 -21.83
N ILE B 60 10.68 2.15 -21.19
CA ILE B 60 10.33 3.50 -20.73
C ILE B 60 9.95 3.48 -19.27
N ILE B 61 10.49 4.42 -18.50
CA ILE B 61 10.08 4.59 -17.10
C ILE B 61 9.56 5.99 -16.84
N PHE B 62 8.40 6.05 -16.17
CA PHE B 62 7.80 7.30 -15.73
C PHE B 62 8.03 7.50 -14.25
N TRP B 63 8.42 8.71 -13.87
CA TRP B 63 8.48 9.12 -12.47
C TRP B 63 8.68 10.62 -12.49
N ALA B 64 8.47 11.28 -11.35
CA ALA B 64 8.86 12.67 -11.22
C ALA B 64 10.36 12.77 -11.51
N HIS B 65 10.78 13.92 -12.02
CA HIS B 65 12.16 14.13 -12.47
C HIS B 65 13.22 13.96 -11.37
N ASP B 66 12.82 14.04 -10.10
CA ASP B 66 13.82 14.06 -9.03
C ASP B 66 14.63 12.77 -9.01
N ARG B 67 14.06 11.69 -9.52
CA ARG B 67 14.74 10.41 -9.55
C ARG B 67 15.75 10.24 -10.67
N PHE B 68 15.68 11.07 -11.71
CA PHE B 68 16.37 10.75 -12.95
C PHE B 68 17.87 11.07 -12.95
N GLY B 69 18.30 12.09 -12.20
CA GLY B 69 19.74 12.38 -12.12
C GLY B 69 20.52 11.22 -11.55
N GLY B 70 19.94 10.53 -10.57
CA GLY B 70 20.51 9.27 -10.08
C GLY B 70 20.60 8.21 -11.17
N TYR B 71 19.57 8.07 -11.98
CA TYR B 71 19.60 7.04 -13.02
C TYR B 71 20.65 7.43 -14.07
N ALA B 72 20.66 8.71 -14.43
CA ALA B 72 21.62 9.19 -15.43
C ALA B 72 23.07 9.02 -14.99
N GLN B 73 23.38 9.35 -13.73
N GLN B 73 23.36 9.38 -13.73
CA GLN B 73 24.77 9.25 -13.29
CA GLN B 73 24.71 9.24 -13.17
C GLN B 73 25.23 7.80 -13.30
C GLN B 73 25.20 7.82 -13.36
N SER B 74 24.29 6.86 -13.13
CA SER B 74 24.62 5.45 -13.20
C SER B 74 24.56 4.93 -14.63
N GLY B 75 24.33 5.83 -15.58
CA GLY B 75 24.33 5.46 -16.99
C GLY B 75 23.16 4.61 -17.47
N LEU B 76 21.99 4.78 -16.85
CA LEU B 76 20.85 3.92 -17.16
C LEU B 76 19.86 4.50 -18.18
N LEU B 77 20.14 5.72 -18.64
CA LEU B 77 19.19 6.46 -19.48
C LEU B 77 19.76 6.87 -20.85
N ALA B 78 18.99 6.64 -21.90
CA ALA B 78 19.30 7.18 -23.22
C ALA B 78 19.24 8.71 -23.25
N GLU B 79 20.26 9.35 -23.81
CA GLU B 79 20.18 10.80 -24.02
C GLU B 79 19.05 11.11 -24.98
N ILE B 80 18.32 12.18 -24.67
CA ILE B 80 17.22 12.61 -25.53
C ILE B 80 17.69 13.80 -26.35
N THR B 81 17.59 13.69 -27.68
CA THR B 81 18.02 14.75 -28.61
C THR B 81 16.94 15.06 -29.63
N PRO B 82 15.88 15.78 -29.25
CA PRO B 82 14.84 16.03 -30.23
C PRO B 82 15.16 17.21 -31.14
N ALA B 83 14.50 17.28 -32.29
CA ALA B 83 14.61 18.45 -33.14
C ALA B 83 14.11 19.69 -32.40
N ALA B 84 14.73 20.83 -32.70
CA ALA B 84 14.28 22.10 -32.15
C ALA B 84 12.78 22.31 -32.27
N ALA B 85 12.19 21.92 -33.41
CA ALA B 85 10.75 22.12 -33.61
C ALA B 85 9.95 21.36 -32.56
N PHE B 86 10.38 20.15 -32.23
CA PHE B 86 9.71 19.38 -31.17
C PHE B 86 9.95 19.98 -29.80
N GLN B 87 11.21 20.30 -29.52
CA GLN B 87 11.56 20.88 -28.24
C GLN B 87 10.77 22.18 -27.97
N ASP B 88 10.50 22.97 -29.00
CA ASP B 88 9.72 24.19 -28.82
C ASP B 88 8.25 23.93 -28.45
N LYS B 89 7.77 22.70 -28.63
CA LYS B 89 6.38 22.37 -28.33
C LYS B 89 6.10 22.21 -26.82
N LEU B 90 7.18 22.14 -26.05
CA LEU B 90 7.10 21.92 -24.59
C LEU B 90 7.75 23.12 -23.89
N TYR B 91 7.28 23.45 -22.68
CA TYR B 91 7.78 24.62 -21.96
C TYR B 91 9.27 24.43 -21.61
N PRO B 92 10.10 25.47 -21.80
CA PRO B 92 11.52 25.33 -21.45
C PRO B 92 11.76 24.90 -20.00
N PHE B 93 10.92 25.35 -19.06
CA PHE B 93 11.17 25.02 -17.66
C PHE B 93 10.92 23.55 -17.39
N THR B 94 10.14 22.90 -18.25
CA THR B 94 9.95 21.47 -18.09
C THR B 94 11.14 20.71 -18.64
N TRP B 95 11.72 21.18 -19.74
CA TRP B 95 12.95 20.57 -20.22
C TRP B 95 14.05 20.81 -19.17
N ASP B 96 14.03 21.96 -18.51
CA ASP B 96 15.05 22.27 -17.49
C ASP B 96 15.06 21.17 -16.39
N ALA B 97 13.88 20.70 -16.03
CA ALA B 97 13.73 19.69 -14.99
C ALA B 97 14.37 18.37 -15.37
N VAL B 98 14.49 18.09 -16.67
CA VAL B 98 15.05 16.81 -17.13
C VAL B 98 16.44 16.97 -17.81
N ARG B 99 17.11 18.06 -17.51
CA ARG B 99 18.49 18.22 -17.96
C ARG B 99 19.42 17.87 -16.79
N TYR B 100 20.38 16.97 -17.06
CA TYR B 100 21.41 16.57 -16.10
C TYR B 100 22.79 16.67 -16.75
N ASN B 101 23.69 17.43 -16.15
CA ASN B 101 25.03 17.63 -16.72
C ASN B 101 24.98 17.99 -18.21
N GLY B 102 24.10 18.94 -18.54
CA GLY B 102 24.01 19.49 -19.88
C GLY B 102 23.23 18.68 -20.91
N LYS B 103 22.87 17.45 -20.58
CA LYS B 103 22.12 16.56 -21.47
C LYS B 103 20.65 16.38 -21.05
N LEU B 104 19.73 16.36 -22.01
CA LEU B 104 18.35 15.97 -21.74
C LEU B 104 18.30 14.46 -21.56
N ILE B 105 17.73 14.00 -20.45
CA ILE B 105 17.73 12.58 -20.11
C ILE B 105 16.32 11.98 -20.00
N ALA B 106 15.30 12.79 -20.26
CA ALA B 106 13.92 12.30 -20.30
C ALA B 106 13.05 13.27 -21.08
N TYR B 107 11.83 12.84 -21.44
CA TYR B 107 10.80 13.76 -21.95
C TYR B 107 9.92 14.24 -20.80
N PRO B 108 9.75 15.57 -20.66
CA PRO B 108 8.84 16.02 -19.60
C PRO B 108 7.39 15.91 -20.04
N ILE B 109 6.48 15.63 -19.12
CA ILE B 109 5.09 15.32 -19.47
C ILE B 109 4.17 16.31 -18.81
N ALA B 110 4.34 16.51 -17.50
CA ALA B 110 3.43 17.35 -16.74
C ALA B 110 4.00 17.83 -15.40
N VAL B 111 3.63 19.03 -15.01
CA VAL B 111 4.05 19.63 -13.76
C VAL B 111 3.02 19.33 -12.67
N GLU B 112 3.53 18.84 -11.52
CA GLU B 112 2.72 18.48 -10.35
C GLU B 112 3.08 19.31 -9.14
N ALA B 113 2.07 19.74 -8.39
CA ALA B 113 2.26 20.36 -7.09
C ALA B 113 1.05 20.04 -6.22
N LEU B 114 1.29 19.84 -4.94
CA LEU B 114 0.22 19.63 -3.97
C LEU B 114 -0.60 20.90 -3.76
N SER B 115 -1.90 20.70 -3.54
CA SER B 115 -2.79 21.78 -3.17
C SER B 115 -3.61 21.39 -1.96
N LEU B 116 -4.25 22.37 -1.35
CA LEU B 116 -5.25 22.10 -0.32
C LEU B 116 -6.56 21.77 -1.00
N ILE B 117 -7.06 20.58 -0.76
CA ILE B 117 -8.36 20.17 -1.27
C ILE B 117 -9.38 20.22 -0.13
N TYR B 118 -10.48 20.94 -0.32
CA TYR B 118 -11.46 21.12 0.75
C TYR B 118 -12.91 20.82 0.33
N ASN B 119 -13.68 20.29 1.28
CA ASN B 119 -15.12 20.03 1.12
C ASN B 119 -15.94 21.31 1.34
N LYS B 120 -16.45 21.87 0.25
CA LYS B 120 -17.17 23.15 0.29
C LYS B 120 -18.46 23.12 1.12
N ASP B 121 -19.02 21.93 1.30
CA ASP B 121 -20.24 21.80 2.12
C ASP B 121 -19.89 21.82 3.61
N LEU B 122 -18.82 21.13 4.01
CA LEU B 122 -18.37 21.20 5.41
C LEU B 122 -17.67 22.52 5.73
N LEU B 123 -17.13 23.18 4.72
CA LEU B 123 -16.16 24.25 4.94
C LEU B 123 -16.11 25.25 3.77
N PRO B 124 -17.10 26.15 3.69
CA PRO B 124 -17.16 27.02 2.51
C PRO B 124 -16.01 28.02 2.44
N ASN B 125 -15.45 28.38 3.58
CA ASN B 125 -14.32 29.31 3.66
C ASN B 125 -13.11 28.59 4.26
N PRO B 126 -12.26 28.00 3.41
CA PRO B 126 -11.16 27.22 3.96
C PRO B 126 -10.11 28.10 4.66
N PRO B 127 -9.35 27.54 5.61
CA PRO B 127 -8.38 28.30 6.41
C PRO B 127 -7.20 28.83 5.58
N LYS B 128 -6.82 30.08 5.83
CA LYS B 128 -5.68 30.68 5.14
C LYS B 128 -4.37 30.34 5.85
N THR B 129 -4.45 29.85 7.09
CA THR B 129 -3.26 29.54 7.88
C THR B 129 -3.35 28.17 8.51
N TRP B 130 -2.20 27.54 8.72
CA TRP B 130 -2.11 26.30 9.48
C TRP B 130 -2.53 26.55 10.92
N GLU B 131 -2.21 27.74 11.42
CA GLU B 131 -2.43 28.08 12.81
C GLU B 131 -3.90 27.95 13.23
N GLU B 132 -4.82 28.31 12.34
CA GLU B 132 -6.23 28.28 12.69
C GLU B 132 -6.87 26.88 12.54
N ILE B 133 -6.05 25.87 12.27
CA ILE B 133 -6.58 24.51 12.05
C ILE B 133 -7.04 23.76 13.31
N PRO B 134 -6.21 23.75 14.38
CA PRO B 134 -6.64 23.12 15.65
C PRO B 134 -8.05 23.54 16.10
N ALA B 135 -8.35 24.84 16.03
CA ALA B 135 -9.64 25.36 16.47
C ALA B 135 -10.76 24.88 15.54
N LEU B 136 -10.49 24.89 14.24
CA LEU B 136 -11.42 24.41 13.25
C LEU B 136 -11.69 22.92 13.47
N ASP B 137 -10.65 22.17 13.82
CA ASP B 137 -10.83 20.76 14.10
C ASP B 137 -11.73 20.55 15.33
N LYS B 138 -11.62 21.46 16.29
CA LYS B 138 -12.47 21.42 17.49
C LYS B 138 -13.93 21.57 17.12
N GLU B 139 -14.25 22.57 16.32
CA GLU B 139 -15.62 22.81 15.88
C GLU B 139 -16.16 21.59 15.14
N LEU B 140 -15.32 21.00 14.31
CA LEU B 140 -15.76 19.89 13.46
C LEU B 140 -15.93 18.57 14.20
N LYS B 141 -15.11 18.31 15.22
CA LYS B 141 -15.21 17.05 15.95
C LYS B 141 -16.53 16.99 16.71
N ALA B 142 -17.12 18.16 16.96
CA ALA B 142 -18.42 18.26 17.59
C ALA B 142 -19.52 17.74 16.66
N LYS B 143 -19.34 17.97 15.36
CA LYS B 143 -20.27 17.51 14.33
C LYS B 143 -19.92 16.11 13.83
N GLY B 144 -19.03 15.42 14.53
CA GLY B 144 -18.61 14.08 14.16
C GLY B 144 -17.68 14.05 12.95
N LYS B 145 -17.03 15.18 12.68
CA LYS B 145 -16.12 15.29 11.53
C LYS B 145 -14.69 15.58 12.00
N SER B 146 -13.78 15.79 11.05
CA SER B 146 -12.44 16.30 11.35
C SER B 146 -12.02 17.36 10.32
N ALA B 147 -11.05 18.19 10.68
CA ALA B 147 -10.63 19.28 9.82
C ALA B 147 -9.79 18.79 8.65
N LEU B 148 -8.80 17.97 8.94
CA LEU B 148 -7.78 17.67 7.95
C LEU B 148 -7.22 16.27 8.10
N MET B 149 -7.12 15.57 6.97
CA MET B 149 -6.41 14.31 6.92
C MET B 149 -5.60 14.26 5.64
N PHE B 150 -4.33 13.90 5.74
CA PHE B 150 -3.51 13.70 4.56
C PHE B 150 -2.42 12.69 4.86
N ASN B 151 -1.79 12.18 3.82
CA ASN B 151 -0.80 11.13 3.97
C ASN B 151 0.41 11.58 4.79
N LEU B 152 0.63 10.92 5.93
CA LEU B 152 1.71 11.28 6.84
C LEU B 152 2.86 10.28 6.73
N GLN B 153 2.73 9.28 5.86
CA GLN B 153 3.76 8.27 5.67
C GLN B 153 4.82 8.64 4.62
N GLU B 154 4.48 9.58 3.73
CA GLU B 154 5.40 10.02 2.66
C GLU B 154 5.78 11.49 2.86
N PRO B 155 7.10 11.78 2.91
CA PRO B 155 7.56 13.15 3.24
C PRO B 155 7.14 14.21 2.23
N TYR B 156 6.85 13.78 1.00
CA TYR B 156 6.31 14.66 -0.03
C TYR B 156 5.17 15.53 0.51
N PHE B 157 4.30 14.92 1.32
CA PHE B 157 3.07 15.59 1.76
C PHE B 157 3.28 16.53 2.94
N THR B 158 4.31 16.24 3.75
CA THR B 158 4.62 17.07 4.91
C THR B 158 5.69 18.14 4.60
N TRP B 159 6.52 17.89 3.60
CA TRP B 159 7.55 18.86 3.21
C TRP B 159 7.08 20.32 3.03
N PRO B 160 5.89 20.54 2.43
CA PRO B 160 5.46 21.93 2.25
C PRO B 160 5.39 22.74 3.57
N LEU B 161 5.01 22.07 4.65
CA LEU B 161 4.95 22.71 5.95
C LEU B 161 6.37 22.88 6.51
N ILE B 162 7.18 21.83 6.40
CA ILE B 162 8.56 21.86 6.88
C ILE B 162 9.35 23.00 6.24
N ALA B 163 9.11 23.25 4.95
CA ALA B 163 9.89 24.21 4.20
C ALA B 163 9.38 25.66 4.35
N ALA B 164 8.15 25.83 4.83
CA ALA B 164 7.53 27.16 4.89
C ALA B 164 8.38 28.22 5.61
N ASP B 165 8.88 27.87 6.80
CA ASP B 165 9.59 28.84 7.65
C ASP B 165 11.11 28.80 7.46
N GLY B 166 11.61 27.81 6.72
CA GLY B 166 13.03 27.80 6.40
C GLY B 166 13.66 26.48 5.99
N GLY B 167 12.95 25.37 6.17
CA GLY B 167 13.49 24.09 5.75
C GLY B 167 13.88 24.12 4.28
N TYR B 168 14.97 23.45 3.95
CA TYR B 168 15.34 23.25 2.55
C TYR B 168 16.08 21.94 2.40
N ALA B 169 16.13 21.43 1.18
CA ALA B 169 16.86 20.20 0.92
C ALA B 169 18.33 20.59 0.77
N PHE B 170 18.73 20.96 -0.44
CA PHE B 170 20.10 21.40 -0.73
C PHE B 170 20.13 22.88 -1.11
N LYS B 171 21.05 23.64 -0.53
CA LYS B 171 21.15 25.07 -0.84
C LYS B 171 21.68 25.23 -2.27
N TYR B 172 21.09 26.13 -3.03
CA TYR B 172 21.57 26.40 -4.37
C TYR B 172 22.52 27.58 -4.30
N ALA B 173 23.78 27.34 -4.62
CA ALA B 173 24.79 28.38 -4.56
C ALA B 173 25.85 28.13 -5.62
N ALA B 174 26.26 29.21 -6.27
CA ALA B 174 27.35 29.18 -7.24
C ALA B 174 27.03 28.25 -8.42
N GLY B 175 25.80 28.32 -8.91
CA GLY B 175 25.39 27.59 -10.09
C GLY B 175 25.09 26.11 -9.90
N LYS B 176 25.23 25.62 -8.66
CA LYS B 176 24.95 24.22 -8.38
C LYS B 176 24.16 24.08 -7.08
N TYR B 177 23.56 22.91 -6.88
CA TYR B 177 23.07 22.54 -5.56
C TYR B 177 24.27 22.03 -4.77
N ASP B 178 24.50 22.64 -3.62
CA ASP B 178 25.62 22.29 -2.75
C ASP B 178 25.18 21.13 -1.85
N ILE B 179 25.62 19.92 -2.18
CA ILE B 179 25.16 18.74 -1.45
C ILE B 179 25.74 18.67 -0.03
N LYS B 180 26.62 19.60 0.31
CA LYS B 180 27.16 19.69 1.66
C LYS B 180 26.40 20.69 2.53
N ASP B 181 25.47 21.43 1.91
CA ASP B 181 24.64 22.38 2.64
C ASP B 181 23.19 21.90 2.64
N VAL B 182 22.81 21.21 3.72
CA VAL B 182 21.47 20.61 3.84
C VAL B 182 20.64 21.36 4.88
N GLY B 183 19.37 21.63 4.56
CA GLY B 183 18.54 22.47 5.40
C GLY B 183 17.46 21.73 6.16
N VAL B 184 17.76 20.51 6.58
CA VAL B 184 16.78 19.64 7.20
C VAL B 184 16.62 19.93 8.70
N ASP B 185 17.71 20.26 9.40
CA ASP B 185 17.65 20.43 10.84
C ASP B 185 17.81 21.87 11.29
N ASN B 186 17.37 22.81 10.46
CA ASN B 186 17.41 24.21 10.85
C ASN B 186 16.13 24.65 11.57
N ALA B 187 16.10 25.93 11.95
CA ALA B 187 15.02 26.51 12.75
C ALA B 187 13.67 26.41 12.06
N GLY B 188 13.65 26.72 10.76
CA GLY B 188 12.42 26.68 9.98
C GLY B 188 11.89 25.27 9.93
N ALA B 189 12.75 24.34 9.57
CA ALA B 189 12.35 22.93 9.47
C ALA B 189 11.79 22.45 10.80
N LYS B 190 12.49 22.76 11.89
CA LYS B 190 12.05 22.31 13.21
C LYS B 190 10.70 22.91 13.60
N ALA B 191 10.46 24.17 13.21
CA ALA B 191 9.21 24.84 13.52
C ALA B 191 8.02 24.15 12.83
N GLY B 192 8.20 23.83 11.55
CA GLY B 192 7.17 23.15 10.79
C GLY B 192 6.87 21.77 11.34
N LEU B 193 7.89 20.95 11.53
CA LEU B 193 7.65 19.58 11.97
C LEU B 193 7.08 19.59 13.39
N THR B 194 7.42 20.62 14.15
CA THR B 194 6.87 20.77 15.50
C THR B 194 5.37 20.99 15.43
N PHE B 195 4.94 21.91 14.56
CA PHE B 195 3.52 22.19 14.41
C PHE B 195 2.78 20.92 14.02
N LEU B 196 3.40 20.13 13.13
CA LEU B 196 2.83 18.87 12.69
C LEU B 196 2.66 17.93 13.88
N VAL B 197 3.75 17.69 14.60
CA VAL B 197 3.72 16.73 15.71
C VAL B 197 2.76 17.22 16.80
N ASP B 198 2.64 18.52 16.95
CA ASP B 198 1.66 19.10 17.87
C ASP B 198 0.21 18.81 17.45
N LEU B 199 -0.05 18.84 16.14
CA LEU B 199 -1.41 18.52 15.66
C LEU B 199 -1.77 17.09 16.02
N ILE B 200 -0.80 16.19 15.94
CA ILE B 200 -1.03 14.80 16.29
C ILE B 200 -1.20 14.67 17.81
N LYS B 201 -0.30 15.31 18.56
CA LYS B 201 -0.34 15.27 20.03
C LYS B 201 -1.69 15.75 20.57
N ASN B 202 -2.25 16.76 19.91
CA ASN B 202 -3.54 17.31 20.29
C ASN B 202 -4.72 16.60 19.60
N LYS B 203 -4.45 15.42 19.04
CA LYS B 203 -5.49 14.60 18.40
C LYS B 203 -6.24 15.30 17.26
N HIS B 204 -5.59 16.24 16.59
CA HIS B 204 -6.16 16.85 15.39
C HIS B 204 -5.80 16.03 14.14
N MET B 205 -4.87 15.10 14.30
CA MET B 205 -4.49 14.16 13.25
C MET B 205 -3.98 12.90 13.89
N ASN B 206 -3.95 11.83 13.11
CA ASN B 206 -3.46 10.53 13.57
C ASN B 206 -2.17 10.18 12.83
N ALA B 207 -1.16 9.71 13.56
CA ALA B 207 0.14 9.42 12.94
C ALA B 207 0.14 8.17 12.07
N ASP B 208 -0.95 7.39 12.10
CA ASP B 208 -1.03 6.18 11.27
C ASP B 208 -1.69 6.48 9.92
N THR B 209 -2.17 7.71 9.75
CA THR B 209 -2.92 8.10 8.55
C THR B 209 -2.01 8.01 7.32
N ASP B 210 -2.45 7.25 6.33
CA ASP B 210 -1.72 7.13 5.09
C ASP B 210 -2.54 7.62 3.89
N TYR B 211 -2.03 7.37 2.69
CA TYR B 211 -2.73 7.80 1.47
C TYR B 211 -4.19 7.27 1.37
N SER B 212 -4.38 5.96 1.41
CA SER B 212 -5.72 5.37 1.24
C SER B 212 -6.67 5.82 2.32
N ILE B 213 -6.19 5.84 3.56
CA ILE B 213 -7.01 6.25 4.68
C ILE B 213 -7.48 7.70 4.53
N ALA B 214 -6.56 8.61 4.23
CA ALA B 214 -6.94 10.01 4.07
C ALA B 214 -7.88 10.18 2.88
N GLU B 215 -7.65 9.41 1.84
CA GLU B 215 -8.44 9.53 0.61
C GLU B 215 -9.86 9.08 0.87
N ALA B 216 -10.02 7.93 1.52
CA ALA B 216 -11.35 7.41 1.84
C ALA B 216 -12.11 8.37 2.75
N ALA B 217 -11.42 8.90 3.78
CA ALA B 217 -12.03 9.85 4.69
C ALA B 217 -12.53 11.10 3.95
N PHE B 218 -11.69 11.72 3.13
CA PHE B 218 -12.13 12.92 2.42
C PHE B 218 -13.25 12.61 1.43
N ASN B 219 -13.12 11.51 0.70
CA ASN B 219 -14.07 11.20 -0.38
C ASN B 219 -15.40 10.66 0.17
N LYS B 220 -15.43 10.31 1.45
CA LYS B 220 -16.67 9.89 2.11
C LYS B 220 -17.31 11.03 2.89
N GLY B 221 -16.70 12.22 2.87
CA GLY B 221 -17.24 13.38 3.57
C GLY B 221 -16.96 13.42 5.06
N GLU B 222 -16.03 12.59 5.51
CA GLU B 222 -15.67 12.50 6.92
C GLU B 222 -14.70 13.58 7.41
N THR B 223 -13.85 14.08 6.52
CA THR B 223 -12.89 15.13 6.86
C THR B 223 -13.03 16.33 5.91
N ALA B 224 -12.84 17.53 6.45
CA ALA B 224 -13.10 18.77 5.72
C ALA B 224 -12.03 19.11 4.68
N MET B 225 -10.82 18.64 4.90
CA MET B 225 -9.69 19.03 4.05
C MET B 225 -8.76 17.85 3.88
N THR B 226 -8.05 17.85 2.76
CA THR B 226 -6.95 16.94 2.55
C THR B 226 -5.87 17.65 1.73
N ILE B 227 -4.74 16.99 1.54
CA ILE B 227 -3.63 17.56 0.77
C ILE B 227 -3.24 16.51 -0.27
N ASN B 228 -3.27 16.90 -1.53
CA ASN B 228 -2.99 15.95 -2.58
C ASN B 228 -2.73 16.63 -3.93
N GLY B 229 -2.37 15.82 -4.92
CA GLY B 229 -2.04 16.32 -6.25
C GLY B 229 -3.13 16.05 -7.27
N PRO B 230 -2.89 16.46 -8.53
CA PRO B 230 -3.90 16.37 -9.60
C PRO B 230 -4.45 14.97 -9.81
N TRP B 231 -3.59 13.97 -9.69
CA TRP B 231 -4.00 12.61 -9.90
C TRP B 231 -5.20 12.19 -9.00
N ALA B 232 -5.39 12.90 -7.88
CA ALA B 232 -6.42 12.54 -6.90
C ALA B 232 -7.82 13.01 -7.29
N TRP B 233 -7.90 13.96 -8.21
CA TRP B 233 -9.18 14.62 -8.50
C TRP B 233 -10.21 13.64 -9.06
N SER B 234 -9.77 12.71 -9.90
CA SER B 234 -10.65 11.75 -10.54
C SER B 234 -11.51 10.97 -9.53
N ASN B 235 -10.91 10.46 -8.47
CA ASN B 235 -11.67 9.72 -7.46
C ASN B 235 -12.66 10.60 -6.68
N ILE B 236 -12.31 11.85 -6.47
CA ILE B 236 -13.22 12.77 -5.78
C ILE B 236 -14.41 13.11 -6.70
N ASP B 237 -14.14 13.22 -8.00
CA ASP B 237 -15.20 13.51 -8.97
C ASP B 237 -16.30 12.46 -8.94
N THR B 238 -15.94 11.21 -8.67
CA THR B 238 -16.91 10.12 -8.61
C THR B 238 -17.58 9.99 -7.24
N SER B 239 -17.16 10.81 -6.28
CA SER B 239 -17.81 10.85 -4.96
C SER B 239 -18.90 11.91 -4.95
N ALA B 240 -19.60 12.00 -3.82
CA ALA B 240 -20.64 13.00 -3.65
C ALA B 240 -20.09 14.31 -3.09
N VAL B 241 -18.78 14.37 -2.92
CA VAL B 241 -18.17 15.56 -2.33
C VAL B 241 -18.10 16.70 -3.33
N ASN B 242 -18.57 17.86 -2.91
CA ASN B 242 -18.42 19.08 -3.68
C ASN B 242 -17.14 19.74 -3.17
N TYR B 243 -16.08 19.67 -3.97
CA TYR B 243 -14.76 20.05 -3.47
C TYR B 243 -14.18 21.22 -4.23
N GLY B 244 -13.29 21.96 -3.57
CA GLY B 244 -12.47 22.97 -4.20
C GLY B 244 -10.99 22.61 -4.04
N VAL B 245 -10.14 23.29 -4.79
CA VAL B 245 -8.70 23.09 -4.75
C VAL B 245 -8.08 24.47 -4.65
N THR B 246 -7.27 24.71 -3.62
CA THR B 246 -6.82 26.07 -3.33
C THR B 246 -5.38 26.14 -2.80
N VAL B 247 -4.95 27.37 -2.52
CA VAL B 247 -3.61 27.60 -1.99
C VAL B 247 -3.46 26.90 -0.66
N LEU B 248 -2.32 26.23 -0.47
CA LEU B 248 -2.00 25.64 0.83
C LEU B 248 -1.95 26.70 1.93
N PRO B 249 -2.27 26.31 3.16
CA PRO B 249 -2.28 27.32 4.22
C PRO B 249 -0.88 27.84 4.54
N THR B 250 -0.80 29.07 5.05
CA THR B 250 0.49 29.64 5.42
C THR B 250 0.90 29.18 6.80
N PHE B 251 2.20 29.21 7.05
CA PHE B 251 2.75 28.93 8.37
C PHE B 251 3.65 30.08 8.80
N LYS B 252 3.36 30.65 9.96
CA LYS B 252 4.10 31.81 10.44
C LYS B 252 4.14 32.90 9.36
N GLY B 253 3.00 33.10 8.72
CA GLY B 253 2.87 34.16 7.74
C GLY B 253 3.45 33.84 6.38
N GLN B 254 4.13 32.70 6.26
CA GLN B 254 4.81 32.34 5.02
C GLN B 254 4.09 31.21 4.26
N PRO B 255 4.21 31.21 2.94
CA PRO B 255 3.51 30.19 2.15
C PRO B 255 4.08 28.81 2.40
N SER B 256 3.22 27.81 2.33
CA SER B 256 3.68 26.42 2.33
C SER B 256 4.40 26.27 1.01
N LYS B 257 5.44 25.44 0.99
CA LYS B 257 6.36 25.38 -0.15
C LYS B 257 6.50 23.96 -0.64
N PRO B 258 5.53 23.49 -1.43
CA PRO B 258 5.63 22.12 -1.91
C PRO B 258 6.77 21.96 -2.88
N PHE B 259 7.34 20.77 -2.91
CA PHE B 259 8.32 20.42 -3.90
C PHE B 259 7.63 20.06 -5.19
N VAL B 260 7.94 20.79 -6.25
CA VAL B 260 7.28 20.59 -7.52
C VAL B 260 7.96 19.48 -8.30
N GLY B 261 7.16 18.54 -8.79
CA GLY B 261 7.64 17.47 -9.64
C GLY B 261 7.17 17.61 -11.07
N VAL B 262 8.04 17.24 -12.00
CA VAL B 262 7.68 17.09 -13.41
C VAL B 262 7.63 15.61 -13.72
N LEU B 263 6.42 15.10 -13.94
CA LEU B 263 6.28 13.75 -14.41
C LEU B 263 7.05 13.65 -15.72
N SER B 264 7.96 12.68 -15.80
CA SER B 264 8.90 12.60 -16.89
C SER B 264 9.01 11.17 -17.39
N ALA B 265 9.31 11.02 -18.67
CA ALA B 265 9.47 9.69 -19.26
C ALA B 265 10.89 9.47 -19.76
N GLY B 266 11.59 8.53 -19.13
CA GLY B 266 12.96 8.21 -19.49
C GLY B 266 13.01 6.95 -20.33
N ILE B 267 14.02 6.87 -21.19
CA ILE B 267 14.20 5.71 -22.04
C ILE B 267 15.39 4.91 -21.53
N ASN B 268 15.20 3.61 -21.37
CA ASN B 268 16.22 2.71 -20.87
C ASN B 268 17.43 2.68 -21.81
N ALA B 269 18.61 3.01 -21.29
CA ALA B 269 19.83 3.01 -22.10
C ALA B 269 20.09 1.62 -22.71
N ALA B 270 19.49 0.60 -22.11
CA ALA B 270 19.69 -0.78 -22.54
C ALA B 270 18.65 -1.19 -23.57
N SER B 271 17.68 -0.33 -23.83
CA SER B 271 16.60 -0.67 -24.75
C SER B 271 17.07 -0.83 -26.20
N PRO B 272 16.61 -1.89 -26.89
CA PRO B 272 16.80 -2.02 -28.34
C PRO B 272 15.72 -1.31 -29.14
N ASN B 273 14.86 -0.57 -28.44
CA ASN B 273 13.67 0.00 -29.06
C ASN B 273 13.63 1.52 -28.92
N LYS B 274 14.81 2.14 -28.89
CA LYS B 274 14.88 3.56 -28.64
C LYS B 274 14.10 4.38 -29.69
N GLU B 275 14.17 3.98 -30.94
CA GLU B 275 13.49 4.76 -31.98
C GLU B 275 11.97 4.64 -31.77
N LEU B 276 11.49 3.45 -31.50
CA LEU B 276 10.08 3.22 -31.25
C LEU B 276 9.60 4.03 -30.05
N ALA B 277 10.40 4.04 -28.99
CA ALA B 277 10.08 4.75 -27.77
C ALA B 277 9.94 6.24 -28.05
N LYS B 278 10.89 6.80 -28.78
CA LYS B 278 10.88 8.21 -29.11
C LYS B 278 9.65 8.58 -29.95
N GLU B 279 9.29 7.68 -30.87
CA GLU B 279 8.10 7.82 -31.70
C GLU B 279 6.83 7.82 -30.84
N PHE B 280 6.72 6.85 -29.96
CA PHE B 280 5.58 6.75 -29.06
C PHE B 280 5.45 8.02 -28.23
N LEU B 281 6.56 8.41 -27.61
CA LEU B 281 6.52 9.54 -26.70
C LEU B 281 6.28 10.87 -27.43
N GLU B 282 6.98 11.09 -28.54
CA GLU B 282 6.87 12.36 -29.26
C GLU B 282 5.57 12.50 -30.06
N ASN B 283 5.18 11.43 -30.73
CA ASN B 283 4.12 11.53 -31.74
C ASN B 283 2.79 10.90 -31.31
N TYR B 284 2.80 10.17 -30.21
CA TYR B 284 1.56 9.63 -29.65
C TYR B 284 1.22 10.20 -28.28
N LEU B 285 2.14 10.13 -27.31
CA LEU B 285 1.84 10.64 -25.97
C LEU B 285 1.82 12.16 -25.91
N LEU B 286 2.89 12.81 -26.36
CA LEU B 286 2.98 14.27 -26.29
C LEU B 286 2.24 14.96 -27.45
N THR B 287 0.95 14.66 -27.54
CA THR B 287 0.02 15.33 -28.44
C THR B 287 -1.23 15.66 -27.64
N ASP B 288 -2.10 16.52 -28.19
CA ASP B 288 -3.34 16.87 -27.50
C ASP B 288 -4.16 15.61 -27.23
N GLU B 289 -4.21 14.72 -28.21
CA GLU B 289 -5.00 13.48 -28.09
C GLU B 289 -4.38 12.56 -27.04
N GLY B 290 -3.07 12.37 -27.12
CA GLY B 290 -2.38 11.47 -26.20
C GLY B 290 -2.54 11.90 -24.76
N LEU B 291 -2.32 13.19 -24.49
CA LEU B 291 -2.40 13.71 -23.13
C LEU B 291 -3.84 13.75 -22.62
N GLU B 292 -4.80 14.01 -23.50
CA GLU B 292 -6.20 14.00 -23.11
C GLU B 292 -6.62 12.61 -22.61
N ALA B 293 -6.09 11.57 -23.23
CA ALA B 293 -6.49 10.21 -22.91
C ALA B 293 -5.97 9.77 -21.55
N VAL B 294 -4.78 10.25 -21.19
CA VAL B 294 -4.23 9.99 -19.87
C VAL B 294 -4.92 10.87 -18.84
N ASN B 295 -5.01 12.17 -19.17
CA ASN B 295 -5.61 13.15 -18.29
C ASN B 295 -7.04 12.79 -17.89
N LYS B 296 -7.78 12.16 -18.81
CA LYS B 296 -9.16 11.74 -18.56
C LYS B 296 -9.22 10.58 -17.59
N ASP B 297 -8.15 9.80 -17.52
CA ASP B 297 -8.05 8.74 -16.55
C ASP B 297 -7.74 9.35 -15.17
N LYS B 298 -6.55 9.91 -15.03
CA LYS B 298 -6.18 10.63 -13.80
C LYS B 298 -5.53 11.95 -14.24
N PRO B 299 -6.03 13.09 -13.74
CA PRO B 299 -5.45 14.35 -14.22
C PRO B 299 -3.96 14.46 -13.99
N LEU B 300 -3.27 15.04 -14.98
CA LEU B 300 -1.83 15.12 -15.01
C LEU B 300 -1.29 16.34 -14.29
N GLY B 301 -2.13 17.36 -14.15
CA GLY B 301 -1.70 18.66 -13.68
C GLY B 301 -1.53 19.66 -14.83
N ALA B 302 -0.43 20.40 -14.80
CA ALA B 302 -0.13 21.38 -15.86
C ALA B 302 0.78 20.74 -16.88
N VAL B 303 0.23 20.32 -18.02
CA VAL B 303 1.00 19.52 -18.96
C VAL B 303 2.10 20.38 -19.62
N ALA B 304 3.16 19.70 -20.04
CA ALA B 304 4.36 20.37 -20.56
C ALA B 304 4.15 20.82 -21.99
N LEU B 305 3.21 20.19 -22.68
CA LEU B 305 2.91 20.48 -24.07
C LEU B 305 2.13 21.76 -24.14
N LYS B 306 2.72 22.80 -24.74
CA LYS B 306 2.13 24.12 -24.72
C LYS B 306 0.69 24.15 -25.24
N SER B 307 0.43 23.42 -26.32
CA SER B 307 -0.88 23.50 -26.96
C SER B 307 -2.01 22.96 -26.10
N TYR B 308 -1.77 21.84 -25.43
CA TYR B 308 -2.82 21.24 -24.60
C TYR B 308 -2.92 21.96 -23.26
N GLU B 309 -1.79 22.48 -22.79
CA GLU B 309 -1.77 23.23 -21.54
C GLU B 309 -2.65 24.47 -21.65
N GLU B 310 -2.53 25.18 -22.77
CA GLU B 310 -3.33 26.37 -23.00
C GLU B 310 -4.82 26.03 -22.98
N GLU B 311 -5.17 24.87 -23.51
CA GLU B 311 -6.56 24.44 -23.55
C GLU B 311 -7.13 24.12 -22.17
N LEU B 312 -6.29 23.57 -21.29
CA LEU B 312 -6.74 23.15 -19.98
C LEU B 312 -6.60 24.26 -18.94
N ALA B 313 -5.97 25.38 -19.32
CA ALA B 313 -5.55 26.40 -18.37
C ALA B 313 -6.68 27.06 -17.60
N LYS B 314 -7.89 27.04 -18.16
CA LYS B 314 -9.02 27.73 -17.54
C LYS B 314 -9.50 27.01 -16.28
N ASP B 315 -8.98 25.81 -16.05
CA ASP B 315 -9.44 24.98 -14.93
C ASP B 315 -8.88 25.53 -13.61
N PRO B 316 -9.77 25.98 -12.69
CA PRO B 316 -9.29 26.57 -11.44
C PRO B 316 -8.52 25.60 -10.56
N ARG B 317 -8.71 24.29 -10.74
CA ARG B 317 -7.91 23.31 -9.99
C ARG B 317 -6.47 23.35 -10.49
N ILE B 318 -6.30 23.55 -11.79
CA ILE B 318 -4.96 23.64 -12.37
C ILE B 318 -4.34 24.99 -12.02
N ALA B 319 -5.14 26.04 -11.97
CA ALA B 319 -4.62 27.36 -11.59
C ALA B 319 -4.15 27.34 -10.13
N ALA B 320 -4.88 26.63 -9.28
CA ALA B 320 -4.48 26.44 -7.89
C ALA B 320 -3.17 25.65 -7.85
N THR B 321 -3.10 24.62 -8.68
CA THR B 321 -1.91 23.76 -8.74
C THR B 321 -0.66 24.59 -9.06
N MET B 322 -0.79 25.52 -9.99
CA MET B 322 0.35 26.30 -10.43
C MET B 322 0.65 27.42 -9.44
N GLU B 323 -0.38 27.91 -8.74
CA GLU B 323 -0.17 28.90 -7.70
C GLU B 323 0.68 28.28 -6.60
N ASN B 324 0.37 27.05 -6.21
CA ASN B 324 1.15 26.38 -5.19
C ASN B 324 2.55 26.04 -5.73
N ALA B 325 2.63 25.72 -7.01
CA ALA B 325 3.91 25.41 -7.65
C ALA B 325 4.84 26.61 -7.59
N GLN B 326 4.31 27.79 -7.93
CA GLN B 326 5.07 29.04 -7.87
C GLN B 326 5.55 29.33 -6.44
N LYS B 327 4.70 29.05 -5.45
CA LYS B 327 5.07 29.29 -4.04
C LYS B 327 6.17 28.34 -3.57
N GLY B 328 6.20 27.15 -4.16
CA GLY B 328 7.17 26.12 -3.79
C GLY B 328 8.44 26.18 -4.61
N GLU B 329 9.06 25.01 -4.78
CA GLU B 329 10.38 24.90 -5.39
C GLU B 329 10.42 23.69 -6.31
N ILE B 330 11.06 23.84 -7.46
CA ILE B 330 11.26 22.72 -8.35
C ILE B 330 12.24 21.79 -7.66
N MET B 331 12.01 20.49 -7.76
CA MET B 331 12.90 19.57 -7.08
C MET B 331 14.21 19.55 -7.84
N PRO B 332 15.33 19.44 -7.12
CA PRO B 332 16.58 19.11 -7.81
C PRO B 332 16.43 17.73 -8.45
N ASN B 333 17.13 17.45 -9.54
CA ASN B 333 17.16 16.09 -10.09
C ASN B 333 18.44 15.35 -9.72
N ILE B 334 19.28 15.94 -8.87
CA ILE B 334 20.60 15.37 -8.56
C ILE B 334 20.51 14.00 -7.85
N PRO B 335 21.50 13.12 -8.08
CA PRO B 335 21.54 11.77 -7.48
C PRO B 335 21.28 11.75 -5.98
N GLN B 336 21.68 12.80 -5.29
CA GLN B 336 21.54 12.88 -3.84
C GLN B 336 20.07 13.03 -3.36
N MET B 337 19.11 13.29 -4.27
CA MET B 337 17.71 13.53 -3.83
C MET B 337 17.07 12.35 -3.12
N SER B 338 17.32 11.13 -3.59
CA SER B 338 16.69 9.98 -2.97
C SER B 338 17.19 9.82 -1.50
N ALA B 339 18.46 10.12 -1.25
CA ALA B 339 19.00 10.10 0.11
C ALA B 339 18.28 11.11 1.00
N PHE B 340 18.05 12.30 0.46
CA PHE B 340 17.30 13.33 1.17
C PHE B 340 15.91 12.82 1.53
N TRP B 341 15.24 12.21 0.56
CA TRP B 341 13.86 11.77 0.78
C TRP B 341 13.78 10.64 1.82
N TYR B 342 14.65 9.62 1.71
CA TYR B 342 14.65 8.53 2.71
C TYR B 342 14.87 9.09 4.10
N ALA B 343 15.72 10.12 4.17
CA ALA B 343 16.09 10.73 5.44
C ALA B 343 14.89 11.40 6.09
N VAL B 344 14.24 12.28 5.34
CA VAL B 344 13.12 13.05 5.87
C VAL B 344 11.96 12.10 6.14
N ARG B 345 11.88 11.02 5.37
CA ARG B 345 10.81 10.05 5.59
C ARG B 345 10.91 9.52 7.02
N THR B 346 12.08 9.02 7.37
CA THR B 346 12.28 8.39 8.66
C THR B 346 11.99 9.41 9.75
N ALA B 347 12.53 10.60 9.57
CA ALA B 347 12.36 11.69 10.53
C ALA B 347 10.89 11.97 10.83
N VAL B 348 10.08 12.07 9.78
CA VAL B 348 8.68 12.45 9.96
C VAL B 348 7.92 11.36 10.69
N ILE B 349 8.10 10.12 10.25
CA ILE B 349 7.46 8.98 10.87
C ILE B 349 7.85 8.86 12.34
N ASN B 350 9.15 8.81 12.60
CA ASN B 350 9.64 8.67 13.97
C ASN B 350 9.19 9.80 14.87
N ALA B 351 9.11 11.02 14.32
CA ALA B 351 8.66 12.16 15.11
C ALA B 351 7.14 12.11 15.34
N ALA B 352 6.41 11.70 14.31
CA ALA B 352 4.96 11.64 14.39
C ALA B 352 4.50 10.59 15.39
N SER B 353 5.25 9.49 15.45
CA SER B 353 4.90 8.35 16.29
C SER B 353 5.40 8.47 17.73
N GLY B 354 6.36 9.35 17.98
CA GLY B 354 6.95 9.51 19.30
C GLY B 354 8.21 8.66 19.55
N ARG B 355 8.68 7.98 18.51
CA ARG B 355 9.93 7.22 18.61
C ARG B 355 11.15 8.15 18.77
N GLN B 356 10.96 9.44 18.48
CA GLN B 356 11.99 10.46 18.71
C GLN B 356 11.35 11.83 18.91
N THR B 357 12.10 12.77 19.44
CA THR B 357 11.68 14.17 19.43
C THR B 357 11.91 14.77 18.04
N VAL B 358 11.46 16.00 17.88
CA VAL B 358 11.59 16.69 16.61
C VAL B 358 13.05 17.08 16.36
N ASP B 359 13.71 17.64 17.38
CA ASP B 359 15.14 17.95 17.30
C ASP B 359 15.96 16.68 17.01
N ALA B 360 15.63 15.59 17.69
CA ALA B 360 16.35 14.34 17.48
C ALA B 360 16.13 13.82 16.07
N ALA B 361 14.87 13.79 15.67
CA ALA B 361 14.48 13.22 14.37
C ALA B 361 15.23 13.91 13.24
N LEU B 362 15.23 15.24 13.30
CA LEU B 362 15.77 16.08 12.23
C LEU B 362 17.30 16.16 12.26
N ALA B 363 17.88 16.07 13.45
CA ALA B 363 19.33 16.01 13.56
C ALA B 363 19.81 14.76 12.83
N ALA B 364 19.05 13.67 13.00
CA ALA B 364 19.40 12.41 12.38
C ALA B 364 19.19 12.44 10.86
N ALA B 365 18.13 13.12 10.41
CA ALA B 365 17.85 13.21 8.98
C ALA B 365 18.95 14.01 8.26
N GLN B 366 19.35 15.11 8.89
CA GLN B 366 20.43 15.96 8.39
C GLN B 366 21.66 15.10 8.08
N THR B 367 21.96 14.21 9.02
CA THR B 367 23.11 13.34 8.91
C THR B 367 22.87 12.30 7.84
N ASN B 368 21.69 11.70 7.86
CA ASN B 368 21.36 10.63 6.94
C ASN B 368 21.28 11.12 5.49
N ALA B 369 21.11 12.42 5.30
CA ALA B 369 21.00 12.97 3.95
C ALA B 369 22.37 13.11 3.25
N ALA B 370 23.46 13.05 4.02
CA ALA B 370 24.80 13.21 3.43
C ALA B 370 25.20 12.06 2.49
N ALA B 371 26.03 12.38 1.51
CA ALA B 371 26.60 11.38 0.60
C ALA B 371 27.37 10.32 1.38
N LYS B 372 27.32 9.08 0.92
CA LYS B 372 28.09 7.99 1.53
C LYS B 372 29.12 7.50 0.55
N PHE B 373 30.38 7.52 0.95
CA PHE B 373 31.45 7.10 0.08
C PHE B 373 31.47 5.58 0.02
N ASN B 374 31.97 5.04 -1.10
CA ASN B 374 32.01 3.61 -1.32
C ASN B 374 33.25 2.97 -0.69
N PHE B 375 33.20 2.74 0.62
CA PHE B 375 34.31 2.09 1.30
C PHE B 375 34.27 0.59 1.05
N THR B 376 35.45 -0.03 1.05
CA THR B 376 35.56 -1.46 0.89
C THR B 376 35.27 -2.17 2.22
N GLU B 377 34.96 -3.45 2.15
CA GLU B 377 34.70 -4.22 3.35
C GLU B 377 35.92 -4.18 4.27
N ARG B 378 37.11 -4.17 3.69
CA ARG B 378 38.33 -4.07 4.48
C ARG B 378 38.36 -2.78 5.30
N ASP B 379 37.87 -1.67 4.73
CA ASP B 379 37.82 -0.37 5.43
C ASP B 379 36.80 -0.34 6.57
N LEU B 380 35.76 -1.16 6.44
CA LEU B 380 34.68 -1.18 7.41
C LEU B 380 34.91 -2.20 8.53
N THR B 381 35.86 -3.11 8.30
CA THR B 381 36.08 -4.27 9.17
C THR B 381 37.33 -4.06 9.98
N ARG B 382 37.16 -3.96 11.29
CA ARG B 382 38.30 -3.79 12.19
C ARG B 382 38.17 -4.83 13.29
N ASP B 383 38.53 -6.08 12.98
CA ASP B 383 38.45 -7.16 13.95
C ASP B 383 39.83 -7.42 14.53
N VAL B 384 40.01 -7.02 15.78
CA VAL B 384 41.29 -7.17 16.45
C VAL B 384 41.18 -8.28 17.47
N ASP B 385 41.96 -9.31 17.23
CA ASP B 385 42.22 -10.34 18.22
C ASP B 385 43.11 -9.69 19.26
N PHE B 386 42.53 -8.88 20.15
CA PHE B 386 43.33 -8.14 21.10
C PHE B 386 43.61 -9.01 22.31
N ASN B 387 44.90 -9.28 22.52
CA ASN B 387 45.30 -10.17 23.58
C ASN B 387 46.10 -9.43 24.65
N ILE B 388 45.38 -9.02 25.68
CA ILE B 388 45.95 -8.23 26.76
C ILE B 388 47.04 -9.01 27.50
N LYS B 389 47.01 -10.33 27.40
CA LYS B 389 47.98 -11.17 28.08
C LYS B 389 49.22 -11.38 27.20
N GLY B 390 49.10 -11.02 25.93
CA GLY B 390 50.19 -11.18 24.98
C GLY B 390 51.04 -9.93 24.83
N ASP B 391 51.26 -9.50 23.60
CA ASP B 391 52.18 -8.40 23.31
C ASP B 391 51.49 -7.18 22.67
N ASP B 392 50.15 -7.21 22.62
CA ASP B 392 49.36 -6.14 22.03
C ASP B 392 49.29 -4.92 22.93
N VAL B 393 49.45 -3.73 22.34
CA VAL B 393 49.34 -2.46 23.06
C VAL B 393 48.37 -1.51 22.34
N ILE B 394 47.43 -0.95 23.09
CA ILE B 394 46.55 0.09 22.55
C ILE B 394 47.21 1.45 22.79
N VAL B 395 47.24 2.28 21.75
CA VAL B 395 47.89 3.58 21.81
C VAL B 395 46.83 4.65 21.54
N PHE B 396 46.51 5.43 22.57
CA PHE B 396 45.50 6.46 22.43
C PHE B 396 46.12 7.81 22.10
N LEU B 397 45.96 8.22 20.84
CA LEU B 397 46.36 9.54 20.40
C LEU B 397 45.25 10.52 20.77
N HIS B 398 45.54 11.40 21.72
CA HIS B 398 44.56 12.36 22.22
C HIS B 398 44.74 13.73 21.54
N ILE B 399 43.79 14.11 20.71
CA ILE B 399 43.81 15.42 20.07
C ILE B 399 43.01 16.36 20.99
N GLN B 400 43.56 17.54 21.28
CA GLN B 400 42.91 18.48 22.19
C GLN B 400 41.44 18.75 21.84
N LYS B 401 40.62 18.68 22.87
CA LYS B 401 39.22 19.12 22.84
C LYS B 401 38.31 18.21 22.03
N THR B 402 38.67 16.93 21.95
CA THR B 402 37.86 15.95 21.22
C THR B 402 37.12 15.04 22.20
N GLY B 403 37.09 15.42 23.48
CA GLY B 403 36.52 14.57 24.50
C GLY B 403 37.46 13.46 24.93
N GLY B 404 38.76 13.73 24.88
CA GLY B 404 39.74 12.69 25.16
C GLY B 404 39.94 12.43 26.65
N THR B 405 39.59 13.42 27.50
CA THR B 405 39.70 13.20 28.93
C THR B 405 38.65 12.15 29.32
N THR B 406 37.42 12.34 28.85
CA THR B 406 36.35 11.37 29.08
C THR B 406 36.68 10.03 28.49
N PHE B 407 37.07 10.01 27.21
CA PHE B 407 37.40 8.74 26.58
C PHE B 407 38.58 8.05 27.27
N GLY B 408 39.65 8.81 27.55
CA GLY B 408 40.82 8.27 28.23
C GLY B 408 40.48 7.70 29.62
N ARG B 409 39.59 8.37 30.33
CA ARG B 409 39.12 7.86 31.61
C ARG B 409 38.35 6.53 31.47
N HIS B 410 37.51 6.42 30.44
CA HIS B 410 36.83 5.16 30.17
C HIS B 410 37.82 4.03 30.00
N LEU B 411 38.94 4.31 29.35
CA LEU B 411 39.92 3.29 29.04
C LEU B 411 40.60 2.71 30.30
N VAL B 412 40.79 3.53 31.34
CA VAL B 412 41.51 3.08 32.54
C VAL B 412 40.59 2.80 33.72
N ARG B 413 39.38 3.34 33.68
CA ARG B 413 38.43 3.12 34.77
C ARG B 413 37.23 2.23 34.41
N ASN B 414 36.96 1.98 33.14
CA ASN B 414 35.65 1.47 32.78
C ASN B 414 35.61 0.24 31.87
N ILE B 415 36.75 -0.38 31.62
CA ILE B 415 36.77 -1.65 30.90
C ILE B 415 36.75 -2.83 31.88
N ARG B 416 35.92 -3.82 31.59
CA ARG B 416 35.85 -5.03 32.42
C ARG B 416 37.08 -5.87 32.16
N LEU B 417 37.93 -5.97 33.17
CA LEU B 417 39.20 -6.64 33.03
C LEU B 417 39.47 -7.65 34.15
N GLU B 418 40.16 -8.73 33.80
CA GLU B 418 40.63 -9.71 34.77
C GLU B 418 41.56 -9.02 35.77
N GLN B 419 42.43 -8.15 35.28
CA GLN B 419 43.25 -7.29 36.15
C GLN B 419 43.06 -5.81 35.79
N PRO B 420 42.18 -5.12 36.51
CA PRO B 420 41.91 -3.70 36.25
C PRO B 420 43.13 -2.82 36.42
N CYS B 421 43.09 -1.63 35.86
CA CYS B 421 44.13 -0.65 36.10
C CYS B 421 44.04 -0.25 37.55
N ASP B 422 45.21 -0.04 38.16
CA ASP B 422 45.30 0.46 39.52
C ASP B 422 45.37 1.98 39.50
N CYS B 423 44.26 2.61 39.88
CA CYS B 423 44.17 4.06 39.91
C CYS B 423 44.11 4.53 41.36
N LYS B 424 45.25 5.01 41.85
CA LYS B 424 45.33 5.52 43.22
C LYS B 424 44.78 6.93 43.19
N ALA B 425 43.70 7.14 43.93
CA ALA B 425 43.05 8.47 44.01
C ALA B 425 44.10 9.53 44.35
N GLY B 426 43.87 10.73 43.82
CA GLY B 426 44.90 11.76 43.79
C GLY B 426 45.67 11.71 42.48
N GLN B 427 46.14 10.52 42.11
CA GLN B 427 47.07 10.36 40.99
C GLN B 427 46.35 10.44 39.64
N LYS B 428 46.95 11.22 38.73
CA LYS B 428 46.43 11.39 37.38
C LYS B 428 46.66 10.11 36.57
N LYS B 429 47.82 9.52 36.77
CA LYS B 429 48.24 8.34 36.00
C LYS B 429 47.95 7.04 36.73
N CYS B 430 47.27 6.11 36.04
CA CYS B 430 47.04 4.77 36.53
C CYS B 430 48.12 3.80 36.06
N THR B 431 48.21 2.66 36.74
CA THR B 431 49.04 1.57 36.30
C THR B 431 48.14 0.54 35.61
N CYS B 432 48.32 0.36 34.31
CA CYS B 432 47.48 -0.56 33.54
C CYS B 432 48.35 -1.70 33.05
N HIS B 433 48.57 -2.68 33.92
CA HIS B 433 49.45 -3.79 33.60
C HIS B 433 48.73 -5.03 33.12
N ARG B 434 49.44 -5.81 32.31
CA ARG B 434 48.98 -7.11 31.86
C ARG B 434 48.85 -7.99 33.10
N PRO B 435 47.89 -8.92 33.09
CA PRO B 435 47.68 -9.70 34.32
C PRO B 435 48.97 -10.36 34.82
N GLY B 436 49.34 -10.06 36.06
CA GLY B 436 50.50 -10.66 36.69
C GLY B 436 51.86 -10.18 36.20
N LYS B 437 51.89 -9.17 35.34
CA LYS B 437 53.15 -8.65 34.80
C LYS B 437 53.35 -7.17 35.10
N GLN B 438 54.55 -6.69 34.76
CA GLN B 438 54.90 -5.29 34.95
C GLN B 438 54.97 -4.59 33.59
N GLU B 439 54.20 -5.08 32.62
CA GLU B 439 54.13 -4.49 31.29
C GLU B 439 52.79 -3.79 31.10
N SER B 440 52.80 -2.62 30.48
CA SER B 440 51.56 -1.91 30.18
C SER B 440 50.89 -2.36 28.88
N TRP B 441 49.57 -2.50 28.90
CA TRP B 441 48.84 -2.84 27.70
C TRP B 441 48.28 -1.59 27.02
N LEU B 442 48.36 -0.45 27.71
CA LEU B 442 47.77 0.81 27.22
C LEU B 442 48.81 1.92 27.27
N PHE B 443 49.06 2.55 26.11
CA PHE B 443 49.89 3.74 26.07
C PHE B 443 48.98 4.95 25.95
N SER B 444 48.93 5.77 27.00
CA SER B 444 48.03 6.91 27.05
C SER B 444 48.43 7.83 28.17
N ARG B 445 47.99 9.07 28.06
CA ARG B 445 48.09 10.04 29.15
C ARG B 445 47.83 9.44 30.54
N PHE B 446 46.73 8.71 30.69
CA PHE B 446 46.31 8.24 32.02
C PHE B 446 46.92 6.90 32.42
N SER B 447 47.85 6.38 31.62
CA SER B 447 48.46 5.08 31.92
C SER B 447 49.98 5.15 31.88
N THR B 448 50.53 5.78 30.85
CA THR B 448 51.97 5.91 30.73
C THR B 448 52.38 7.37 30.78
N GLY B 449 51.42 8.28 30.90
CA GLY B 449 51.74 9.70 30.94
C GLY B 449 52.04 10.25 29.55
N TRP B 450 52.72 11.39 29.48
CA TRP B 450 53.07 12.00 28.20
C TRP B 450 54.49 11.60 27.77
N SER B 451 54.73 10.29 27.70
CA SER B 451 56.07 9.74 27.46
C SER B 451 56.69 10.13 26.12
N CYS B 452 55.86 10.50 25.15
CA CYS B 452 56.33 10.88 23.82
C CYS B 452 56.07 12.34 23.53
N GLY B 453 55.69 13.08 24.57
CA GLY B 453 55.39 14.48 24.47
C GLY B 453 53.93 14.75 24.83
N LEU B 454 53.69 15.95 25.33
CA LEU B 454 52.33 16.41 25.62
C LEU B 454 51.49 16.41 24.36
N HIS B 455 50.34 15.71 24.40
CA HIS B 455 49.47 15.55 23.24
C HIS B 455 50.24 15.16 21.98
N ALA B 456 51.14 14.19 22.14
CA ALA B 456 51.91 13.65 21.02
C ALA B 456 51.01 13.28 19.84
N ASP B 457 51.35 13.79 18.65
CA ASP B 457 50.51 13.57 17.47
C ASP B 457 50.95 12.29 16.72
N TRP B 458 50.33 12.00 15.59
CA TRP B 458 50.65 10.77 14.86
C TRP B 458 52.14 10.67 14.53
N THR B 459 52.71 11.77 14.08
CA THR B 459 54.12 11.78 13.69
C THR B 459 54.99 11.45 14.90
N GLU B 460 54.69 12.07 16.04
CA GLU B 460 55.48 11.86 17.23
C GLU B 460 55.33 10.44 17.78
N LEU B 461 54.10 9.95 17.89
CA LEU B 461 53.87 8.63 18.46
C LEU B 461 54.47 7.51 17.61
N THR B 462 54.26 7.57 16.30
CA THR B 462 54.73 6.47 15.46
C THR B 462 56.25 6.44 15.44
N ASN B 463 56.89 7.54 15.80
CA ASN B 463 58.34 7.59 15.83
C ASN B 463 58.95 7.35 17.22
N CYS B 464 58.12 7.25 18.25
CA CYS B 464 58.60 7.20 19.62
C CYS B 464 58.10 5.99 20.38
N VAL B 465 56.84 5.60 20.17
CA VAL B 465 56.22 4.57 20.99
C VAL B 465 56.96 3.22 20.92
N PRO B 466 57.34 2.77 19.71
CA PRO B 466 57.98 1.45 19.69
C PRO B 466 59.31 1.44 20.45
N VAL B 467 60.05 2.55 20.41
CA VAL B 467 61.28 2.67 21.19
C VAL B 467 61.01 2.66 22.69
N ILE B 468 60.06 3.49 23.11
CA ILE B 468 59.67 3.64 24.51
C ILE B 468 59.19 2.35 25.17
N MET B 469 58.40 1.54 24.45
CA MET B 469 57.89 0.30 25.04
C MET B 469 58.97 -0.78 25.07
N ASP B 470 59.98 -0.65 24.21
CA ASP B 470 61.08 -1.62 24.13
C ASP B 470 62.43 -0.96 24.41
N ARG B 479 55.68 -7.06 18.49
CA ARG B 479 54.75 -6.26 19.28
C ARG B 479 53.77 -5.47 18.40
N ASN B 480 52.48 -5.68 18.64
CA ASN B 480 51.44 -5.05 17.83
C ASN B 480 50.90 -3.81 18.52
N PHE B 481 50.90 -2.69 17.80
CA PHE B 481 50.40 -1.42 18.33
C PHE B 481 49.09 -1.10 17.64
N TYR B 482 48.06 -0.88 18.42
CA TYR B 482 46.75 -0.57 17.88
C TYR B 482 46.43 0.88 18.22
N TYR B 483 46.59 1.76 17.24
CA TYR B 483 46.35 3.18 17.44
C TYR B 483 44.87 3.51 17.41
N ILE B 484 44.46 4.39 18.32
CA ILE B 484 43.08 4.86 18.38
C ILE B 484 43.01 6.35 18.69
N THR B 485 41.89 6.98 18.32
CA THR B 485 41.69 8.40 18.57
C THR B 485 40.19 8.74 18.62
N MET B 486 39.90 9.96 19.00
CA MET B 486 38.58 10.55 18.92
C MET B 486 38.64 11.80 18.05
N LEU B 487 37.57 12.05 17.30
N LEU B 487 37.59 12.03 17.28
CA LEU B 487 37.44 13.24 16.50
CA LEU B 487 37.44 13.25 16.49
C LEU B 487 36.16 13.98 16.88
C LEU B 487 36.16 13.98 16.87
N ARG B 488 36.13 15.27 16.59
CA ARG B 488 34.98 16.12 16.92
C ARG B 488 34.73 17.07 15.78
N ASP B 489 33.46 17.44 15.56
CA ASP B 489 33.14 18.34 14.46
C ASP B 489 33.96 19.63 14.61
N PRO B 490 34.58 20.10 13.51
CA PRO B 490 35.65 21.09 13.71
C PRO B 490 35.21 22.42 14.31
N VAL B 491 34.01 22.88 14.01
CA VAL B 491 33.59 24.16 14.57
C VAL B 491 33.45 24.05 16.11
N SER B 492 32.78 23.00 16.59
CA SER B 492 32.67 22.75 18.03
C SER B 492 34.03 22.57 18.68
N ARG B 493 34.90 21.78 18.03
CA ARG B 493 36.23 21.51 18.58
C ARG B 493 37.02 22.82 18.70
N TYR B 494 36.97 23.63 17.66
CA TYR B 494 37.71 24.89 17.62
C TYR B 494 37.21 25.88 18.71
N LEU B 495 35.89 25.98 18.87
CA LEU B 495 35.26 26.82 19.90
C LEU B 495 35.69 26.34 21.30
N SER B 496 35.68 25.02 21.49
CA SER B 496 36.14 24.39 22.72
C SER B 496 37.58 24.75 23.03
N GLU B 497 38.42 24.76 21.99
CA GLU B 497 39.82 25.09 22.17
C GLU B 497 39.96 26.57 22.53
N TRP B 498 39.21 27.42 21.83
CA TRP B 498 39.21 28.85 22.14
C TRP B 498 38.89 29.09 23.62
N LYS B 499 37.80 28.49 24.11
CA LYS B 499 37.37 28.69 25.51
C LYS B 499 38.41 28.17 26.51
N HIS B 500 39.08 27.07 26.18
CA HIS B 500 40.08 26.52 27.07
C HIS B 500 41.34 27.39 27.12
N VAL B 501 41.76 27.86 25.95
CA VAL B 501 42.88 28.78 25.85
C VAL B 501 42.49 30.07 26.57
N GLN B 502 41.23 30.48 26.45
CA GLN B 502 40.79 31.73 27.08
C GLN B 502 40.90 31.66 28.60
N ARG B 503 40.70 30.46 29.14
CA ARG B 503 40.85 30.27 30.57
C ARG B 503 42.25 29.77 30.96
N GLY B 504 43.20 29.75 30.02
CA GLY B 504 44.60 29.63 30.35
C GLY B 504 45.40 28.48 29.73
N ALA B 505 44.77 27.62 28.94
CA ALA B 505 45.51 26.51 28.32
C ALA B 505 46.50 27.04 27.29
N THR B 506 47.70 26.45 27.25
CA THR B 506 48.68 26.75 26.20
C THR B 506 49.28 25.51 25.53
N TRP B 507 49.29 24.38 26.25
CA TRP B 507 50.05 23.19 25.87
C TRP B 507 51.45 23.56 25.39
N LYS B 508 52.08 24.53 26.07
CA LYS B 508 53.31 25.10 25.55
C LYS B 508 54.51 24.16 25.64
N THR B 509 54.43 23.11 26.46
CA THR B 509 55.55 22.17 26.56
C THR B 509 55.49 21.03 25.52
N SER B 510 54.51 21.06 24.64
CA SER B 510 54.48 20.11 23.51
C SER B 510 55.79 20.15 22.74
N LEU B 511 56.27 18.98 22.31
CA LEU B 511 57.56 18.90 21.62
C LEU B 511 57.45 19.16 20.12
N HIS B 512 56.33 18.78 19.52
CA HIS B 512 56.13 18.94 18.08
C HIS B 512 57.29 18.31 17.30
N MET B 513 57.74 17.14 17.74
CA MET B 513 58.90 16.50 17.13
C MET B 513 58.58 16.01 15.73
N CYS B 514 59.50 16.27 14.79
CA CYS B 514 59.32 15.84 13.40
C CYS B 514 60.70 15.75 12.76
N ASP B 515 60.97 14.64 12.06
CA ASP B 515 62.28 14.44 11.45
C ASP B 515 63.39 14.59 12.51
N GLY B 516 63.14 14.02 13.67
CA GLY B 516 64.08 14.04 14.79
C GLY B 516 64.37 15.35 15.48
N ARG B 517 63.60 16.42 15.25
CA ARG B 517 63.80 17.63 16.04
C ARG B 517 62.53 18.43 16.32
N SER B 518 62.60 19.30 17.33
CA SER B 518 61.51 20.20 17.66
C SER B 518 61.67 21.48 16.89
N PRO B 519 60.55 22.12 16.51
CA PRO B 519 60.68 23.40 15.80
C PRO B 519 61.02 24.48 16.79
N THR B 520 61.64 25.55 16.32
CA THR B 520 61.85 26.73 17.16
C THR B 520 60.75 27.77 16.89
N GLN B 521 60.86 28.90 17.58
CA GLN B 521 59.89 29.97 17.45
C GLN B 521 59.99 30.60 16.06
N ASP B 522 61.09 30.30 15.37
CA ASP B 522 61.24 30.67 13.96
C ASP B 522 60.28 29.89 13.05
N GLU B 523 60.01 28.64 13.39
CA GLU B 523 59.18 27.80 12.54
C GLU B 523 57.76 27.79 13.09
N LEU B 524 57.64 28.04 14.39
CA LEU B 524 56.34 28.07 15.09
C LEU B 524 56.22 29.27 16.02
N PRO B 525 55.81 30.43 15.46
CA PRO B 525 55.60 31.63 16.27
C PRO B 525 54.46 31.48 17.25
N THR B 526 54.59 32.06 18.43
CA THR B 526 53.54 31.99 19.43
C THR B 526 52.54 33.10 19.17
N CYS B 527 51.30 32.85 19.54
CA CYS B 527 50.22 33.78 19.28
C CYS B 527 50.06 34.85 20.37
N TYR B 528 50.73 34.66 21.49
CA TYR B 528 50.50 35.50 22.66
C TYR B 528 51.80 36.02 23.24
N ASN B 529 51.68 37.10 24.01
CA ASN B 529 52.77 37.58 24.86
C ASN B 529 52.61 37.09 26.29
N GLY B 530 53.72 36.95 26.99
CA GLY B 530 53.69 36.53 28.37
C GLY B 530 53.51 35.03 28.48
N ASP B 531 52.96 34.60 29.60
CA ASP B 531 52.88 33.18 29.96
C ASP B 531 51.76 32.42 29.26
N ASP B 532 50.73 33.13 28.81
CA ASP B 532 49.57 32.46 28.22
C ASP B 532 48.74 33.43 27.41
N TRP B 533 47.65 32.91 26.84
CA TRP B 533 46.74 33.68 26.02
C TRP B 533 45.41 33.93 26.73
N SER B 534 45.45 33.94 28.06
N SER B 534 45.43 33.90 28.05
CA SER B 534 44.25 34.12 28.88
CA SER B 534 44.20 33.99 28.83
C SER B 534 43.45 35.34 28.50
C SER B 534 43.46 35.29 28.57
N GLY B 535 42.14 35.19 28.53
CA GLY B 535 41.24 36.29 28.26
C GLY B 535 40.95 36.55 26.81
N VAL B 536 41.63 35.85 25.90
CA VAL B 536 41.52 36.15 24.48
C VAL B 536 40.09 36.04 23.98
N THR B 537 39.69 36.98 23.13
CA THR B 537 38.35 36.92 22.55
C THR B 537 38.37 36.03 21.32
N LEU B 538 37.20 35.58 20.88
CA LEU B 538 37.13 34.69 19.73
C LEU B 538 37.70 35.38 18.50
N HIS B 539 37.35 36.65 18.32
CA HIS B 539 37.89 37.41 17.20
C HIS B 539 39.42 37.41 17.20
N ASP B 540 40.03 37.68 18.35
CA ASP B 540 41.49 37.75 18.40
C ASP B 540 42.12 36.36 18.25
N PHE B 541 41.41 35.33 18.72
CA PHE B 541 41.87 33.95 18.58
C PHE B 541 41.93 33.59 17.08
N MET B 542 40.87 33.94 16.36
CA MET B 542 40.76 33.70 14.93
C MET B 542 41.74 34.53 14.12
N ASP B 543 42.23 35.62 14.69
CA ASP B 543 43.05 36.55 13.96
C ASP B 543 44.51 36.15 13.91
N CYS B 544 44.95 35.24 14.77
CA CYS B 544 46.37 34.85 14.78
C CYS B 544 46.64 33.79 13.68
N PRO B 545 47.47 34.14 12.69
CA PRO B 545 47.75 33.19 11.60
C PRO B 545 48.48 31.90 12.05
N SER B 546 49.25 31.94 13.14
CA SER B 546 49.97 30.75 13.58
C SER B 546 49.23 29.90 14.62
N ASN B 547 47.96 30.18 14.83
CA ASN B 547 47.17 29.46 15.82
C ASN B 547 47.15 27.98 15.49
N LEU B 548 47.68 27.15 16.39
CA LEU B 548 47.70 25.69 16.21
C LEU B 548 46.30 25.04 16.30
N ALA B 549 45.29 25.81 16.68
CA ALA B 549 43.92 25.30 16.68
C ALA B 549 43.44 25.02 15.24
N ASN B 550 43.95 25.81 14.28
CA ASN B 550 43.49 25.74 12.89
C ASN B 550 43.87 24.39 12.31
N ASN B 551 42.89 23.62 11.85
CA ASN B 551 43.13 22.33 11.25
C ASN B 551 43.92 21.41 12.16
N ARG B 552 43.65 21.46 13.46
CA ARG B 552 44.40 20.67 14.40
C ARG B 552 44.28 19.17 14.16
N GLN B 553 43.09 18.69 13.83
CA GLN B 553 42.90 17.25 13.68
C GLN B 553 43.71 16.71 12.48
N VAL B 554 43.68 17.43 11.37
CA VAL B 554 44.47 17.03 10.20
C VAL B 554 45.97 17.06 10.49
N ARG B 555 46.45 18.13 11.11
CA ARG B 555 47.86 18.24 11.44
C ARG B 555 48.30 17.11 12.37
N MET B 556 47.47 16.77 13.36
CA MET B 556 47.88 15.76 14.32
C MET B 556 47.71 14.34 13.86
N LEU B 557 46.99 14.14 12.74
CA LEU B 557 46.80 12.81 12.18
C LEU B 557 47.65 12.57 10.94
N ALA B 558 48.23 13.63 10.38
CA ALA B 558 49.04 13.49 9.18
C ALA B 558 50.46 13.16 9.56
N ASP B 559 51.17 12.53 8.62
CA ASP B 559 52.61 12.37 8.69
C ASP B 559 53.29 13.64 8.23
N LEU B 560 53.75 14.46 9.18
CA LEU B 560 54.18 15.81 8.85
C LEU B 560 55.50 15.84 8.07
N SER B 561 56.24 14.74 8.11
N SER B 561 56.25 14.75 8.10
CA SER B 561 57.47 14.64 7.35
CA SER B 561 57.49 14.68 7.33
C SER B 561 57.19 14.81 5.84
C SER B 561 57.20 14.79 5.83
N LEU B 562 55.99 14.45 5.42
CA LEU B 562 55.58 14.53 4.03
C LEU B 562 55.55 15.96 3.49
N VAL B 563 55.40 16.94 4.38
CA VAL B 563 55.34 18.33 3.93
C VAL B 563 56.53 19.14 4.44
N GLY B 564 57.57 18.45 4.91
CA GLY B 564 58.74 19.13 5.45
C GLY B 564 58.52 19.64 6.88
N CYS B 565 57.74 18.86 7.65
CA CYS B 565 57.52 19.16 9.05
C CYS B 565 56.86 20.54 9.22
N TYR B 566 57.47 21.45 9.97
CA TYR B 566 56.84 22.75 10.27
C TYR B 566 57.41 23.87 9.40
N ASN B 567 58.27 23.51 8.47
CA ASN B 567 58.84 24.46 7.51
C ASN B 567 57.86 24.75 6.37
N LEU B 568 57.05 25.77 6.53
CA LEU B 568 56.02 26.12 5.56
C LEU B 568 56.57 26.51 4.19
N SER B 569 57.79 27.03 4.15
CA SER B 569 58.34 27.50 2.87
C SER B 569 58.99 26.41 2.01
N THR B 570 58.91 25.15 2.43
CA THR B 570 59.45 24.07 1.58
C THR B 570 58.64 23.87 0.32
N MET B 571 57.37 24.25 0.35
CA MET B 571 56.47 24.04 -0.77
C MET B 571 55.28 25.00 -0.70
N ASN B 572 54.55 25.11 -1.79
CA ASN B 572 53.35 25.92 -1.85
C ASN B 572 52.23 25.30 -1.02
N GLU B 573 51.32 26.14 -0.54
CA GLU B 573 50.19 25.69 0.23
C GLU B 573 49.30 24.77 -0.61
N SER B 574 49.23 25.03 -1.92
CA SER B 574 48.37 24.26 -2.79
C SER B 574 48.93 22.83 -2.99
N GLU B 575 50.18 22.62 -2.59
CA GLU B 575 50.77 21.30 -2.56
C GLU B 575 50.67 20.68 -1.16
N ARG B 576 51.01 21.48 -0.15
CA ARG B 576 50.95 21.01 1.22
C ARG B 576 49.55 20.55 1.64
N ASN B 577 48.52 21.30 1.28
CA ASN B 577 47.18 20.98 1.77
C ASN B 577 46.64 19.61 1.33
N PRO B 578 46.71 19.28 0.01
CA PRO B 578 46.23 17.94 -0.36
C PRO B 578 47.08 16.81 0.23
N ILE B 579 48.37 17.03 0.42
CA ILE B 579 49.20 16.04 1.10
C ILE B 579 48.72 15.80 2.54
N LEU B 580 48.55 16.88 3.31
CA LEU B 580 48.09 16.75 4.71
C LEU B 580 46.76 16.03 4.82
N LEU B 581 45.80 16.42 3.99
CA LEU B 581 44.47 15.84 4.07
C LEU B 581 44.48 14.38 3.69
N ALA B 582 45.19 14.03 2.62
CA ALA B 582 45.28 12.65 2.20
C ALA B 582 45.97 11.79 3.27
N SER B 583 47.02 12.34 3.88
CA SER B 583 47.75 11.61 4.90
C SER B 583 46.89 11.37 6.13
N ALA B 584 46.20 12.42 6.59
CA ALA B 584 45.34 12.29 7.75
C ALA B 584 44.25 11.25 7.50
N LYS B 585 43.59 11.34 6.34
CA LYS B 585 42.52 10.38 6.02
C LYS B 585 43.03 8.96 6.04
N SER B 586 44.19 8.75 5.41
CA SER B 586 44.81 7.43 5.34
C SER B 586 45.22 6.90 6.72
N ASN B 587 45.95 7.71 7.47
CA ASN B 587 46.35 7.33 8.82
C ASN B 587 45.15 7.02 9.72
N LEU B 588 44.11 7.85 9.61
CA LEU B 588 42.89 7.63 10.38
C LEU B 588 42.22 6.31 10.01
N LYS B 589 42.05 6.08 8.72
CA LYS B 589 41.29 4.92 8.26
C LYS B 589 42.04 3.65 8.64
N ASN B 590 43.36 3.75 8.65
CA ASN B 590 44.20 2.61 8.93
C ASN B 590 44.40 2.30 10.42
N MET B 591 43.93 3.19 11.28
CA MET B 591 43.99 2.94 12.72
C MET B 591 43.10 1.76 13.06
N ALA B 592 43.36 1.16 14.22
CA ALA B 592 42.49 0.06 14.66
C ALA B 592 41.07 0.56 14.91
N PHE B 593 40.94 1.78 15.41
CA PHE B 593 39.61 2.28 15.77
C PHE B 593 39.67 3.77 16.01
N TYR B 594 38.57 4.47 15.72
CA TYR B 594 38.39 5.81 16.25
C TYR B 594 36.91 6.08 16.53
N GLY B 595 36.66 7.01 17.45
CA GLY B 595 35.32 7.37 17.86
C GLY B 595 35.04 8.81 17.50
N LEU B 596 33.79 9.23 17.68
CA LEU B 596 33.40 10.59 17.43
C LEU B 596 32.69 11.13 18.66
N THR B 597 33.03 12.34 19.06
CA THR B 597 32.52 12.93 20.32
C THR B 597 31.00 12.98 20.33
N GLU B 598 30.39 13.35 19.21
CA GLU B 598 28.93 13.43 19.13
C GLU B 598 28.17 12.08 19.14
N PHE B 599 28.87 10.95 19.06
CA PHE B 599 28.22 9.64 19.07
C PHE B 599 28.84 8.77 20.14
N GLN B 600 28.60 9.10 21.41
CA GLN B 600 29.22 8.35 22.51
C GLN B 600 28.85 6.86 22.55
N ARG B 601 27.56 6.54 22.42
CA ARG B 601 27.15 5.13 22.49
C ARG B 601 27.64 4.32 21.28
N LYS B 602 27.57 4.91 20.10
CA LYS B 602 28.11 4.24 18.91
C LYS B 602 29.63 4.04 19.03
N THR B 603 30.32 5.04 19.57
CA THR B 603 31.75 4.94 19.88
C THR B 603 32.04 3.78 20.83
N GLN B 604 31.27 3.70 21.92
CA GLN B 604 31.39 2.61 22.86
C GLN B 604 31.25 1.28 22.15
N TYR B 605 30.16 1.14 21.39
CA TYR B 605 29.83 -0.10 20.69
C TYR B 605 30.91 -0.54 19.73
N LEU B 606 31.42 0.39 18.95
CA LEU B 606 32.46 0.03 17.98
C LEU B 606 33.79 -0.31 18.65
N PHE B 607 34.13 0.38 19.73
CA PHE B 607 35.35 0.02 20.45
C PHE B 607 35.24 -1.42 20.97
N GLU B 608 34.10 -1.72 21.58
CA GLU B 608 33.85 -3.02 22.19
C GLU B 608 33.99 -4.14 21.16
N ARG B 609 33.39 -3.94 19.99
CA ARG B 609 33.34 -4.99 19.00
C ARG B 609 34.70 -5.08 18.29
N THR B 610 35.44 -3.97 18.23
CA THR B 610 36.74 -3.99 17.56
C THR B 610 37.73 -4.80 18.37
N PHE B 611 37.73 -4.60 19.67
CA PHE B 611 38.72 -5.22 20.54
C PHE B 611 38.20 -6.44 21.33
N HIS B 612 36.91 -6.73 21.19
CA HIS B 612 36.24 -7.77 21.98
C HIS B 612 36.44 -7.48 23.47
N LEU B 613 36.07 -6.27 23.85
CA LEU B 613 36.07 -5.84 25.24
C LEU B 613 34.67 -5.29 25.57
N ARG B 614 34.35 -5.16 26.85
CA ARG B 614 33.09 -4.54 27.25
C ARG B 614 33.34 -3.52 28.36
N PHE B 615 32.66 -2.39 28.26
CA PHE B 615 32.68 -1.40 29.31
C PHE B 615 31.67 -1.76 30.43
N ILE B 616 31.99 -1.33 31.64
CA ILE B 616 31.17 -1.61 32.82
C ILE B 616 29.95 -0.70 32.86
N SER B 617 30.16 0.61 32.78
CA SER B 617 29.07 1.57 32.72
C SER B 617 28.92 2.13 31.32
N ALA B 618 27.68 2.40 30.94
CA ALA B 618 27.39 2.90 29.59
C ALA B 618 28.02 4.28 29.41
N PHE B 619 28.58 4.53 28.23
CA PHE B 619 28.96 5.90 27.84
C PHE B 619 27.69 6.75 27.83
N THR B 620 27.85 8.06 28.04
CA THR B 620 26.72 8.98 28.04
C THR B 620 27.00 10.16 27.15
N GLN B 621 25.96 10.62 26.46
CA GLN B 621 26.05 11.82 25.64
C GLN B 621 25.78 13.07 26.46
N ILE B 622 26.71 14.02 26.42
CA ILE B 622 26.58 15.26 27.21
C ILE B 622 26.66 16.44 26.29
N ASN B 623 25.46 16.82 25.82
N ASN B 623 25.57 16.83 25.66
CA ASN B 623 25.22 17.83 24.78
CA ASN B 623 25.69 17.86 24.64
C ASN B 623 25.60 19.23 25.19
C ASN B 623 25.43 19.29 25.14
N SER B 624 25.38 19.50 26.46
CA SER B 624 25.44 20.84 27.01
C SER B 624 26.89 21.20 27.24
N THR B 625 27.65 21.27 26.15
CA THR B 625 29.08 21.57 26.20
C THR B 625 29.31 23.07 26.18
N ARG B 626 30.52 23.49 26.52
CA ARG B 626 30.85 24.91 26.40
C ARG B 626 30.72 25.40 24.98
N ALA B 627 31.19 24.60 24.03
CA ALA B 627 31.03 24.93 22.62
C ALA B 627 29.56 25.14 22.22
N ALA B 628 28.69 24.23 22.64
CA ALA B 628 27.28 24.31 22.25
C ALA B 628 26.65 25.57 22.84
N ASN B 629 27.23 26.08 23.93
CA ASN B 629 26.71 27.25 24.62
C ASN B 629 27.11 28.56 23.96
N VAL B 630 28.09 28.49 23.05
CA VAL B 630 28.48 29.68 22.32
C VAL B 630 27.38 30.09 21.35
N GLU B 631 26.97 31.35 21.39
CA GLU B 631 25.97 31.84 20.45
C GLU B 631 26.72 32.25 19.20
N LEU B 632 26.58 31.43 18.16
CA LEU B 632 27.39 31.57 16.96
C LEU B 632 26.51 32.04 15.80
N ARG B 633 26.79 33.24 15.30
CA ARG B 633 26.17 33.72 14.08
C ARG B 633 26.62 32.88 12.88
N ASP B 634 25.81 32.82 11.83
CA ASP B 634 26.16 32.03 10.66
C ASP B 634 27.40 32.55 9.91
N ASP B 635 27.62 33.87 9.89
CA ASP B 635 28.82 34.44 9.29
C ASP B 635 30.08 33.99 10.05
N MET B 636 29.96 33.91 11.36
CA MET B 636 31.08 33.51 12.20
C MET B 636 31.37 32.02 12.02
N ARG B 637 30.31 31.21 11.96
CA ARG B 637 30.46 29.78 11.69
C ARG B 637 31.23 29.57 10.38
N SER B 638 30.89 30.33 9.35
CA SER B 638 31.58 30.21 8.07
C SER B 638 33.04 30.57 8.11
N ARG B 639 33.39 31.59 8.87
CA ARG B 639 34.81 31.94 8.99
C ARG B 639 35.57 30.85 9.75
N ILE B 640 34.94 30.28 10.78
CA ILE B 640 35.61 29.20 11.51
C ILE B 640 35.81 28.00 10.60
N GLU B 641 34.79 27.66 9.80
CA GLU B 641 34.88 26.55 8.85
C GLU B 641 36.02 26.77 7.84
N GLN B 642 36.21 28.02 7.42
CA GLN B 642 37.25 28.31 6.44
C GLN B 642 38.65 28.23 7.06
N LEU B 643 38.79 28.67 8.31
CA LEU B 643 40.04 28.52 9.03
C LEU B 643 40.36 27.05 9.26
N ASN B 644 39.35 26.20 9.23
CA ASN B 644 39.49 24.77 9.48
C ASN B 644 39.05 23.90 8.29
N MET B 645 39.28 24.38 7.07
N MET B 645 39.35 24.40 7.10
CA MET B 645 38.72 23.70 5.90
CA MET B 645 38.85 23.81 5.84
C MET B 645 39.28 22.30 5.69
C MET B 645 39.32 22.38 5.63
N LEU B 646 40.52 22.07 6.08
CA LEU B 646 41.06 20.72 6.00
C LEU B 646 40.36 19.81 7.00
N ASP B 647 40.20 20.26 8.23
CA ASP B 647 39.48 19.49 9.23
C ASP B 647 38.05 19.25 8.78
N MET B 648 37.44 20.22 8.11
CA MET B 648 36.04 20.07 7.73
C MET B 648 35.92 18.85 6.79
N GLN B 649 36.85 18.76 5.85
CA GLN B 649 36.87 17.63 4.91
C GLN B 649 37.24 16.33 5.60
N LEU B 650 38.19 16.38 6.53
CA LEU B 650 38.56 15.17 7.26
C LEU B 650 37.39 14.65 8.07
N TYR B 651 36.67 15.55 8.74
CA TYR B 651 35.52 15.15 9.55
C TYR B 651 34.35 14.62 8.72
N GLU B 652 34.11 15.22 7.55
CA GLU B 652 33.05 14.72 6.68
C GLU B 652 33.38 13.26 6.32
N PHE B 653 34.64 13.01 5.99
CA PHE B 653 35.12 11.67 5.69
C PHE B 653 35.01 10.73 6.90
N ALA B 654 35.47 11.18 8.07
CA ALA B 654 35.47 10.35 9.28
C ALA B 654 34.09 9.99 9.75
N LYS B 655 33.16 10.93 9.62
CA LYS B 655 31.81 10.72 10.09
C LYS B 655 31.11 9.68 9.23
N ASP B 656 31.29 9.81 7.92
CA ASP B 656 30.77 8.85 6.97
C ASP B 656 31.33 7.45 7.22
N LEU B 657 32.65 7.33 7.26
CA LEU B 657 33.29 6.05 7.55
C LEU B 657 32.83 5.47 8.89
N PHE B 658 32.72 6.33 9.89
CA PHE B 658 32.37 5.87 11.23
C PHE B 658 30.95 5.28 11.27
N LEU B 659 30.01 6.00 10.67
CA LEU B 659 28.63 5.51 10.64
C LEU B 659 28.45 4.28 9.77
N GLN B 660 29.23 4.16 8.71
CA GLN B 660 29.17 2.96 7.90
C GLN B 660 29.73 1.76 8.65
N ARG B 661 30.80 1.98 9.41
CA ARG B 661 31.36 0.93 10.24
C ARG B 661 30.33 0.50 11.27
N TYR B 662 29.67 1.47 11.88
CA TYR B 662 28.66 1.16 12.89
C TYR B 662 27.57 0.27 12.29
N GLN B 663 27.01 0.69 11.17
CA GLN B 663 25.95 -0.07 10.51
C GLN B 663 26.41 -1.44 10.06
N PHE B 664 27.64 -1.53 9.58
CA PHE B 664 28.19 -2.78 9.12
C PHE B 664 28.30 -3.80 10.26
N VAL B 665 28.95 -3.39 11.36
CA VAL B 665 29.15 -4.27 12.49
C VAL B 665 27.80 -4.63 13.12
N ARG B 666 26.91 -3.64 13.23
CA ARG B 666 25.61 -3.84 13.85
C ARG B 666 24.76 -4.86 13.06
N GLN B 667 24.76 -4.74 11.75
CA GLN B 667 23.99 -5.66 10.92
C GLN B 667 24.60 -7.06 10.87
N ARG B 668 25.92 -7.13 10.88
CA ARG B 668 26.58 -8.42 11.00
C ARG B 668 26.27 -9.12 12.33
N GLU B 669 26.04 -8.33 13.37
CA GLU B 669 25.81 -8.92 14.69
C GLU B 669 24.36 -9.37 14.86
N ARG B 670 23.42 -8.61 14.30
CA ARG B 670 22.01 -8.90 14.46
C ARG B 670 21.61 -10.02 13.50
N GLN B 671 21.61 -11.26 14.00
CA GLN B 671 21.47 -12.46 13.18
C GLN B 671 20.16 -13.20 13.44
N GLU B 672 19.27 -12.55 14.18
CA GLU B 672 18.09 -13.22 14.68
C GLU B 672 17.20 -13.75 13.55
N GLU B 673 16.75 -12.84 12.69
CA GLU B 673 15.89 -13.20 11.56
C GLU B 673 16.55 -14.23 10.64
N ARG B 674 17.83 -14.02 10.37
CA ARG B 674 18.60 -14.96 9.54
C ARG B 674 18.46 -16.37 10.11
N LEU B 675 18.53 -16.48 11.44
CA LEU B 675 18.44 -17.78 12.12
C LEU B 675 17.04 -18.40 12.08
N LYS B 676 16.01 -17.58 12.17
CA LYS B 676 14.63 -18.05 12.02
C LYS B 676 14.42 -18.63 10.62
N ARG B 677 14.82 -17.88 9.60
CA ARG B 677 14.71 -18.33 8.23
C ARG B 677 15.48 -19.62 7.99
N ARG B 678 16.60 -19.80 8.70
CA ARG B 678 17.37 -21.04 8.58
C ARG B 678 16.62 -22.24 9.18
N GLU B 679 15.95 -22.03 10.31
CA GLU B 679 15.23 -23.10 10.99
C GLU B 679 13.99 -23.55 10.20
N GLU B 680 13.25 -22.60 9.63
CA GLU B 680 12.08 -22.92 8.82
C GLU B 680 12.47 -23.55 7.49
N ARG B 681 13.61 -23.14 6.95
CA ARG B 681 14.14 -23.74 5.73
C ARG B 681 14.52 -25.20 5.96
N ARG B 682 15.03 -25.49 7.17
CA ARG B 682 15.36 -26.85 7.57
C ARG B 682 14.08 -27.66 7.86
N TRP B 683 13.10 -27.00 8.48
CA TRP B 683 11.80 -27.65 8.71
C TRP B 683 11.18 -28.02 7.37
N ILE B 684 11.17 -27.08 6.44
CA ILE B 684 10.65 -27.30 5.09
C ILE B 684 11.42 -28.43 4.41
N ARG B 685 12.67 -28.65 4.83
CA ARG B 685 13.53 -29.67 4.24
C ARG B 685 13.17 -31.07 4.74
N GLU B 686 12.91 -31.17 6.04
CA GLU B 686 12.69 -32.46 6.68
C GLU B 686 11.39 -33.13 6.23
N ARG B 687 10.41 -32.32 5.83
CA ARG B 687 9.16 -32.85 5.29
C ARG B 687 9.33 -33.24 3.83
#